data_2KL4
#
_entry.id   2KL4
#
_entity_poly.entity_id   1
_entity_poly.type   'polypeptide(L)'
_entity_poly.pdbx_seq_one_letter_code
;GSHMEVFAEYLKGIDHPDHRDRTEEILSWVAATFPNLEPQMKWNTPMFSNQGTFIIGFSTSKHHLSVSPEEIGISQFADA
IAQAGYSATKGLFRIPWNDPVHYELLKQMIEFNIQDKE
;
_entity_poly.pdbx_strand_id   A
#
# COMPACT_ATOMS: atom_id res chain seq x y z
N GLY A 1 2.22 17.88 2.56
CA GLY A 1 2.17 18.93 1.54
C GLY A 1 1.66 18.32 0.24
N SER A 2 2.15 18.78 -0.91
CA SER A 2 1.83 18.14 -2.18
C SER A 2 2.37 16.71 -2.16
N HIS A 3 1.59 15.77 -2.72
CA HIS A 3 2.02 14.39 -2.89
C HIS A 3 1.36 13.74 -4.10
N MET A 4 0.11 14.13 -4.44
CA MET A 4 -0.61 13.53 -5.56
C MET A 4 0.22 13.68 -6.83
N GLU A 5 0.86 14.83 -7.03
CA GLU A 5 1.66 15.14 -8.22
C GLU A 5 2.75 14.13 -8.51
N VAL A 6 3.26 13.48 -7.46
CA VAL A 6 4.33 12.51 -7.60
C VAL A 6 3.71 11.30 -8.29
N PHE A 7 2.61 10.80 -7.71
CA PHE A 7 1.98 9.54 -8.04
C PHE A 7 1.08 9.64 -9.26
N ALA A 8 0.51 10.80 -9.52
CA ALA A 8 -0.50 11.05 -10.53
C ALA A 8 0.09 11.06 -11.94
N GLU A 9 1.39 10.84 -12.06
CA GLU A 9 2.08 10.58 -13.31
C GLU A 9 2.02 9.07 -13.59
N TYR A 10 2.10 8.24 -12.56
CA TYR A 10 2.16 6.81 -12.75
C TYR A 10 0.73 6.31 -13.00
N LEU A 11 -0.25 6.84 -12.27
CA LEU A 11 -1.67 6.54 -12.42
C LEU A 11 -2.16 6.70 -13.86
N LYS A 12 -1.63 7.70 -14.58
CA LYS A 12 -1.92 7.94 -15.99
C LYS A 12 -1.46 6.76 -16.84
N GLY A 13 -0.24 6.29 -16.58
CA GLY A 13 0.43 5.23 -17.32
C GLY A 13 -0.15 3.84 -17.04
N ILE A 14 -1.04 3.68 -16.06
CA ILE A 14 -1.87 2.50 -15.92
C ILE A 14 -2.84 2.51 -17.11
N ASP A 15 -2.56 1.65 -18.10
CA ASP A 15 -3.38 1.47 -19.30
C ASP A 15 -4.67 0.66 -19.04
N HIS A 16 -4.89 0.30 -17.78
CA HIS A 16 -5.90 -0.59 -17.25
C HIS A 16 -6.85 0.18 -16.32
N PRO A 17 -7.74 1.01 -16.88
CA PRO A 17 -8.54 1.99 -16.14
C PRO A 17 -9.61 1.31 -15.29
N ASP A 18 -10.07 0.13 -15.71
CA ASP A 18 -11.21 -0.55 -15.12
C ASP A 18 -10.90 -0.95 -13.68
N HIS A 19 -9.61 -0.95 -13.29
CA HIS A 19 -9.14 -1.26 -11.94
C HIS A 19 -8.13 -0.21 -11.48
N ARG A 20 -7.90 0.86 -12.26
CA ARG A 20 -6.94 1.89 -11.89
C ARG A 20 -7.46 2.61 -10.66
N ASP A 21 -8.66 3.16 -10.67
CA ASP A 21 -9.17 4.12 -9.69
C ASP A 21 -9.20 3.60 -8.25
N ARG A 22 -9.08 2.30 -8.01
CA ARG A 22 -8.87 1.71 -6.67
C ARG A 22 -7.53 2.18 -6.08
N THR A 23 -6.49 2.17 -6.91
CA THR A 23 -5.12 2.45 -6.52
C THR A 23 -4.98 3.85 -5.87
N GLU A 24 -5.73 4.86 -6.36
CA GLU A 24 -5.59 6.22 -5.87
C GLU A 24 -6.35 6.50 -4.58
N GLU A 25 -7.35 5.66 -4.27
CA GLU A 25 -8.02 5.69 -2.98
C GLU A 25 -6.98 5.48 -1.89
N ILE A 26 -6.13 4.47 -2.07
CA ILE A 26 -5.04 4.14 -1.18
C ILE A 26 -4.05 5.30 -1.09
N LEU A 27 -3.63 5.87 -2.23
CA LEU A 27 -2.61 6.91 -2.22
C LEU A 27 -3.03 8.09 -1.32
N SER A 28 -4.26 8.60 -1.49
CA SER A 28 -4.74 9.71 -0.69
C SER A 28 -4.96 9.30 0.77
N TRP A 29 -5.49 8.09 0.99
CA TRP A 29 -5.78 7.49 2.29
C TRP A 29 -4.51 7.36 3.13
N VAL A 30 -3.42 6.83 2.57
CA VAL A 30 -2.13 6.75 3.26
C VAL A 30 -1.72 8.16 3.69
N ALA A 31 -1.77 9.12 2.76
CA ALA A 31 -1.45 10.52 3.01
C ALA A 31 -2.49 11.23 3.91
N ALA A 32 -3.49 10.53 4.42
CA ALA A 32 -4.53 11.07 5.28
C ALA A 32 -4.50 10.40 6.66
N THR A 33 -4.56 9.07 6.75
CA THR A 33 -4.44 8.40 8.04
C THR A 33 -3.00 8.45 8.57
N PHE A 34 -1.98 8.43 7.68
CA PHE A 34 -0.58 8.33 8.09
C PHE A 34 0.23 9.55 7.59
N PRO A 35 -0.15 10.79 7.93
CA PRO A 35 0.44 11.99 7.36
C PRO A 35 1.92 12.18 7.71
N ASN A 36 2.46 11.39 8.66
CA ASN A 36 3.87 11.43 8.98
C ASN A 36 4.75 10.81 7.90
N LEU A 37 4.18 10.09 6.92
CA LEU A 37 4.89 9.65 5.72
C LEU A 37 5.00 10.78 4.71
N GLU A 38 5.98 10.73 3.81
CA GLU A 38 6.15 11.64 2.69
C GLU A 38 6.33 10.84 1.39
N PRO A 39 5.97 11.37 0.21
CA PRO A 39 5.98 10.65 -1.06
C PRO A 39 7.39 10.34 -1.57
N GLN A 40 7.53 9.33 -2.45
CA GLN A 40 8.74 9.01 -3.18
C GLN A 40 8.39 8.12 -4.40
N MET A 41 8.70 8.57 -5.63
CA MET A 41 8.69 7.73 -6.83
C MET A 41 10.01 6.95 -6.89
N LYS A 42 9.99 5.65 -6.68
CA LYS A 42 11.19 4.80 -6.76
C LYS A 42 10.83 3.54 -7.53
N TRP A 43 11.76 2.93 -8.25
CA TRP A 43 11.54 1.69 -9.00
C TRP A 43 10.37 1.74 -10.00
N ASN A 44 9.89 2.94 -10.37
CA ASN A 44 8.65 3.25 -11.11
C ASN A 44 7.38 2.87 -10.34
N THR A 45 7.48 2.63 -9.05
CA THR A 45 6.40 2.20 -8.20
C THR A 45 6.13 3.29 -7.13
N PRO A 46 4.95 3.25 -6.53
CA PRO A 46 4.57 4.06 -5.37
C PRO A 46 5.18 3.53 -4.08
N MET A 47 6.03 4.35 -3.46
CA MET A 47 6.38 4.18 -2.07
C MET A 47 6.18 5.50 -1.34
N PHE A 48 6.28 5.46 -0.02
CA PHE A 48 6.35 6.63 0.83
C PHE A 48 7.43 6.32 1.87
N SER A 49 7.89 7.36 2.56
CA SER A 49 9.02 7.28 3.45
C SER A 49 8.72 8.13 4.68
N ASN A 50 8.72 7.52 5.86
CA ASN A 50 8.71 8.23 7.14
C ASN A 50 10.10 8.84 7.26
N GLN A 51 10.28 10.12 6.94
CA GLN A 51 11.56 10.82 7.08
C GLN A 51 12.70 10.01 6.43
N GLY A 52 12.46 9.41 5.27
CA GLY A 52 13.45 8.71 4.46
C GLY A 52 13.42 7.17 4.50
N THR A 53 12.82 6.49 5.50
CA THR A 53 12.85 5.02 5.60
C THR A 53 11.94 4.34 4.57
N PHE A 54 11.73 3.01 4.69
CA PHE A 54 11.03 2.21 3.69
C PHE A 54 9.75 1.57 4.23
N ILE A 55 9.11 2.16 5.26
CA ILE A 55 8.01 1.53 6.02
C ILE A 55 6.73 1.31 5.18
N ILE A 56 6.67 1.69 3.90
CA ILE A 56 5.61 1.31 2.97
C ILE A 56 6.06 1.36 1.51
N GLY A 57 5.60 0.41 0.70
CA GLY A 57 5.66 0.42 -0.76
C GLY A 57 4.55 -0.46 -1.33
N PHE A 58 4.03 -0.16 -2.51
CA PHE A 58 3.10 -1.02 -3.27
C PHE A 58 3.36 -0.90 -4.77
N SER A 59 2.62 -1.64 -5.60
CA SER A 59 2.58 -1.44 -7.04
C SER A 59 1.38 -2.24 -7.57
N THR A 60 0.83 -1.82 -8.70
CA THR A 60 -0.26 -2.52 -9.36
C THR A 60 0.26 -3.85 -9.92
N SER A 61 -0.52 -4.92 -9.78
CA SER A 61 -0.26 -6.19 -10.45
C SER A 61 -1.20 -6.31 -11.66
N LYS A 62 -1.03 -7.37 -12.47
CA LYS A 62 -1.86 -7.59 -13.65
C LYS A 62 -3.29 -8.01 -13.33
N HIS A 63 -3.63 -8.23 -12.05
CA HIS A 63 -4.99 -8.55 -11.63
C HIS A 63 -5.25 -8.27 -10.14
N HIS A 64 -4.30 -7.65 -9.44
CA HIS A 64 -4.33 -7.44 -8.00
C HIS A 64 -3.54 -6.17 -7.67
N LEU A 65 -3.43 -5.81 -6.39
CA LEU A 65 -2.64 -4.68 -5.90
C LEU A 65 -1.84 -5.14 -4.69
N SER A 66 -0.51 -5.05 -4.80
CA SER A 66 0.46 -5.76 -3.98
C SER A 66 0.97 -4.84 -2.85
N VAL A 67 0.61 -5.07 -1.58
CA VAL A 67 0.72 -4.06 -0.51
C VAL A 67 1.45 -4.70 0.70
N SER A 68 2.33 -3.94 1.35
CA SER A 68 3.10 -4.34 2.54
C SER A 68 3.82 -3.12 3.12
N PRO A 69 3.97 -3.02 4.45
CA PRO A 69 4.80 -2.00 5.06
C PRO A 69 6.29 -2.32 4.90
N GLU A 70 6.76 -3.48 5.37
CA GLU A 70 8.13 -3.94 5.19
C GLU A 70 8.06 -5.46 5.11
N GLU A 71 8.03 -6.12 6.27
CA GLU A 71 7.97 -7.57 6.42
C GLU A 71 6.88 -7.97 7.41
N ILE A 72 6.79 -7.32 8.58
CA ILE A 72 5.99 -7.79 9.71
C ILE A 72 4.51 -7.93 9.35
N GLY A 73 4.00 -7.04 8.49
CA GLY A 73 2.65 -7.05 7.94
C GLY A 73 2.28 -8.37 7.28
N ILE A 74 3.27 -9.12 6.82
CA ILE A 74 3.13 -10.35 6.05
C ILE A 74 3.62 -11.55 6.87
N SER A 75 4.14 -11.29 8.06
CA SER A 75 4.58 -12.31 8.99
C SER A 75 3.40 -12.66 9.90
N GLN A 76 3.04 -11.78 10.84
CA GLN A 76 2.06 -12.07 11.87
C GLN A 76 0.66 -11.79 11.34
N PHE A 77 0.45 -10.61 10.75
CA PHE A 77 -0.88 -10.20 10.30
C PHE A 77 -1.38 -11.02 9.11
N ALA A 78 -0.49 -11.78 8.46
CA ALA A 78 -0.87 -12.60 7.32
C ALA A 78 -1.89 -13.68 7.69
N ASP A 79 -1.99 -14.07 8.96
CA ASP A 79 -2.98 -15.06 9.39
C ASP A 79 -4.38 -14.46 9.39
N ALA A 80 -4.52 -13.24 9.93
CA ALA A 80 -5.75 -12.45 9.83
C ALA A 80 -6.11 -12.21 8.36
N ILE A 81 -5.15 -11.88 7.49
CA ILE A 81 -5.41 -11.69 6.05
C ILE A 81 -5.95 -12.98 5.42
N ALA A 82 -5.40 -14.14 5.79
CA ALA A 82 -5.87 -15.43 5.28
C ALA A 82 -7.36 -15.59 5.56
N GLN A 83 -7.75 -15.48 6.83
CA GLN A 83 -9.13 -15.66 7.29
C GLN A 83 -10.04 -14.49 6.87
N ALA A 84 -9.47 -13.37 6.42
CA ALA A 84 -10.26 -12.31 5.80
C ALA A 84 -10.70 -12.72 4.39
N GLY A 85 -9.94 -13.60 3.72
CA GLY A 85 -10.31 -14.20 2.45
C GLY A 85 -9.26 -14.04 1.37
N TYR A 86 -8.09 -13.49 1.68
CA TYR A 86 -7.07 -13.14 0.69
C TYR A 86 -5.83 -14.01 0.85
N SER A 87 -5.03 -14.06 -0.22
CA SER A 87 -3.70 -14.66 -0.20
C SER A 87 -2.67 -13.59 0.13
N ALA A 88 -1.43 -14.01 0.32
CA ALA A 88 -0.28 -13.13 0.35
C ALA A 88 0.83 -13.74 -0.50
N THR A 89 2.04 -13.22 -0.36
CA THR A 89 3.31 -13.89 -0.61
C THR A 89 4.03 -13.87 0.74
N LYS A 90 5.32 -14.21 0.80
CA LYS A 90 6.09 -13.89 2.01
C LYS A 90 6.31 -12.39 2.19
N GLY A 91 6.33 -11.62 1.10
CA GLY A 91 6.86 -10.27 1.09
C GLY A 91 5.83 -9.18 0.87
N LEU A 92 4.60 -9.51 0.43
CA LEU A 92 3.48 -8.58 0.38
C LEU A 92 2.17 -9.35 0.40
N PHE A 93 1.04 -8.67 0.63
CA PHE A 93 -0.29 -9.27 0.50
C PHE A 93 -0.95 -8.82 -0.79
N ARG A 94 -2.02 -9.51 -1.20
CA ARG A 94 -2.67 -9.25 -2.49
C ARG A 94 -4.17 -9.31 -2.33
N ILE A 95 -4.86 -8.26 -2.76
CA ILE A 95 -6.31 -8.33 -2.95
C ILE A 95 -6.51 -8.40 -4.47
N PRO A 96 -7.50 -9.17 -4.96
CA PRO A 96 -7.80 -9.26 -6.38
C PRO A 96 -8.66 -8.06 -6.78
N TRP A 97 -8.50 -7.52 -8.00
CA TRP A 97 -9.12 -6.25 -8.37
C TRP A 97 -10.64 -6.21 -8.20
N ASN A 98 -11.33 -7.33 -8.35
CA ASN A 98 -12.78 -7.44 -8.20
C ASN A 98 -13.26 -7.16 -6.78
N ASP A 99 -12.43 -7.41 -5.77
CA ASP A 99 -12.87 -7.52 -4.38
C ASP A 99 -12.25 -6.39 -3.53
N PRO A 100 -12.75 -6.06 -2.33
CA PRO A 100 -12.32 -4.86 -1.64
C PRO A 100 -11.00 -5.03 -0.90
N VAL A 101 -10.26 -3.92 -0.83
CA VAL A 101 -9.07 -3.78 -0.03
C VAL A 101 -9.52 -3.67 1.43
N HIS A 102 -9.02 -4.54 2.31
CA HIS A 102 -9.17 -4.44 3.74
C HIS A 102 -8.24 -3.35 4.30
N TYR A 103 -8.63 -2.08 4.14
CA TYR A 103 -7.91 -0.91 4.63
C TYR A 103 -7.62 -1.02 6.12
N GLU A 104 -8.58 -1.51 6.90
CA GLU A 104 -8.51 -1.66 8.34
C GLU A 104 -7.32 -2.54 8.74
N LEU A 105 -7.30 -3.79 8.29
CA LEU A 105 -6.25 -4.75 8.62
C LEU A 105 -4.87 -4.18 8.28
N LEU A 106 -4.78 -3.46 7.15
CA LEU A 106 -3.52 -2.92 6.67
C LEU A 106 -3.11 -1.63 7.39
N LYS A 107 -4.03 -0.81 7.91
CA LYS A 107 -3.70 0.32 8.77
C LYS A 107 -3.02 -0.21 10.02
N GLN A 108 -3.53 -1.31 10.60
CA GLN A 108 -3.05 -1.85 11.86
C GLN A 108 -1.55 -2.11 11.76
N MET A 109 -1.13 -2.85 10.74
CA MET A 109 0.27 -3.23 10.58
C MET A 109 1.17 -2.04 10.23
N ILE A 110 0.74 -1.07 9.42
CA ILE A 110 1.63 0.05 9.05
C ILE A 110 1.77 0.98 10.25
N GLU A 111 0.66 1.35 10.92
CA GLU A 111 0.71 2.17 12.13
C GLU A 111 1.52 1.45 13.21
N PHE A 112 1.35 0.12 13.35
CA PHE A 112 2.16 -0.64 14.29
C PHE A 112 3.64 -0.55 13.94
N ASN A 113 4.01 -0.79 12.66
CA ASN A 113 5.41 -0.77 12.28
C ASN A 113 6.01 0.61 12.56
N ILE A 114 5.26 1.70 12.34
CA ILE A 114 5.67 3.06 12.67
C ILE A 114 5.92 3.19 14.17
N GLN A 115 4.97 2.78 15.03
CA GLN A 115 5.14 3.00 16.47
C GLN A 115 6.21 2.09 17.06
N ASP A 116 6.49 1.00 16.36
CA ASP A 116 7.48 0.00 16.80
C ASP A 116 8.90 0.41 16.41
N LYS A 117 9.04 1.30 15.43
CA LYS A 117 10.30 1.81 14.92
C LYS A 117 10.68 3.15 15.55
N GLU A 118 10.09 3.47 16.71
CA GLU A 118 10.54 4.55 17.57
C GLU A 118 12.00 4.35 17.93
N GLY A 1 1.38 19.91 2.70
CA GLY A 1 1.88 20.19 1.33
C GLY A 1 1.38 19.13 0.35
N SER A 2 1.65 19.34 -0.94
CA SER A 2 1.25 18.43 -2.00
C SER A 2 1.95 17.06 -1.88
N HIS A 3 1.42 16.05 -2.59
CA HIS A 3 1.97 14.70 -2.67
C HIS A 3 1.50 14.00 -3.95
N MET A 4 0.22 14.19 -4.32
CA MET A 4 -0.35 13.51 -5.49
C MET A 4 0.42 13.76 -6.79
N GLU A 5 1.11 14.91 -6.90
CA GLU A 5 1.89 15.25 -8.08
C GLU A 5 2.96 14.20 -8.36
N VAL A 6 3.51 13.62 -7.30
CA VAL A 6 4.58 12.65 -7.40
C VAL A 6 4.00 11.36 -7.98
N PHE A 7 2.83 10.95 -7.48
CA PHE A 7 2.16 9.71 -7.84
C PHE A 7 1.44 9.79 -9.18
N ALA A 8 1.25 11.01 -9.71
CA ALA A 8 0.47 11.28 -10.91
C ALA A 8 1.10 10.64 -12.14
N GLU A 9 2.42 10.57 -12.16
CA GLU A 9 3.24 10.02 -13.23
C GLU A 9 3.02 8.53 -13.44
N TYR A 10 2.41 7.86 -12.46
CA TYR A 10 2.05 6.47 -12.54
C TYR A 10 0.56 6.32 -12.81
N LEU A 11 -0.30 7.17 -12.24
CA LEU A 11 -1.72 7.20 -12.59
C LEU A 11 -1.89 7.36 -14.10
N LYS A 12 -1.06 8.20 -14.74
CA LYS A 12 -1.09 8.42 -16.18
C LYS A 12 -0.87 7.13 -16.97
N GLY A 13 -0.13 6.17 -16.43
CA GLY A 13 0.25 4.93 -17.11
C GLY A 13 -0.68 3.75 -16.83
N ILE A 14 -1.68 3.89 -15.95
CA ILE A 14 -2.57 2.80 -15.54
C ILE A 14 -3.25 2.23 -16.79
N ASP A 15 -3.23 0.90 -16.86
CA ASP A 15 -3.68 0.11 -18.00
C ASP A 15 -5.17 0.35 -18.21
N HIS A 16 -5.96 0.25 -17.14
CA HIS A 16 -7.40 0.37 -17.21
C HIS A 16 -7.99 1.13 -16.03
N PRO A 17 -9.05 1.93 -16.29
CA PRO A 17 -9.68 2.77 -15.27
C PRO A 17 -10.46 1.93 -14.27
N ASP A 18 -10.86 0.71 -14.66
CA ASP A 18 -11.51 -0.24 -13.75
C ASP A 18 -10.52 -0.70 -12.68
N HIS A 19 -9.24 -0.31 -12.76
CA HIS A 19 -8.31 -0.52 -11.63
C HIS A 19 -7.61 0.76 -11.16
N ARG A 20 -7.76 1.87 -11.89
CA ARG A 20 -7.15 3.15 -11.55
C ARG A 20 -7.73 3.69 -10.26
N ASP A 21 -9.04 3.90 -10.27
CA ASP A 21 -9.86 4.39 -9.17
C ASP A 21 -9.53 3.68 -7.85
N ARG A 22 -9.38 2.35 -7.88
CA ARG A 22 -9.05 1.57 -6.69
C ARG A 22 -7.75 2.06 -6.07
N THR A 23 -6.73 2.21 -6.92
CA THR A 23 -5.38 2.64 -6.54
C THR A 23 -5.42 4.08 -6.01
N GLU A 24 -6.13 4.99 -6.71
CA GLU A 24 -6.38 6.36 -6.28
C GLU A 24 -6.96 6.43 -4.86
N GLU A 25 -7.89 5.53 -4.51
CA GLU A 25 -8.50 5.55 -3.18
C GLU A 25 -7.42 5.36 -2.11
N ILE A 26 -6.61 4.30 -2.26
CA ILE A 26 -5.57 3.91 -1.31
C ILE A 26 -4.52 5.02 -1.20
N LEU A 27 -4.13 5.64 -2.31
CA LEU A 27 -3.07 6.64 -2.32
C LEU A 27 -3.44 7.83 -1.46
N SER A 28 -4.58 8.47 -1.77
CA SER A 28 -5.07 9.59 -1.01
C SER A 28 -5.31 9.17 0.45
N TRP A 29 -5.81 7.94 0.69
CA TRP A 29 -6.04 7.40 2.03
C TRP A 29 -4.75 7.38 2.84
N VAL A 30 -3.69 6.68 2.39
CA VAL A 30 -2.44 6.60 3.16
C VAL A 30 -1.93 8.00 3.50
N ALA A 31 -1.92 8.90 2.53
CA ALA A 31 -1.47 10.27 2.72
C ALA A 31 -2.31 11.01 3.77
N ALA A 32 -3.58 10.66 3.93
CA ALA A 32 -4.47 11.23 4.92
C ALA A 32 -4.25 10.56 6.28
N THR A 33 -4.48 9.25 6.37
CA THR A 33 -4.53 8.48 7.60
C THR A 33 -3.19 8.43 8.32
N PHE A 34 -2.07 8.45 7.57
CA PHE A 34 -0.73 8.27 8.12
C PHE A 34 0.16 9.44 7.67
N PRO A 35 -0.15 10.68 8.06
CA PRO A 35 0.39 11.89 7.44
C PRO A 35 1.89 12.11 7.69
N ASN A 36 2.52 11.32 8.57
CA ASN A 36 3.97 11.33 8.72
C ASN A 36 4.67 10.67 7.53
N LEU A 37 4.01 9.73 6.84
CA LEU A 37 4.54 9.14 5.61
C LEU A 37 4.63 10.22 4.54
N GLU A 38 5.60 10.11 3.63
CA GLU A 38 5.96 11.07 2.60
C GLU A 38 6.07 10.38 1.23
N PRO A 39 5.79 11.07 0.11
CA PRO A 39 5.78 10.47 -1.23
C PRO A 39 7.19 10.19 -1.78
N GLN A 40 7.32 9.19 -2.66
CA GLN A 40 8.48 8.92 -3.48
C GLN A 40 8.04 8.11 -4.72
N MET A 41 8.38 8.58 -5.93
CA MET A 41 8.20 7.84 -7.18
C MET A 41 9.47 7.02 -7.39
N LYS A 42 9.45 5.70 -7.12
CA LYS A 42 10.69 4.91 -7.04
C LYS A 42 10.46 3.48 -7.46
N TRP A 43 11.40 2.86 -8.18
CA TRP A 43 11.18 1.64 -8.98
C TRP A 43 10.04 1.82 -10.00
N ASN A 44 9.71 3.06 -10.35
CA ASN A 44 8.46 3.48 -10.98
C ASN A 44 7.21 3.02 -10.20
N THR A 45 7.35 2.58 -8.95
CA THR A 45 6.24 2.17 -8.10
C THR A 45 5.84 3.33 -7.18
N PRO A 46 4.55 3.41 -6.83
CA PRO A 46 4.06 4.28 -5.78
C PRO A 46 4.44 3.74 -4.39
N MET A 47 5.48 4.30 -3.79
CA MET A 47 5.87 4.01 -2.41
C MET A 47 5.80 5.29 -1.57
N PHE A 48 5.82 5.14 -0.25
CA PHE A 48 5.90 6.25 0.67
C PHE A 48 7.00 5.92 1.68
N SER A 49 7.40 6.89 2.51
CA SER A 49 8.47 6.70 3.48
C SER A 49 8.12 7.44 4.77
N ASN A 50 8.36 6.87 5.95
CA ASN A 50 8.16 7.62 7.20
C ASN A 50 9.32 8.58 7.36
N GLN A 51 9.13 9.83 6.90
CA GLN A 51 10.18 10.84 6.78
C GLN A 51 11.45 10.39 6.04
N GLY A 52 11.40 9.27 5.30
CA GLY A 52 12.53 8.70 4.58
C GLY A 52 12.72 7.19 4.80
N THR A 53 12.18 6.58 5.86
CA THR A 53 12.36 5.14 6.10
C THR A 53 11.41 4.31 5.22
N PHE A 54 11.90 3.18 4.73
CA PHE A 54 11.29 2.23 3.80
C PHE A 54 10.05 1.45 4.31
N ILE A 55 9.27 2.03 5.21
CA ILE A 55 8.22 1.35 5.99
C ILE A 55 6.96 1.02 5.15
N ILE A 56 6.87 1.34 3.84
CA ILE A 56 5.71 1.01 3.02
C ILE A 56 6.01 1.03 1.51
N GLY A 57 5.37 0.14 0.72
CA GLY A 57 5.45 0.16 -0.74
C GLY A 57 4.41 -0.77 -1.38
N PHE A 58 3.75 -0.31 -2.45
CA PHE A 58 2.83 -1.09 -3.28
C PHE A 58 3.07 -0.80 -4.75
N SER A 59 2.50 -1.63 -5.63
CA SER A 59 2.40 -1.33 -7.06
C SER A 59 1.28 -2.18 -7.65
N THR A 60 0.78 -1.77 -8.82
CA THR A 60 -0.29 -2.46 -9.53
C THR A 60 0.28 -3.71 -10.18
N SER A 61 -0.15 -4.87 -9.73
CA SER A 61 0.04 -6.12 -10.44
C SER A 61 -0.92 -6.15 -11.63
N LYS A 62 -0.77 -7.15 -12.51
CA LYS A 62 -1.55 -7.23 -13.73
C LYS A 62 -3.05 -7.40 -13.45
N HIS A 63 -3.41 -8.09 -12.36
CA HIS A 63 -4.80 -8.39 -11.97
C HIS A 63 -5.06 -8.19 -10.46
N HIS A 64 -4.13 -7.58 -9.73
CA HIS A 64 -4.20 -7.37 -8.28
C HIS A 64 -3.30 -6.19 -7.91
N LEU A 65 -3.19 -5.88 -6.62
CA LEU A 65 -2.28 -4.88 -6.06
C LEU A 65 -1.42 -5.56 -5.00
N SER A 66 -0.10 -5.55 -5.14
CA SER A 66 0.84 -6.00 -4.11
C SER A 66 1.01 -4.91 -3.06
N VAL A 67 0.96 -5.22 -1.76
CA VAL A 67 1.27 -4.27 -0.69
C VAL A 67 2.06 -4.97 0.44
N SER A 68 2.94 -4.24 1.15
CA SER A 68 3.40 -4.58 2.49
C SER A 68 3.98 -3.31 3.17
N PRO A 69 4.08 -3.22 4.51
CA PRO A 69 4.89 -2.19 5.13
C PRO A 69 6.37 -2.58 5.09
N GLU A 70 6.76 -3.73 5.66
CA GLU A 70 8.07 -4.33 5.39
C GLU A 70 7.86 -5.83 5.22
N GLU A 71 7.90 -6.60 6.31
CA GLU A 71 8.07 -8.07 6.25
C GLU A 71 7.35 -8.76 7.39
N ILE A 72 7.34 -8.12 8.55
CA ILE A 72 6.45 -8.47 9.65
C ILE A 72 5.00 -8.44 9.20
N GLY A 73 4.71 -7.66 8.14
CA GLY A 73 3.41 -7.60 7.52
C GLY A 73 2.89 -9.00 7.15
N ILE A 74 3.79 -9.90 6.75
CA ILE A 74 3.48 -11.23 6.22
C ILE A 74 3.91 -12.32 7.21
N SER A 75 4.23 -11.97 8.45
CA SER A 75 4.43 -12.99 9.47
C SER A 75 3.67 -12.79 10.78
N GLN A 76 3.45 -11.56 11.21
CA GLN A 76 2.68 -11.20 12.39
C GLN A 76 1.23 -11.19 11.92
N PHE A 77 0.89 -10.29 11.00
CA PHE A 77 -0.48 -10.08 10.53
C PHE A 77 -0.95 -11.11 9.49
N ALA A 78 -0.10 -12.07 9.13
CA ALA A 78 -0.38 -13.05 8.07
C ALA A 78 -1.67 -13.84 8.32
N ASP A 79 -2.01 -14.06 9.59
CA ASP A 79 -3.18 -14.85 9.97
C ASP A 79 -4.45 -14.05 9.69
N ALA A 80 -4.46 -12.80 10.13
CA ALA A 80 -5.54 -11.87 9.86
C ALA A 80 -5.74 -11.68 8.35
N ILE A 81 -4.65 -11.54 7.58
CA ILE A 81 -4.67 -11.47 6.13
C ILE A 81 -5.32 -12.74 5.55
N ALA A 82 -4.89 -13.91 6.02
CA ALA A 82 -5.36 -15.20 5.51
C ALA A 82 -6.86 -15.30 5.69
N GLN A 83 -7.33 -15.05 6.91
CA GLN A 83 -8.73 -15.13 7.29
C GLN A 83 -9.59 -14.10 6.55
N ALA A 84 -9.07 -12.88 6.33
CA ALA A 84 -9.79 -11.85 5.55
C ALA A 84 -10.01 -12.30 4.10
N GLY A 85 -9.19 -13.23 3.61
CA GLY A 85 -9.41 -13.95 2.38
C GLY A 85 -8.36 -13.70 1.31
N TYR A 86 -7.24 -13.04 1.64
CA TYR A 86 -6.37 -12.45 0.62
C TYR A 86 -5.00 -13.12 0.52
N SER A 87 -4.93 -14.06 -0.42
CA SER A 87 -3.77 -14.81 -0.87
C SER A 87 -2.51 -13.95 -1.07
N ALA A 88 -1.55 -14.06 -0.15
CA ALA A 88 -0.26 -13.37 -0.14
C ALA A 88 0.85 -14.17 -0.86
N THR A 89 2.05 -13.59 -0.99
CA THR A 89 3.31 -14.32 -1.19
C THR A 89 3.96 -14.51 0.19
N LYS A 90 5.25 -14.86 0.29
CA LYS A 90 5.94 -14.77 1.58
C LYS A 90 6.32 -13.32 1.94
N GLY A 91 6.37 -12.38 0.99
CA GLY A 91 7.07 -11.09 1.16
C GLY A 91 6.22 -9.86 0.86
N LEU A 92 5.02 -10.04 0.31
CA LEU A 92 3.98 -9.03 0.25
C LEU A 92 2.64 -9.75 0.24
N PHE A 93 1.55 -9.05 0.56
CA PHE A 93 0.21 -9.59 0.29
C PHE A 93 -0.32 -8.96 -0.99
N ARG A 94 -1.38 -9.52 -1.57
CA ARG A 94 -2.08 -8.87 -2.65
C ARG A 94 -3.57 -9.08 -2.50
N ILE A 95 -4.37 -8.16 -3.05
CA ILE A 95 -5.83 -8.30 -3.13
C ILE A 95 -6.16 -8.26 -4.64
N PRO A 96 -7.15 -9.02 -5.13
CA PRO A 96 -7.62 -8.95 -6.51
C PRO A 96 -8.40 -7.65 -6.73
N TRP A 97 -8.38 -7.10 -7.95
CA TRP A 97 -9.02 -5.82 -8.21
C TRP A 97 -10.51 -5.80 -7.89
N ASN A 98 -11.22 -6.88 -8.22
CA ASN A 98 -12.66 -7.02 -7.99
C ASN A 98 -13.03 -6.78 -6.53
N ASP A 99 -12.25 -7.35 -5.60
CA ASP A 99 -12.67 -7.59 -4.22
C ASP A 99 -12.09 -6.47 -3.34
N PRO A 100 -12.76 -6.03 -2.28
CA PRO A 100 -12.43 -4.77 -1.64
C PRO A 100 -11.15 -4.87 -0.81
N VAL A 101 -10.35 -3.82 -0.91
CA VAL A 101 -9.12 -3.64 -0.16
C VAL A 101 -9.46 -3.39 1.33
N HIS A 102 -8.56 -3.80 2.24
CA HIS A 102 -8.86 -4.01 3.64
C HIS A 102 -8.20 -2.95 4.53
N TYR A 103 -8.72 -1.71 4.51
CA TYR A 103 -8.11 -0.56 5.15
C TYR A 103 -7.89 -0.75 6.65
N GLU A 104 -8.65 -1.63 7.32
CA GLU A 104 -8.47 -1.95 8.72
C GLU A 104 -7.15 -2.70 8.92
N LEU A 105 -7.02 -3.86 8.29
CA LEU A 105 -5.83 -4.72 8.32
C LEU A 105 -4.59 -3.87 7.97
N LEU A 106 -4.73 -3.05 6.93
CA LEU A 106 -3.72 -2.12 6.48
C LEU A 106 -3.29 -1.16 7.60
N LYS A 107 -4.24 -0.47 8.24
CA LYS A 107 -3.91 0.57 9.20
C LYS A 107 -3.28 0.00 10.46
N GLN A 108 -3.77 -1.14 10.97
CA GLN A 108 -3.16 -1.85 12.10
C GLN A 108 -1.65 -1.95 11.91
N MET A 109 -1.21 -2.53 10.79
CA MET A 109 0.19 -2.86 10.62
C MET A 109 1.06 -1.63 10.39
N ILE A 110 0.64 -0.67 9.56
CA ILE A 110 1.52 0.48 9.30
C ILE A 110 1.69 1.31 10.57
N GLU A 111 0.60 1.53 11.31
CA GLU A 111 0.65 2.34 12.52
C GLU A 111 1.53 1.68 13.56
N PHE A 112 1.48 0.35 13.70
CA PHE A 112 2.45 -0.36 14.52
C PHE A 112 3.86 -0.20 13.96
N ASN A 113 4.10 -0.38 12.65
CA ASN A 113 5.44 -0.37 12.07
C ASN A 113 6.16 0.97 12.29
N ILE A 114 5.42 2.04 12.55
CA ILE A 114 5.95 3.32 13.02
C ILE A 114 6.34 3.16 14.50
N GLN A 115 5.38 2.86 15.40
CA GLN A 115 5.63 2.87 16.85
C GLN A 115 6.43 1.65 17.35
N ASP A 116 6.77 0.72 16.48
CA ASP A 116 7.79 -0.31 16.72
C ASP A 116 9.19 0.32 16.82
N LYS A 117 9.33 1.52 16.27
CA LYS A 117 10.60 2.24 16.13
C LYS A 117 10.71 3.38 17.14
N GLU A 118 9.75 3.48 18.06
CA GLU A 118 9.71 4.48 19.11
C GLU A 118 11.00 4.39 19.90
N GLY A 1 1.50 18.29 2.71
CA GLY A 1 1.39 18.88 1.37
C GLY A 1 0.44 18.07 0.51
N SER A 2 0.54 18.25 -0.80
CA SER A 2 0.00 17.33 -1.80
C SER A 2 0.66 15.96 -1.67
N HIS A 3 0.17 15.01 -2.46
CA HIS A 3 0.84 13.75 -2.77
C HIS A 3 0.51 13.31 -4.19
N MET A 4 -0.69 13.63 -4.69
CA MET A 4 -1.14 13.20 -6.02
C MET A 4 -0.36 13.80 -7.18
N GLU A 5 0.54 14.74 -6.92
CA GLU A 5 1.48 15.23 -7.90
C GLU A 5 2.40 14.06 -8.29
N VAL A 6 3.07 13.51 -7.28
CA VAL A 6 4.17 12.57 -7.41
C VAL A 6 3.71 11.32 -8.15
N PHE A 7 2.52 10.82 -7.84
CA PHE A 7 2.13 9.51 -8.32
C PHE A 7 1.33 9.62 -9.63
N ALA A 8 1.09 10.84 -10.12
CA ALA A 8 0.25 11.08 -11.29
C ALA A 8 0.83 10.33 -12.48
N GLU A 9 2.16 10.33 -12.60
CA GLU A 9 2.86 9.68 -13.68
C GLU A 9 2.72 8.15 -13.66
N TYR A 10 2.38 7.57 -12.51
CA TYR A 10 2.06 6.16 -12.41
C TYR A 10 0.62 5.97 -12.85
N LEU A 11 -0.33 6.69 -12.22
CA LEU A 11 -1.76 6.55 -12.50
C LEU A 11 -2.08 6.82 -13.97
N LYS A 12 -1.43 7.81 -14.60
CA LYS A 12 -1.67 8.17 -15.99
C LYS A 12 -1.42 6.97 -16.90
N GLY A 13 -0.47 6.10 -16.54
CA GLY A 13 -0.07 4.96 -17.33
C GLY A 13 -0.91 3.73 -17.04
N ILE A 14 -1.87 3.78 -16.10
CA ILE A 14 -2.82 2.70 -15.90
C ILE A 14 -3.86 2.86 -17.00
N ASP A 15 -3.60 2.19 -18.13
CA ASP A 15 -4.44 2.10 -19.33
C ASP A 15 -5.64 1.15 -19.17
N HIS A 16 -5.82 0.71 -17.93
CA HIS A 16 -6.85 -0.18 -17.39
C HIS A 16 -7.70 0.61 -16.38
N PRO A 17 -8.51 1.58 -16.83
CA PRO A 17 -9.18 2.59 -15.99
C PRO A 17 -10.23 2.00 -15.05
N ASP A 18 -10.70 0.78 -15.28
CA ASP A 18 -11.59 0.08 -14.34
C ASP A 18 -10.89 -0.19 -12.99
N HIS A 19 -9.56 -0.09 -12.94
CA HIS A 19 -8.78 -0.49 -11.76
C HIS A 19 -7.76 0.57 -11.34
N ARG A 20 -7.82 1.74 -11.96
CA ARG A 20 -6.90 2.84 -11.75
C ARG A 20 -7.22 3.55 -10.45
N ASP A 21 -8.42 4.10 -10.38
CA ASP A 21 -8.98 4.88 -9.27
C ASP A 21 -8.86 4.15 -7.94
N ARG A 22 -8.95 2.81 -7.98
CA ARG A 22 -8.74 1.95 -6.82
C ARG A 22 -7.45 2.36 -6.10
N THR A 23 -6.34 2.43 -6.82
CA THR A 23 -5.05 2.80 -6.27
C THR A 23 -5.06 4.25 -5.74
N GLU A 24 -5.85 5.15 -6.33
CA GLU A 24 -5.98 6.52 -5.85
C GLU A 24 -6.75 6.61 -4.53
N GLU A 25 -7.68 5.67 -4.25
CA GLU A 25 -8.26 5.56 -2.92
C GLU A 25 -7.15 5.27 -1.92
N ILE A 26 -6.36 4.22 -2.17
CA ILE A 26 -5.22 3.83 -1.34
C ILE A 26 -4.31 5.05 -1.09
N LEU A 27 -3.89 5.74 -2.16
CA LEU A 27 -2.88 6.78 -2.06
C LEU A 27 -3.40 7.96 -1.22
N SER A 28 -4.59 8.47 -1.51
CA SER A 28 -5.17 9.57 -0.76
C SER A 28 -5.57 9.18 0.65
N TRP A 29 -5.91 7.91 0.89
CA TRP A 29 -6.14 7.38 2.21
C TRP A 29 -4.84 7.50 2.99
N VAL A 30 -3.74 6.87 2.54
CA VAL A 30 -2.44 6.92 3.21
C VAL A 30 -2.04 8.35 3.57
N ALA A 31 -2.20 9.31 2.63
CA ALA A 31 -1.84 10.71 2.83
C ALA A 31 -2.57 11.40 4.00
N ALA A 32 -3.62 10.78 4.55
CA ALA A 32 -4.39 11.24 5.70
C ALA A 32 -4.25 10.27 6.88
N THR A 33 -4.46 8.97 6.67
CA THR A 33 -4.47 7.99 7.75
C THR A 33 -3.09 7.90 8.42
N PHE A 34 -2.02 8.06 7.64
CA PHE A 34 -0.64 8.01 8.11
C PHE A 34 0.02 9.28 7.58
N PRO A 35 -0.29 10.44 8.16
CA PRO A 35 0.19 11.71 7.63
C PRO A 35 1.70 11.86 7.81
N ASN A 36 2.31 10.99 8.64
CA ASN A 36 3.75 10.80 8.83
C ASN A 36 4.29 9.79 7.80
N LEU A 37 3.74 9.77 6.59
CA LEU A 37 4.42 9.27 5.39
C LEU A 37 4.46 10.39 4.34
N GLU A 38 5.62 10.59 3.71
CA GLU A 38 5.80 11.52 2.59
C GLU A 38 5.92 10.71 1.28
N PRO A 39 5.49 11.26 0.15
CA PRO A 39 5.46 10.56 -1.14
C PRO A 39 6.86 10.41 -1.73
N GLN A 40 7.07 9.39 -2.58
CA GLN A 40 8.29 9.17 -3.33
C GLN A 40 7.99 8.20 -4.48
N MET A 41 8.07 8.61 -5.75
CA MET A 41 8.08 7.67 -6.85
C MET A 41 9.50 7.15 -7.01
N LYS A 42 9.68 5.84 -6.88
CA LYS A 42 10.98 5.19 -6.91
C LYS A 42 10.87 3.93 -7.74
N TRP A 43 11.88 3.64 -8.57
CA TRP A 43 11.89 2.49 -9.49
C TRP A 43 10.59 2.38 -10.29
N ASN A 44 10.00 3.52 -10.64
CA ASN A 44 8.79 3.66 -11.43
C ASN A 44 7.58 3.12 -10.68
N THR A 45 7.68 2.97 -9.35
CA THR A 45 6.62 2.50 -8.48
C THR A 45 6.28 3.60 -7.46
N PRO A 46 5.02 3.67 -7.00
CA PRO A 46 4.58 4.55 -5.93
C PRO A 46 5.00 4.00 -4.56
N MET A 47 6.00 4.58 -3.90
CA MET A 47 6.31 4.30 -2.49
C MET A 47 6.06 5.54 -1.63
N PHE A 48 6.23 5.39 -0.31
CA PHE A 48 6.24 6.51 0.61
C PHE A 48 7.34 6.24 1.63
N SER A 49 7.85 7.29 2.24
CA SER A 49 8.99 7.24 3.14
C SER A 49 8.58 8.01 4.40
N ASN A 50 8.64 7.35 5.57
CA ASN A 50 8.43 8.01 6.86
C ASN A 50 9.68 8.85 7.09
N GLN A 51 9.65 10.13 6.74
CA GLN A 51 10.75 11.07 6.88
C GLN A 51 12.08 10.68 6.18
N GLY A 52 12.17 9.50 5.55
CA GLY A 52 13.33 8.94 4.87
C GLY A 52 13.25 7.42 4.67
N THR A 53 12.49 6.68 5.48
CA THR A 53 12.56 5.20 5.56
C THR A 53 11.78 4.47 4.44
N PHE A 54 11.54 3.16 4.61
CA PHE A 54 10.99 2.24 3.63
C PHE A 54 9.84 1.40 4.21
N ILE A 55 9.17 1.92 5.24
CA ILE A 55 8.11 1.28 6.00
C ILE A 55 6.86 1.02 5.14
N ILE A 56 6.80 1.42 3.86
CA ILE A 56 5.77 1.03 2.91
C ILE A 56 6.33 1.17 1.48
N GLY A 57 5.65 0.55 0.52
CA GLY A 57 5.94 0.63 -0.92
C GLY A 57 5.04 -0.38 -1.63
N PHE A 58 4.37 -0.01 -2.72
CA PHE A 58 3.51 -0.89 -3.49
C PHE A 58 3.70 -0.64 -4.99
N SER A 59 3.15 -1.52 -5.82
CA SER A 59 2.87 -1.24 -7.22
C SER A 59 1.57 -1.96 -7.60
N THR A 60 0.95 -1.53 -8.70
CA THR A 60 -0.09 -2.31 -9.34
C THR A 60 0.56 -3.60 -9.85
N SER A 61 -0.22 -4.67 -9.87
CA SER A 61 0.16 -5.99 -10.30
C SER A 61 -1.01 -6.51 -11.15
N LYS A 62 -0.81 -7.63 -11.85
CA LYS A 62 -1.57 -7.89 -13.08
C LYS A 62 -3.08 -7.93 -12.86
N HIS A 63 -3.54 -8.33 -11.68
CA HIS A 63 -4.95 -8.32 -11.30
C HIS A 63 -5.18 -7.79 -9.87
N HIS A 64 -4.18 -7.17 -9.26
CA HIS A 64 -4.19 -6.89 -7.82
C HIS A 64 -3.24 -5.74 -7.49
N LEU A 65 -3.29 -5.20 -6.28
CA LEU A 65 -2.33 -4.24 -5.76
C LEU A 65 -1.48 -4.96 -4.71
N SER A 66 -0.15 -5.00 -4.85
CA SER A 66 0.72 -5.71 -3.90
C SER A 66 1.10 -4.74 -2.78
N VAL A 67 0.81 -5.05 -1.51
CA VAL A 67 1.01 -4.15 -0.37
C VAL A 67 1.65 -4.95 0.76
N SER A 68 2.64 -4.36 1.44
CA SER A 68 3.05 -4.64 2.80
C SER A 68 3.92 -3.49 3.33
N PRO A 69 4.17 -3.38 4.65
CA PRO A 69 5.08 -2.38 5.17
C PRO A 69 6.57 -2.79 5.00
N GLU A 70 6.99 -3.96 5.52
CA GLU A 70 8.40 -4.37 5.53
C GLU A 70 8.44 -5.90 5.43
N GLU A 71 8.28 -6.59 6.57
CA GLU A 71 8.26 -8.05 6.67
C GLU A 71 7.32 -8.54 7.79
N ILE A 72 7.11 -7.76 8.85
CA ILE A 72 6.17 -8.12 9.92
C ILE A 72 4.73 -8.22 9.40
N GLY A 73 4.42 -7.40 8.40
CA GLY A 73 3.15 -7.32 7.69
C GLY A 73 2.63 -8.69 7.24
N ILE A 74 3.52 -9.66 7.04
CA ILE A 74 3.21 -10.97 6.49
C ILE A 74 3.73 -12.07 7.45
N SER A 75 4.19 -11.68 8.63
CA SER A 75 4.51 -12.62 9.68
C SER A 75 3.21 -12.89 10.43
N GLN A 76 2.73 -11.92 11.20
CA GLN A 76 1.63 -12.11 12.14
C GLN A 76 0.32 -11.87 11.40
N PHE A 77 0.21 -10.73 10.71
CA PHE A 77 -1.04 -10.32 10.07
C PHE A 77 -1.39 -11.23 8.89
N ALA A 78 -0.43 -12.03 8.42
CA ALA A 78 -0.64 -13.02 7.36
C ALA A 78 -1.80 -13.95 7.67
N ASP A 79 -2.07 -14.24 8.96
CA ASP A 79 -3.22 -15.04 9.34
C ASP A 79 -4.50 -14.26 9.08
N ALA A 80 -4.67 -13.10 9.72
CA ALA A 80 -5.90 -12.33 9.61
C ALA A 80 -6.24 -11.94 8.17
N ILE A 81 -5.23 -11.64 7.34
CA ILE A 81 -5.40 -11.39 5.91
C ILE A 81 -5.90 -12.67 5.21
N ALA A 82 -5.24 -13.81 5.47
CA ALA A 82 -5.56 -15.08 4.82
C ALA A 82 -6.98 -15.49 5.11
N GLN A 83 -7.33 -15.42 6.40
CA GLN A 83 -8.61 -15.69 6.98
C GLN A 83 -9.70 -14.74 6.44
N ALA A 84 -9.32 -13.63 5.79
CA ALA A 84 -10.23 -12.72 5.09
C ALA A 84 -10.28 -13.00 3.57
N GLY A 85 -9.58 -14.03 3.07
CA GLY A 85 -9.72 -14.52 1.70
C GLY A 85 -8.69 -13.97 0.72
N TYR A 86 -7.62 -13.34 1.19
CA TYR A 86 -6.72 -12.57 0.34
C TYR A 86 -5.34 -13.22 0.23
N SER A 87 -5.17 -14.08 -0.78
CA SER A 87 -4.02 -14.92 -1.07
C SER A 87 -2.69 -14.13 -1.15
N ALA A 88 -1.90 -14.13 -0.08
CA ALA A 88 -0.64 -13.41 0.05
C ALA A 88 0.55 -14.21 -0.53
N THR A 89 1.77 -13.71 -0.33
CA THR A 89 3.03 -14.43 -0.48
C THR A 89 3.61 -14.57 0.94
N LYS A 90 4.90 -14.92 1.08
CA LYS A 90 5.60 -14.67 2.35
C LYS A 90 6.06 -13.22 2.50
N GLY A 91 6.23 -12.50 1.40
CA GLY A 91 6.88 -11.19 1.36
C GLY A 91 5.93 -10.00 1.28
N LEU A 92 4.73 -10.14 0.70
CA LEU A 92 3.69 -9.11 0.67
C LEU A 92 2.30 -9.76 0.52
N PHE A 93 1.21 -9.00 0.64
CA PHE A 93 -0.13 -9.49 0.33
C PHE A 93 -0.68 -8.73 -0.87
N ARG A 94 -1.76 -9.21 -1.48
CA ARG A 94 -2.38 -8.52 -2.61
C ARG A 94 -3.89 -8.74 -2.53
N ILE A 95 -4.68 -7.68 -2.68
CA ILE A 95 -6.12 -7.80 -2.88
C ILE A 95 -6.35 -7.77 -4.40
N PRO A 96 -7.31 -8.54 -4.95
CA PRO A 96 -7.68 -8.43 -6.35
C PRO A 96 -8.37 -7.09 -6.61
N TRP A 97 -8.36 -6.62 -7.86
CA TRP A 97 -9.10 -5.40 -8.22
C TRP A 97 -10.60 -5.55 -7.96
N ASN A 98 -11.12 -6.78 -7.98
CA ASN A 98 -12.52 -7.13 -7.77
C ASN A 98 -13.04 -6.62 -6.42
N ASP A 99 -12.44 -7.13 -5.34
CA ASP A 99 -12.96 -7.10 -3.97
C ASP A 99 -12.47 -5.86 -3.22
N PRO A 100 -13.09 -5.52 -2.06
CA PRO A 100 -12.64 -4.40 -1.25
C PRO A 100 -11.26 -4.67 -0.66
N VAL A 101 -10.51 -3.60 -0.47
CA VAL A 101 -9.16 -3.61 0.08
C VAL A 101 -9.29 -3.29 1.56
N HIS A 102 -8.71 -4.15 2.41
CA HIS A 102 -8.92 -4.11 3.85
C HIS A 102 -8.02 -3.07 4.51
N TYR A 103 -8.49 -1.83 4.48
CA TYR A 103 -7.88 -0.68 5.11
C TYR A 103 -7.70 -0.94 6.60
N GLU A 104 -8.64 -1.62 7.23
CA GLU A 104 -8.60 -1.91 8.64
C GLU A 104 -7.50 -2.89 9.01
N LEU A 105 -7.26 -3.92 8.18
CA LEU A 105 -6.17 -4.85 8.45
C LEU A 105 -4.85 -4.13 8.20
N LEU A 106 -4.75 -3.48 7.04
CA LEU A 106 -3.49 -2.96 6.57
C LEU A 106 -3.09 -1.68 7.30
N LYS A 107 -4.02 -0.91 7.89
CA LYS A 107 -3.64 0.19 8.75
C LYS A 107 -2.91 -0.32 9.98
N GLN A 108 -3.32 -1.46 10.56
CA GLN A 108 -2.66 -2.00 11.73
C GLN A 108 -1.18 -2.19 11.45
N MET A 109 -0.85 -2.88 10.36
CA MET A 109 0.54 -3.23 10.13
C MET A 109 1.39 -2.01 9.80
N ILE A 110 0.91 -1.00 9.07
CA ILE A 110 1.74 0.18 8.84
C ILE A 110 1.91 0.96 10.15
N GLU A 111 0.81 1.19 10.89
CA GLU A 111 0.82 1.93 12.15
C GLU A 111 1.73 1.25 13.17
N PHE A 112 1.61 -0.07 13.33
CA PHE A 112 2.46 -0.82 14.24
C PHE A 112 3.92 -0.73 13.80
N ASN A 113 4.21 -0.80 12.50
CA ASN A 113 5.60 -0.79 12.04
C ASN A 113 6.27 0.57 12.33
N ILE A 114 5.50 1.66 12.46
CA ILE A 114 5.96 2.97 12.94
C ILE A 114 6.05 2.93 14.47
N GLN A 115 4.99 2.47 15.14
CA GLN A 115 4.84 2.52 16.59
C GLN A 115 5.95 1.73 17.29
N ASP A 116 6.43 0.72 16.59
CA ASP A 116 7.49 -0.18 17.06
C ASP A 116 8.90 0.40 16.84
N LYS A 117 9.01 1.37 15.93
CA LYS A 117 10.26 2.04 15.55
C LYS A 117 10.49 3.32 16.35
N GLU A 118 9.56 3.67 17.23
CA GLU A 118 9.58 4.73 18.19
C GLU A 118 10.91 4.76 18.93
N GLY A 1 2.61 19.28 1.71
CA GLY A 1 2.06 20.27 0.77
C GLY A 1 1.20 19.58 -0.25
N SER A 2 1.61 19.54 -1.51
CA SER A 2 1.02 18.61 -2.46
C SER A 2 1.64 17.22 -2.22
N HIS A 3 0.96 16.15 -2.66
CA HIS A 3 1.53 14.80 -2.70
C HIS A 3 1.14 14.07 -3.99
N MET A 4 -0.07 14.33 -4.52
CA MET A 4 -0.56 13.79 -5.79
C MET A 4 0.34 14.11 -6.98
N GLU A 5 1.28 15.05 -6.84
CA GLU A 5 2.20 15.39 -7.92
C GLU A 5 3.26 14.32 -8.12
N VAL A 6 3.63 13.64 -7.04
CA VAL A 6 4.66 12.62 -7.04
C VAL A 6 4.15 11.39 -7.80
N PHE A 7 2.84 11.15 -7.70
CA PHE A 7 2.18 9.94 -8.19
C PHE A 7 1.43 10.19 -9.50
N ALA A 8 1.41 11.42 -10.03
CA ALA A 8 0.65 11.79 -11.21
C ALA A 8 1.07 10.94 -12.41
N GLU A 9 2.39 10.90 -12.62
CA GLU A 9 3.02 10.18 -13.71
C GLU A 9 2.92 8.65 -13.52
N TYR A 10 2.54 8.16 -12.34
CA TYR A 10 2.18 6.77 -12.13
C TYR A 10 0.79 6.51 -12.71
N LEU A 11 -0.22 7.26 -12.25
CA LEU A 11 -1.63 7.06 -12.59
C LEU A 11 -1.85 7.08 -14.10
N LYS A 12 -1.23 8.04 -14.79
CA LYS A 12 -1.33 8.14 -16.25
C LYS A 12 -0.97 6.83 -16.96
N GLY A 13 -0.05 6.06 -16.38
CA GLY A 13 0.58 4.92 -17.02
C GLY A 13 -0.27 3.67 -16.92
N ILE A 14 -1.24 3.60 -16.00
CA ILE A 14 -2.11 2.46 -15.79
C ILE A 14 -3.03 2.36 -17.01
N ASP A 15 -2.91 1.30 -17.81
CA ASP A 15 -3.69 1.08 -19.04
C ASP A 15 -5.09 0.52 -18.72
N HIS A 16 -5.41 0.44 -17.44
CA HIS A 16 -6.57 -0.21 -16.84
C HIS A 16 -7.32 0.78 -15.93
N PRO A 17 -8.07 1.75 -16.49
CA PRO A 17 -8.78 2.76 -15.71
C PRO A 17 -9.81 2.15 -14.75
N ASP A 18 -10.40 0.99 -15.09
CA ASP A 18 -11.43 0.32 -14.28
C ASP A 18 -10.86 -0.27 -12.98
N HIS A 19 -9.54 -0.15 -12.78
CA HIS A 19 -8.78 -0.70 -11.66
C HIS A 19 -7.87 0.38 -11.07
N ARG A 20 -7.41 1.30 -11.92
CA ARG A 20 -6.72 2.52 -11.56
C ARG A 20 -7.47 3.25 -10.46
N ASP A 21 -8.78 3.45 -10.63
CA ASP A 21 -9.52 4.35 -9.76
C ASP A 21 -9.48 3.91 -8.30
N ARG A 22 -9.53 2.59 -8.04
CA ARG A 22 -9.38 2.06 -6.68
C ARG A 22 -8.01 2.37 -6.09
N THR A 23 -6.98 2.45 -6.94
CA THR A 23 -5.61 2.73 -6.53
C THR A 23 -5.50 4.21 -6.09
N GLU A 24 -6.12 5.14 -6.81
CA GLU A 24 -6.27 6.53 -6.35
C GLU A 24 -6.84 6.59 -4.93
N GLU A 25 -7.86 5.80 -4.59
CA GLU A 25 -8.47 5.86 -3.26
C GLU A 25 -7.50 5.47 -2.15
N ILE A 26 -6.52 4.62 -2.46
CA ILE A 26 -5.49 4.18 -1.52
C ILE A 26 -4.53 5.35 -1.29
N LEU A 27 -4.10 5.97 -2.39
CA LEU A 27 -3.01 6.94 -2.39
C LEU A 27 -3.35 8.08 -1.42
N SER A 28 -4.41 8.84 -1.68
CA SER A 28 -4.77 9.94 -0.83
C SER A 28 -5.17 9.49 0.58
N TRP A 29 -5.65 8.25 0.76
CA TRP A 29 -5.99 7.72 2.07
C TRP A 29 -4.74 7.52 2.91
N VAL A 30 -3.65 7.01 2.33
CA VAL A 30 -2.39 6.90 3.05
C VAL A 30 -1.93 8.29 3.48
N ALA A 31 -1.95 9.27 2.57
CA ALA A 31 -1.56 10.64 2.88
C ALA A 31 -2.45 11.26 3.97
N ALA A 32 -3.70 10.83 4.08
CA ALA A 32 -4.61 11.33 5.09
C ALA A 32 -4.31 10.70 6.45
N THR A 33 -4.33 9.37 6.49
CA THR A 33 -4.37 8.56 7.70
C THR A 33 -2.99 8.45 8.35
N PHE A 34 -1.93 8.53 7.53
CA PHE A 34 -0.55 8.39 7.97
C PHE A 34 0.28 9.56 7.38
N PRO A 35 -0.02 10.81 7.77
CA PRO A 35 0.58 11.99 7.13
C PRO A 35 2.07 12.16 7.46
N ASN A 36 2.60 11.43 8.46
CA ASN A 36 4.03 11.48 8.79
C ASN A 36 4.89 10.74 7.76
N LEU A 37 4.27 9.87 6.96
CA LEU A 37 4.92 9.33 5.78
C LEU A 37 5.07 10.46 4.75
N GLU A 38 6.06 10.40 3.88
CA GLU A 38 6.32 11.44 2.91
C GLU A 38 6.32 10.79 1.53
N PRO A 39 5.81 11.46 0.48
CA PRO A 39 5.64 10.85 -0.83
C PRO A 39 6.99 10.66 -1.51
N GLN A 40 7.22 9.52 -2.15
CA GLN A 40 8.41 9.25 -2.94
C GLN A 40 8.01 8.31 -4.10
N MET A 41 8.48 8.59 -5.31
CA MET A 41 8.28 7.76 -6.49
C MET A 41 9.61 7.06 -6.76
N LYS A 42 9.66 5.73 -6.62
CA LYS A 42 10.88 4.93 -6.76
C LYS A 42 10.51 3.60 -7.38
N TRP A 43 11.36 2.98 -8.19
CA TRP A 43 11.05 1.76 -8.94
C TRP A 43 9.80 1.88 -9.84
N ASN A 44 9.41 3.11 -10.20
CA ASN A 44 8.11 3.44 -10.78
C ASN A 44 6.93 3.02 -9.89
N THR A 45 7.14 2.75 -8.60
CA THR A 45 6.09 2.39 -7.68
C THR A 45 5.86 3.52 -6.68
N PRO A 46 4.61 3.77 -6.29
CA PRO A 46 4.29 4.69 -5.21
C PRO A 46 4.72 4.10 -3.87
N MET A 47 5.47 4.88 -3.10
CA MET A 47 5.82 4.56 -1.72
C MET A 47 5.82 5.85 -0.90
N PHE A 48 5.89 5.71 0.43
CA PHE A 48 5.72 6.82 1.36
C PHE A 48 6.75 6.63 2.46
N SER A 49 7.94 7.21 2.31
CA SER A 49 9.03 7.04 3.25
C SER A 49 8.63 7.67 4.60
N ASN A 50 8.64 6.93 5.71
CA ASN A 50 8.35 7.50 7.02
C ASN A 50 9.54 8.37 7.43
N GLN A 51 9.50 9.66 7.09
CA GLN A 51 10.61 10.59 7.23
C GLN A 51 11.95 10.05 6.65
N GLY A 52 11.90 9.02 5.79
CA GLY A 52 13.03 8.46 5.05
C GLY A 52 13.04 6.93 4.93
N THR A 53 12.27 6.17 5.72
CA THR A 53 12.38 4.70 5.83
C THR A 53 11.71 3.96 4.65
N PHE A 54 11.52 2.64 4.76
CA PHE A 54 10.92 1.80 3.71
C PHE A 54 9.79 0.93 4.31
N ILE A 55 8.95 1.56 5.14
CA ILE A 55 7.87 0.93 5.88
C ILE A 55 6.67 0.62 4.95
N ILE A 56 6.69 0.96 3.65
CA ILE A 56 5.56 0.73 2.73
C ILE A 56 5.97 0.87 1.25
N GLY A 57 5.21 0.26 0.34
CA GLY A 57 5.25 0.51 -1.09
C GLY A 57 4.33 -0.48 -1.82
N PHE A 58 3.53 0.00 -2.78
CA PHE A 58 2.65 -0.85 -3.57
C PHE A 58 2.80 -0.58 -5.06
N SER A 59 2.30 -1.50 -5.89
CA SER A 59 2.06 -1.21 -7.29
C SER A 59 0.89 -2.02 -7.82
N THR A 60 0.27 -1.53 -8.88
CA THR A 60 -0.69 -2.26 -9.68
C THR A 60 -0.02 -3.50 -10.23
N SER A 61 -0.78 -4.57 -10.34
CA SER A 61 -0.44 -5.79 -11.05
C SER A 61 -1.64 -6.17 -11.92
N LYS A 62 -1.50 -7.25 -12.69
CA LYS A 62 -2.42 -7.63 -13.76
C LYS A 62 -3.87 -7.65 -13.29
N HIS A 63 -4.18 -8.43 -12.26
CA HIS A 63 -5.55 -8.66 -11.79
C HIS A 63 -5.71 -8.38 -10.29
N HIS A 64 -4.65 -7.88 -9.64
CA HIS A 64 -4.60 -7.55 -8.22
C HIS A 64 -3.69 -6.34 -8.04
N LEU A 65 -3.71 -5.75 -6.85
CA LEU A 65 -2.65 -4.86 -6.36
C LEU A 65 -1.58 -5.73 -5.66
N SER A 66 -0.42 -5.19 -5.31
CA SER A 66 0.49 -5.78 -4.32
C SER A 66 0.68 -4.77 -3.19
N VAL A 67 0.47 -5.15 -1.94
CA VAL A 67 0.62 -4.27 -0.77
C VAL A 67 1.38 -5.06 0.30
N SER A 68 2.17 -4.35 1.10
CA SER A 68 2.81 -4.77 2.34
C SER A 68 3.30 -3.48 3.03
N PRO A 69 3.66 -3.50 4.32
CA PRO A 69 4.63 -2.55 4.81
C PRO A 69 6.06 -3.03 4.53
N GLU A 70 6.43 -4.21 5.03
CA GLU A 70 7.78 -4.77 4.89
C GLU A 70 7.66 -6.30 4.79
N GLU A 71 7.63 -6.97 5.93
CA GLU A 71 7.64 -8.44 6.06
C GLU A 71 6.81 -8.91 7.26
N ILE A 72 6.74 -8.15 8.37
CA ILE A 72 5.92 -8.54 9.53
C ILE A 72 4.46 -8.73 9.14
N GLY A 73 3.98 -7.89 8.22
CA GLY A 73 2.64 -7.99 7.66
C GLY A 73 2.34 -9.34 6.99
N ILE A 74 3.38 -10.11 6.70
CA ILE A 74 3.35 -11.32 5.90
C ILE A 74 3.66 -12.54 6.78
N SER A 75 4.17 -12.34 7.99
CA SER A 75 4.35 -13.40 8.96
C SER A 75 3.28 -13.31 10.04
N GLN A 76 3.16 -12.16 10.71
CA GLN A 76 2.28 -11.93 11.82
C GLN A 76 0.90 -11.65 11.26
N PHE A 77 0.77 -10.56 10.50
CA PHE A 77 -0.54 -10.09 10.09
C PHE A 77 -1.16 -10.99 9.00
N ALA A 78 -0.39 -11.95 8.44
CA ALA A 78 -0.90 -12.94 7.51
C ALA A 78 -2.06 -13.75 8.10
N ASP A 79 -2.08 -13.96 9.42
CA ASP A 79 -3.15 -14.71 10.08
C ASP A 79 -4.47 -14.00 9.92
N ALA A 80 -4.46 -12.67 10.13
CA ALA A 80 -5.66 -11.87 10.10
C ALA A 80 -6.09 -11.61 8.65
N ILE A 81 -5.14 -11.57 7.72
CA ILE A 81 -5.39 -11.59 6.27
C ILE A 81 -6.14 -12.89 5.93
N ALA A 82 -5.66 -14.04 6.41
CA ALA A 82 -6.28 -15.35 6.19
C ALA A 82 -7.70 -15.35 6.75
N GLN A 83 -7.87 -14.93 8.00
CA GLN A 83 -9.17 -14.80 8.64
C GLN A 83 -10.10 -13.86 7.88
N ALA A 84 -9.59 -12.86 7.17
CA ALA A 84 -10.43 -12.00 6.35
C ALA A 84 -11.07 -12.78 5.22
N GLY A 85 -10.29 -13.69 4.62
CA GLY A 85 -10.57 -14.46 3.43
C GLY A 85 -9.41 -14.42 2.43
N TYR A 86 -8.42 -13.54 2.63
CA TYR A 86 -7.36 -13.28 1.67
C TYR A 86 -6.18 -14.24 1.82
N SER A 87 -5.24 -14.12 0.89
CA SER A 87 -4.02 -14.91 0.78
C SER A 87 -2.81 -13.96 0.68
N ALA A 88 -1.59 -14.52 0.68
CA ALA A 88 -0.32 -13.82 0.87
C ALA A 88 0.72 -14.32 -0.13
N THR A 89 1.97 -13.82 -0.03
CA THR A 89 3.14 -14.34 -0.72
C THR A 89 4.28 -14.48 0.31
N LYS A 90 5.53 -14.71 -0.12
CA LYS A 90 6.69 -14.74 0.75
C LYS A 90 7.22 -13.34 1.09
N GLY A 91 6.53 -12.26 0.69
CA GLY A 91 7.10 -10.92 0.83
C GLY A 91 6.08 -9.79 0.74
N LEU A 92 4.86 -10.05 0.26
CA LEU A 92 3.76 -9.09 0.20
C LEU A 92 2.43 -9.83 0.09
N PHE A 93 1.30 -9.15 -0.11
CA PHE A 93 -0.01 -9.79 -0.31
C PHE A 93 -0.79 -9.15 -1.49
N ARG A 94 -1.84 -9.82 -1.98
CA ARG A 94 -2.40 -9.62 -3.32
C ARG A 94 -3.94 -9.64 -3.31
N ILE A 95 -4.62 -8.50 -3.16
CA ILE A 95 -6.09 -8.54 -3.25
C ILE A 95 -6.44 -8.42 -4.74
N PRO A 96 -7.46 -9.14 -5.23
CA PRO A 96 -7.92 -9.05 -6.61
C PRO A 96 -8.80 -7.82 -6.80
N TRP A 97 -8.89 -7.31 -8.02
CA TRP A 97 -9.59 -6.05 -8.27
C TRP A 97 -11.10 -6.07 -7.94
N ASN A 98 -11.74 -7.24 -7.87
CA ASN A 98 -13.13 -7.34 -7.43
C ASN A 98 -13.28 -7.02 -5.94
N ASP A 99 -12.38 -7.56 -5.11
CA ASP A 99 -12.61 -7.70 -3.67
C ASP A 99 -12.09 -6.44 -2.93
N PRO A 100 -12.66 -6.04 -1.78
CA PRO A 100 -12.31 -4.78 -1.09
C PRO A 100 -11.00 -4.91 -0.29
N VAL A 101 -10.02 -4.07 -0.56
CA VAL A 101 -8.62 -4.19 -0.13
C VAL A 101 -8.37 -4.02 1.39
N HIS A 102 -9.42 -3.98 2.21
CA HIS A 102 -9.41 -3.88 3.66
C HIS A 102 -8.41 -2.88 4.23
N TYR A 103 -8.81 -1.61 4.23
CA TYR A 103 -8.01 -0.53 4.78
C TYR A 103 -7.74 -0.75 6.26
N GLU A 104 -8.63 -1.45 6.96
CA GLU A 104 -8.49 -1.71 8.38
C GLU A 104 -7.25 -2.55 8.66
N LEU A 105 -7.14 -3.73 8.03
CA LEU A 105 -6.07 -4.67 8.33
C LEU A 105 -4.72 -4.03 8.01
N LEU A 106 -4.64 -3.41 6.83
CA LEU A 106 -3.43 -2.79 6.33
C LEU A 106 -3.10 -1.49 7.07
N LYS A 107 -4.09 -0.77 7.64
CA LYS A 107 -3.84 0.29 8.60
C LYS A 107 -3.11 -0.29 9.79
N GLN A 108 -3.66 -1.33 10.43
CA GLN A 108 -3.08 -1.77 11.70
C GLN A 108 -1.63 -2.18 11.50
N MET A 109 -1.35 -2.81 10.37
CA MET A 109 -0.03 -3.17 9.87
C MET A 109 0.89 -1.95 9.84
N ILE A 110 0.56 -0.91 9.06
CA ILE A 110 1.47 0.21 8.84
C ILE A 110 1.66 1.01 10.14
N GLU A 111 0.58 1.33 10.85
CA GLU A 111 0.63 2.09 12.11
C GLU A 111 1.58 1.39 13.08
N PHE A 112 1.45 0.08 13.22
CA PHE A 112 2.32 -0.71 14.07
C PHE A 112 3.77 -0.65 13.57
N ASN A 113 4.00 -0.86 12.28
CA ASN A 113 5.34 -0.89 11.72
C ASN A 113 6.06 0.46 11.91
N ILE A 114 5.33 1.57 12.13
CA ILE A 114 5.89 2.81 12.63
C ILE A 114 6.13 2.70 14.15
N GLN A 115 5.07 2.52 14.95
CA GLN A 115 5.16 2.73 16.40
C GLN A 115 5.98 1.66 17.13
N ASP A 116 6.25 0.56 16.45
CA ASP A 116 7.14 -0.49 16.96
C ASP A 116 8.55 0.06 17.13
N LYS A 117 8.97 0.94 16.21
CA LYS A 117 10.31 1.52 16.10
C LYS A 117 10.52 2.68 17.08
N GLU A 118 9.57 2.91 18.00
CA GLU A 118 9.36 4.12 18.81
C GLU A 118 10.66 4.65 19.38
N GLY A 1 1.52 17.89 3.14
CA GLY A 1 1.87 18.27 1.76
C GLY A 1 0.96 17.60 0.74
N SER A 2 1.05 18.02 -0.52
CA SER A 2 0.41 17.34 -1.65
C SER A 2 1.11 16.01 -1.92
N HIS A 3 0.58 15.18 -2.83
CA HIS A 3 1.16 13.86 -3.09
C HIS A 3 0.77 13.28 -4.46
N MET A 4 -0.46 13.45 -4.96
CA MET A 4 -0.85 13.02 -6.30
C MET A 4 0.12 13.51 -7.36
N GLU A 5 0.66 14.72 -7.22
CA GLU A 5 1.68 15.28 -8.09
C GLU A 5 2.82 14.28 -8.38
N VAL A 6 3.31 13.59 -7.36
CA VAL A 6 4.37 12.62 -7.51
C VAL A 6 3.80 11.40 -8.24
N PHE A 7 2.67 10.88 -7.77
CA PHE A 7 2.16 9.57 -8.16
C PHE A 7 1.44 9.59 -9.51
N ALA A 8 1.18 10.77 -10.05
CA ALA A 8 0.30 11.00 -11.19
C ALA A 8 0.82 10.30 -12.44
N GLU A 9 2.14 10.30 -12.63
CA GLU A 9 2.79 9.68 -13.76
C GLU A 9 2.65 8.15 -13.77
N TYR A 10 2.37 7.55 -12.61
CA TYR A 10 2.04 6.14 -12.50
C TYR A 10 0.55 5.98 -12.84
N LEU A 11 -0.33 6.70 -12.15
CA LEU A 11 -1.79 6.64 -12.34
C LEU A 11 -2.19 6.81 -13.80
N LYS A 12 -1.55 7.73 -14.52
CA LYS A 12 -1.81 7.98 -15.93
C LYS A 12 -1.59 6.69 -16.75
N GLY A 13 -0.47 5.99 -16.51
CA GLY A 13 0.00 4.88 -17.32
C GLY A 13 -0.62 3.53 -16.95
N ILE A 14 -1.45 3.47 -15.89
CA ILE A 14 -2.33 2.35 -15.65
C ILE A 14 -3.35 2.35 -16.80
N ASP A 15 -3.09 1.56 -17.84
CA ASP A 15 -3.90 1.47 -19.06
C ASP A 15 -5.25 0.79 -18.83
N HIS A 16 -5.53 0.43 -17.58
CA HIS A 16 -6.75 -0.12 -17.03
C HIS A 16 -7.47 0.97 -16.21
N PRO A 17 -8.14 1.95 -16.84
CA PRO A 17 -8.91 2.97 -16.12
C PRO A 17 -10.10 2.38 -15.36
N ASP A 18 -10.57 1.18 -15.71
CA ASP A 18 -11.62 0.44 -15.00
C ASP A 18 -11.08 -0.31 -13.78
N HIS A 19 -9.79 -0.17 -13.47
CA HIS A 19 -9.10 -0.87 -12.39
C HIS A 19 -8.02 0.05 -11.78
N ARG A 20 -8.07 1.35 -12.05
CA ARG A 20 -7.08 2.36 -11.61
C ARG A 20 -7.50 2.94 -10.27
N ASP A 21 -8.75 3.38 -10.19
CA ASP A 21 -9.32 4.21 -9.11
C ASP A 21 -9.10 3.61 -7.72
N ARG A 22 -8.98 2.28 -7.65
CA ARG A 22 -8.65 1.60 -6.40
C ARG A 22 -7.39 2.23 -5.82
N THR A 23 -6.30 2.27 -6.59
CA THR A 23 -5.04 2.86 -6.16
C THR A 23 -5.19 4.35 -5.77
N GLU A 24 -6.06 5.09 -6.44
CA GLU A 24 -6.42 6.45 -6.08
C GLU A 24 -7.06 6.51 -4.68
N GLU A 25 -7.94 5.56 -4.33
CA GLU A 25 -8.46 5.45 -2.97
C GLU A 25 -7.30 5.20 -2.00
N ILE A 26 -6.48 4.15 -2.24
CA ILE A 26 -5.38 3.75 -1.35
C ILE A 26 -4.48 4.96 -1.06
N LEU A 27 -4.03 5.66 -2.11
CA LEU A 27 -3.03 6.71 -1.99
C LEU A 27 -3.56 7.85 -1.13
N SER A 28 -4.76 8.36 -1.45
CA SER A 28 -5.33 9.47 -0.71
C SER A 28 -5.65 9.06 0.73
N TRP A 29 -6.03 7.78 0.95
CA TRP A 29 -6.27 7.23 2.27
C TRP A 29 -4.99 7.19 3.09
N VAL A 30 -3.89 6.69 2.54
CA VAL A 30 -2.58 6.78 3.20
C VAL A 30 -2.29 8.23 3.58
N ALA A 31 -2.49 9.17 2.67
CA ALA A 31 -2.22 10.59 2.87
C ALA A 31 -3.22 11.31 3.78
N ALA A 32 -4.06 10.58 4.52
CA ALA A 32 -5.01 11.12 5.49
C ALA A 32 -5.13 10.28 6.77
N THR A 33 -5.02 8.95 6.70
CA THR A 33 -4.87 8.11 7.88
C THR A 33 -3.44 8.23 8.39
N PHE A 34 -2.45 8.27 7.48
CA PHE A 34 -1.05 8.37 7.85
C PHE A 34 -0.40 9.61 7.21
N PRO A 35 -0.77 10.81 7.67
CA PRO A 35 -0.24 12.06 7.15
C PRO A 35 1.24 12.27 7.48
N ASN A 36 1.84 11.37 8.27
CA ASN A 36 3.26 11.33 8.62
C ASN A 36 4.15 10.73 7.51
N LEU A 37 3.55 10.00 6.56
CA LEU A 37 4.26 9.46 5.40
C LEU A 37 4.42 10.55 4.33
N GLU A 38 5.54 10.53 3.60
CA GLU A 38 5.88 11.48 2.53
C GLU A 38 6.07 10.72 1.21
N PRO A 39 5.69 11.28 0.04
CA PRO A 39 5.71 10.57 -1.25
C PRO A 39 7.11 10.38 -1.83
N GLN A 40 7.34 9.27 -2.56
CA GLN A 40 8.61 8.93 -3.19
C GLN A 40 8.38 8.02 -4.41
N MET A 41 8.78 8.46 -5.62
CA MET A 41 8.82 7.64 -6.84
C MET A 41 10.08 6.77 -6.80
N LYS A 42 9.97 5.48 -6.49
CA LYS A 42 11.12 4.56 -6.45
C LYS A 42 10.76 3.26 -7.14
N TRP A 43 11.73 2.58 -7.75
CA TRP A 43 11.51 1.32 -8.47
C TRP A 43 10.45 1.39 -9.59
N ASN A 44 10.06 2.59 -10.03
CA ASN A 44 8.95 2.88 -10.93
C ASN A 44 7.60 2.58 -10.28
N THR A 45 7.54 2.67 -8.96
CA THR A 45 6.41 2.31 -8.12
C THR A 45 6.15 3.48 -7.15
N PRO A 46 4.90 3.64 -6.71
CA PRO A 46 4.52 4.56 -5.64
C PRO A 46 4.93 3.99 -4.29
N MET A 47 5.89 4.62 -3.61
CA MET A 47 6.17 4.34 -2.21
C MET A 47 6.05 5.62 -1.39
N PHE A 48 6.08 5.50 -0.06
CA PHE A 48 6.05 6.64 0.83
C PHE A 48 7.04 6.41 1.98
N SER A 49 7.31 7.47 2.74
CA SER A 49 8.42 7.51 3.65
C SER A 49 8.04 8.21 4.96
N ASN A 50 7.99 7.46 6.06
CA ASN A 50 7.61 8.01 7.36
C ASN A 50 8.77 8.86 7.82
N GLN A 51 8.63 10.17 7.68
CA GLN A 51 9.71 11.14 7.91
C GLN A 51 11.02 10.69 7.20
N GLY A 52 10.90 10.18 5.97
CA GLY A 52 12.05 9.80 5.16
C GLY A 52 12.46 8.32 5.25
N THR A 53 11.81 7.50 6.08
CA THR A 53 12.16 6.09 6.28
C THR A 53 11.52 5.23 5.16
N PHE A 54 11.75 3.92 5.13
CA PHE A 54 11.37 3.02 4.02
C PHE A 54 10.11 2.16 4.29
N ILE A 55 9.38 2.43 5.37
CA ILE A 55 8.38 1.56 6.01
C ILE A 55 7.09 1.34 5.16
N ILE A 56 6.99 1.74 3.89
CA ILE A 56 5.94 1.28 2.98
C ILE A 56 6.38 1.36 1.52
N GLY A 57 5.86 0.47 0.67
CA GLY A 57 5.84 0.59 -0.78
C GLY A 57 4.73 -0.30 -1.34
N PHE A 58 4.16 0.02 -2.51
CA PHE A 58 3.26 -0.88 -3.21
C PHE A 58 3.39 -0.69 -4.72
N SER A 59 2.93 -1.68 -5.47
CA SER A 59 2.84 -1.55 -6.91
C SER A 59 1.67 -2.35 -7.44
N THR A 60 1.17 -1.95 -8.60
CA THR A 60 0.16 -2.66 -9.36
C THR A 60 0.72 -3.99 -9.85
N SER A 61 -0.18 -4.93 -10.07
CA SER A 61 -0.04 -6.07 -10.94
C SER A 61 -1.35 -6.12 -11.73
N LYS A 62 -1.35 -6.88 -12.83
CA LYS A 62 -2.41 -6.87 -13.83
C LYS A 62 -3.81 -6.97 -13.24
N HIS A 63 -4.02 -7.80 -12.22
CA HIS A 63 -5.33 -8.04 -11.64
C HIS A 63 -5.38 -7.79 -10.13
N HIS A 64 -4.32 -7.21 -9.54
CA HIS A 64 -4.28 -6.95 -8.10
C HIS A 64 -3.26 -5.86 -7.74
N LEU A 65 -3.44 -5.22 -6.58
CA LEU A 65 -2.40 -4.37 -5.98
C LEU A 65 -1.49 -5.25 -5.13
N SER A 66 -0.24 -4.84 -4.86
CA SER A 66 0.72 -5.58 -4.04
C SER A 66 1.24 -4.68 -2.89
N VAL A 67 0.92 -4.96 -1.62
CA VAL A 67 1.08 -4.08 -0.45
C VAL A 67 1.86 -4.80 0.66
N SER A 68 2.74 -4.06 1.35
CA SER A 68 3.38 -4.39 2.62
C SER A 68 4.00 -3.11 3.21
N PRO A 69 4.28 -3.03 4.53
CA PRO A 69 5.10 -1.96 5.05
C PRO A 69 6.60 -2.29 4.90
N GLU A 70 7.05 -3.40 5.48
CA GLU A 70 8.35 -4.01 5.27
C GLU A 70 8.04 -5.50 5.10
N GLU A 71 7.96 -6.22 6.23
CA GLU A 71 7.82 -7.66 6.30
C GLU A 71 6.80 -8.07 7.37
N ILE A 72 6.64 -7.30 8.45
CA ILE A 72 5.92 -7.76 9.64
C ILE A 72 4.46 -8.09 9.33
N GLY A 73 3.88 -7.34 8.38
CA GLY A 73 2.55 -7.55 7.82
C GLY A 73 2.36 -8.96 7.23
N ILE A 74 3.43 -9.57 6.73
CA ILE A 74 3.46 -10.90 6.13
C ILE A 74 3.92 -11.94 7.15
N SER A 75 4.34 -11.50 8.34
CA SER A 75 4.77 -12.34 9.42
C SER A 75 3.60 -12.54 10.39
N GLN A 76 3.31 -11.58 11.28
CA GLN A 76 2.32 -11.77 12.34
C GLN A 76 0.92 -11.50 11.80
N PHE A 77 0.76 -10.50 10.92
CA PHE A 77 -0.57 -10.10 10.47
C PHE A 77 -1.09 -11.03 9.35
N ALA A 78 -0.23 -11.89 8.79
CA ALA A 78 -0.56 -12.76 7.68
C ALA A 78 -1.67 -13.77 8.03
N ASP A 79 -1.82 -14.11 9.30
CA ASP A 79 -2.89 -15.02 9.71
C ASP A 79 -4.24 -14.34 9.52
N ALA A 80 -4.40 -13.13 10.07
CA ALA A 80 -5.59 -12.32 9.91
C ALA A 80 -5.88 -12.01 8.42
N ILE A 81 -4.85 -11.77 7.60
CA ILE A 81 -4.99 -11.59 6.15
C ILE A 81 -5.61 -12.87 5.55
N ALA A 82 -5.01 -14.03 5.85
CA ALA A 82 -5.44 -15.30 5.28
C ALA A 82 -6.87 -15.61 5.67
N GLN A 83 -7.19 -15.48 6.96
CA GLN A 83 -8.52 -15.65 7.53
C GLN A 83 -9.54 -14.80 6.80
N ALA A 84 -9.23 -13.54 6.51
CA ALA A 84 -10.11 -12.62 5.82
C ALA A 84 -10.31 -12.99 4.34
N GLY A 85 -9.59 -14.00 3.83
CA GLY A 85 -9.75 -14.56 2.49
C GLY A 85 -8.76 -13.99 1.48
N TYR A 86 -7.76 -13.23 1.92
CA TYR A 86 -6.82 -12.57 1.02
C TYR A 86 -5.52 -13.34 0.91
N SER A 87 -4.76 -13.01 -0.12
CA SER A 87 -3.85 -13.94 -0.77
C SER A 87 -2.44 -13.34 -0.77
N ALA A 88 -1.64 -13.65 0.25
CA ALA A 88 -0.28 -13.14 0.40
C ALA A 88 0.72 -13.89 -0.48
N THR A 89 1.91 -13.31 -0.65
CA THR A 89 3.16 -14.01 -0.92
C THR A 89 3.95 -14.01 0.41
N LYS A 90 5.25 -14.30 0.39
CA LYS A 90 6.07 -14.33 1.60
C LYS A 90 6.79 -12.99 1.86
N GLY A 91 6.64 -12.00 0.99
CA GLY A 91 7.27 -10.68 1.11
C GLY A 91 6.35 -9.52 0.75
N LEU A 92 5.10 -9.78 0.32
CA LEU A 92 4.02 -8.79 0.29
C LEU A 92 2.68 -9.52 0.34
N PHE A 93 1.57 -8.79 0.38
CA PHE A 93 0.25 -9.36 0.13
C PHE A 93 -0.46 -8.63 -1.01
N ARG A 94 -1.52 -9.23 -1.56
CA ARG A 94 -2.26 -8.59 -2.65
C ARG A 94 -3.76 -8.77 -2.50
N ILE A 95 -4.53 -7.82 -3.03
CA ILE A 95 -5.98 -7.86 -3.11
C ILE A 95 -6.32 -7.71 -4.60
N PRO A 96 -7.35 -8.40 -5.13
CA PRO A 96 -7.74 -8.29 -6.54
C PRO A 96 -8.54 -7.01 -6.79
N TRP A 97 -8.46 -6.46 -8.01
CA TRP A 97 -9.12 -5.18 -8.34
C TRP A 97 -10.65 -5.20 -8.22
N ASN A 98 -11.27 -6.38 -8.26
CA ASN A 98 -12.71 -6.52 -8.05
C ASN A 98 -13.11 -6.28 -6.60
N ASP A 99 -12.25 -6.65 -5.65
CA ASP A 99 -12.67 -7.05 -4.31
C ASP A 99 -12.03 -6.12 -3.27
N PRO A 100 -12.56 -6.03 -2.05
CA PRO A 100 -12.31 -4.87 -1.22
C PRO A 100 -10.96 -4.96 -0.53
N VAL A 101 -10.31 -3.81 -0.51
CA VAL A 101 -8.99 -3.61 0.04
C VAL A 101 -9.18 -3.36 1.53
N HIS A 102 -8.75 -4.31 2.37
CA HIS A 102 -8.93 -4.29 3.80
C HIS A 102 -8.06 -3.23 4.47
N TYR A 103 -8.58 -2.01 4.53
CA TYR A 103 -7.91 -0.85 5.10
C TYR A 103 -7.65 -1.03 6.58
N GLU A 104 -8.59 -1.63 7.32
CA GLU A 104 -8.47 -1.85 8.74
C GLU A 104 -7.22 -2.67 9.04
N LEU A 105 -7.14 -3.86 8.45
CA LEU A 105 -6.11 -4.83 8.76
C LEU A 105 -4.73 -4.25 8.39
N LEU A 106 -4.65 -3.57 7.25
CA LEU A 106 -3.41 -2.98 6.78
C LEU A 106 -3.04 -1.70 7.55
N LYS A 107 -3.99 -0.94 8.14
CA LYS A 107 -3.64 0.21 8.97
C LYS A 107 -2.96 -0.24 10.26
N GLN A 108 -3.37 -1.38 10.83
CA GLN A 108 -2.71 -1.89 12.03
C GLN A 108 -1.22 -2.08 11.75
N MET A 109 -0.88 -2.91 10.75
CA MET A 109 0.50 -3.27 10.48
C MET A 109 1.33 -2.06 10.11
N ILE A 110 0.82 -1.16 9.26
CA ILE A 110 1.62 -0.04 8.79
C ILE A 110 1.89 0.94 9.96
N GLU A 111 0.88 1.29 10.77
CA GLU A 111 1.10 2.20 11.90
C GLU A 111 2.00 1.54 12.95
N PHE A 112 1.81 0.24 13.23
CA PHE A 112 2.65 -0.47 14.18
C PHE A 112 4.10 -0.49 13.71
N ASN A 113 4.35 -0.83 12.45
CA ASN A 113 5.70 -0.88 11.87
C ASN A 113 6.38 0.49 11.95
N ILE A 114 5.67 1.58 12.25
CA ILE A 114 6.25 2.89 12.50
C ILE A 114 6.44 3.11 14.00
N GLN A 115 5.43 2.89 14.84
CA GLN A 115 5.59 3.09 16.29
C GLN A 115 6.47 2.02 16.94
N ASP A 116 7.03 1.08 16.16
CA ASP A 116 8.13 0.19 16.55
C ASP A 116 9.51 0.82 16.28
N LYS A 117 9.55 1.88 15.48
CA LYS A 117 10.76 2.47 14.92
C LYS A 117 10.97 3.85 15.50
N GLU A 118 10.57 4.03 16.75
CA GLU A 118 11.11 5.10 17.58
C GLU A 118 12.62 4.96 17.65
N GLY A 1 3.34 20.65 1.88
CA GLY A 1 3.78 20.11 0.59
C GLY A 1 2.65 19.33 -0.07
N SER A 2 2.56 19.39 -1.41
CA SER A 2 1.65 18.56 -2.18
C SER A 2 2.03 17.08 -2.05
N HIS A 3 1.21 16.18 -2.59
CA HIS A 3 1.56 14.75 -2.70
C HIS A 3 1.18 14.16 -4.06
N MET A 4 0.00 14.49 -4.60
CA MET A 4 -0.51 13.85 -5.80
C MET A 4 0.41 14.03 -7.01
N GLU A 5 1.11 15.17 -7.11
CA GLU A 5 1.99 15.43 -8.24
C GLU A 5 3.08 14.37 -8.40
N VAL A 6 3.60 13.85 -7.29
CA VAL A 6 4.60 12.78 -7.28
C VAL A 6 4.02 11.52 -7.92
N PHE A 7 2.79 11.17 -7.54
CA PHE A 7 2.19 9.88 -7.83
C PHE A 7 1.41 9.86 -9.14
N ALA A 8 1.19 11.01 -9.77
CA ALA A 8 0.28 11.21 -10.89
C ALA A 8 0.73 10.40 -12.11
N GLU A 9 2.02 10.46 -12.42
CA GLU A 9 2.62 9.80 -13.56
C GLU A 9 2.41 8.28 -13.55
N TYR A 10 2.23 7.71 -12.35
CA TYR A 10 1.96 6.30 -12.16
C TYR A 10 0.50 6.02 -12.49
N LEU A 11 -0.42 6.79 -11.89
CA LEU A 11 -1.86 6.69 -12.14
C LEU A 11 -2.14 6.75 -13.63
N LYS A 12 -1.58 7.76 -14.30
CA LYS A 12 -1.65 7.91 -15.75
C LYS A 12 -1.06 6.69 -16.45
N GLY A 13 0.07 6.20 -15.95
CA GLY A 13 0.81 5.10 -16.50
C GLY A 13 0.08 3.75 -16.45
N ILE A 14 -0.69 3.47 -15.38
CA ILE A 14 -1.53 2.29 -15.24
C ILE A 14 -2.44 2.23 -16.46
N ASP A 15 -2.17 1.27 -17.33
CA ASP A 15 -2.79 1.15 -18.65
C ASP A 15 -4.24 0.66 -18.58
N HIS A 16 -4.69 0.37 -17.37
CA HIS A 16 -5.95 -0.28 -17.03
C HIS A 16 -6.75 0.66 -16.12
N PRO A 17 -7.38 1.71 -16.69
CA PRO A 17 -8.09 2.73 -15.92
C PRO A 17 -9.27 2.18 -15.13
N ASP A 18 -9.81 1.02 -15.51
CA ASP A 18 -10.92 0.42 -14.78
C ASP A 18 -10.51 0.03 -13.36
N HIS A 19 -9.21 -0.11 -13.10
CA HIS A 19 -8.64 -0.67 -11.88
C HIS A 19 -7.68 0.35 -11.23
N ARG A 20 -7.12 1.28 -12.02
CA ARG A 20 -6.30 2.39 -11.54
C ARG A 20 -7.01 3.11 -10.39
N ASP A 21 -8.30 3.37 -10.55
CA ASP A 21 -9.17 4.03 -9.58
C ASP A 21 -9.07 3.44 -8.17
N ARG A 22 -8.82 2.14 -8.00
CA ARG A 22 -8.63 1.56 -6.65
C ARG A 22 -7.35 2.05 -5.97
N THR A 23 -6.44 2.66 -6.72
CA THR A 23 -5.08 2.96 -6.29
C THR A 23 -4.99 4.43 -5.89
N GLU A 24 -5.70 5.33 -6.58
CA GLU A 24 -5.80 6.73 -6.17
C GLU A 24 -6.63 6.88 -4.89
N GLU A 25 -7.55 5.95 -4.64
CA GLU A 25 -8.28 5.79 -3.38
C GLU A 25 -7.29 5.62 -2.22
N ILE A 26 -6.50 4.54 -2.28
CA ILE A 26 -5.45 4.24 -1.32
C ILE A 26 -4.42 5.37 -1.20
N LEU A 27 -3.98 5.96 -2.31
CA LEU A 27 -2.94 7.00 -2.27
C LEU A 27 -3.41 8.15 -1.37
N SER A 28 -4.62 8.67 -1.58
CA SER A 28 -5.17 9.71 -0.73
C SER A 28 -5.42 9.21 0.69
N TRP A 29 -5.86 7.95 0.87
CA TRP A 29 -6.07 7.36 2.19
C TRP A 29 -4.78 7.38 3.02
N VAL A 30 -3.67 6.87 2.49
CA VAL A 30 -2.40 6.85 3.18
C VAL A 30 -1.93 8.28 3.44
N ALA A 31 -2.09 9.17 2.44
CA ALA A 31 -1.77 10.59 2.55
C ALA A 31 -2.74 11.39 3.43
N ALA A 32 -3.69 10.72 4.09
CA ALA A 32 -4.62 11.30 5.05
C ALA A 32 -4.44 10.65 6.42
N THR A 33 -4.69 9.35 6.57
CA THR A 33 -4.56 8.70 7.87
C THR A 33 -3.12 8.74 8.39
N PHE A 34 -2.09 8.70 7.52
CA PHE A 34 -0.70 8.58 7.96
C PHE A 34 0.14 9.77 7.45
N PRO A 35 -0.12 11.00 7.93
CA PRO A 35 0.50 12.23 7.43
C PRO A 35 1.96 12.39 7.92
N ASN A 36 2.39 11.56 8.88
CA ASN A 36 3.75 11.32 9.26
C ASN A 36 4.62 10.77 8.12
N LEU A 37 4.01 10.18 7.09
CA LEU A 37 4.70 9.72 5.90
C LEU A 37 4.73 10.87 4.90
N GLU A 38 5.63 10.81 3.92
CA GLU A 38 5.85 11.81 2.88
C GLU A 38 6.00 11.09 1.53
N PRO A 39 5.61 11.71 0.41
CA PRO A 39 5.59 11.06 -0.89
C PRO A 39 7.00 10.75 -1.40
N GLN A 40 7.15 9.63 -2.14
CA GLN A 40 8.39 9.23 -2.77
C GLN A 40 8.04 8.26 -3.91
N MET A 41 8.38 8.60 -5.16
CA MET A 41 8.34 7.65 -6.28
C MET A 41 9.67 6.88 -6.28
N LYS A 42 9.61 5.55 -6.12
CA LYS A 42 10.81 4.71 -6.02
C LYS A 42 10.59 3.40 -6.77
N TRP A 43 11.56 2.93 -7.56
CA TRP A 43 11.45 1.69 -8.33
C TRP A 43 10.23 1.67 -9.28
N ASN A 44 9.74 2.84 -9.68
CA ASN A 44 8.49 3.07 -10.44
C ASN A 44 7.24 2.77 -9.63
N THR A 45 7.38 2.55 -8.32
CA THR A 45 6.29 2.23 -7.41
C THR A 45 6.08 3.40 -6.44
N PRO A 46 4.83 3.66 -6.07
CA PRO A 46 4.54 4.60 -5.00
C PRO A 46 4.94 4.04 -3.63
N MET A 47 5.74 4.80 -2.90
CA MET A 47 6.06 4.55 -1.49
C MET A 47 5.92 5.85 -0.72
N PHE A 48 6.01 5.76 0.61
CA PHE A 48 5.76 6.88 1.51
C PHE A 48 6.84 6.84 2.60
N SER A 49 7.83 7.72 2.56
CA SER A 49 8.91 7.75 3.52
C SER A 49 8.41 8.34 4.84
N ASN A 50 8.58 7.65 5.96
CA ASN A 50 8.35 8.20 7.31
C ASN A 50 9.50 9.16 7.61
N GLN A 51 9.39 10.40 7.15
CA GLN A 51 10.46 11.39 7.00
C GLN A 51 11.71 10.99 6.20
N GLY A 52 11.98 9.72 6.01
CA GLY A 52 13.24 9.24 5.49
C GLY A 52 13.46 7.77 5.84
N THR A 53 12.41 6.96 5.76
CA THR A 53 12.51 5.50 5.95
C THR A 53 11.89 4.77 4.75
N PHE A 54 11.82 3.44 4.79
CA PHE A 54 11.35 2.56 3.72
C PHE A 54 10.22 1.63 4.22
N ILE A 55 9.41 2.10 5.18
CA ILE A 55 8.45 1.30 5.94
C ILE A 55 7.26 0.85 5.06
N ILE A 56 7.18 1.21 3.78
CA ILE A 56 6.03 0.89 2.93
C ILE A 56 6.38 0.99 1.45
N GLY A 57 5.75 0.15 0.62
CA GLY A 57 5.58 0.37 -0.81
C GLY A 57 4.43 -0.48 -1.36
N PHE A 58 3.82 -0.06 -2.49
CA PHE A 58 2.87 -0.90 -3.21
C PHE A 58 2.92 -0.66 -4.71
N SER A 59 2.52 -1.66 -5.50
CA SER A 59 2.35 -1.51 -6.94
C SER A 59 1.15 -2.32 -7.38
N THR A 60 0.54 -1.90 -8.47
CA THR A 60 -0.52 -2.60 -9.16
C THR A 60 0.06 -3.84 -9.85
N SER A 61 -0.81 -4.80 -10.16
CA SER A 61 -0.47 -6.08 -10.77
C SER A 61 -1.61 -6.52 -11.71
N LYS A 62 -1.48 -7.68 -12.37
CA LYS A 62 -2.37 -8.13 -13.45
C LYS A 62 -3.83 -8.17 -13.01
N HIS A 63 -4.13 -8.98 -12.00
CA HIS A 63 -5.49 -9.23 -11.51
C HIS A 63 -5.63 -8.86 -10.04
N HIS A 64 -4.61 -8.21 -9.47
CA HIS A 64 -4.53 -7.91 -8.06
C HIS A 64 -3.67 -6.66 -7.87
N LEU A 65 -3.62 -6.16 -6.64
CA LEU A 65 -2.68 -5.17 -6.14
C LEU A 65 -1.59 -5.91 -5.34
N SER A 66 -0.40 -5.34 -5.13
CA SER A 66 0.67 -5.91 -4.31
C SER A 66 1.12 -4.93 -3.22
N VAL A 67 0.87 -5.25 -1.96
CA VAL A 67 1.02 -4.36 -0.80
C VAL A 67 1.93 -5.02 0.25
N SER A 68 2.74 -4.25 0.99
CA SER A 68 3.47 -4.68 2.19
C SER A 68 3.98 -3.40 2.90
N PRO A 69 4.27 -3.41 4.22
CA PRO A 69 5.13 -2.39 4.78
C PRO A 69 6.59 -2.73 4.47
N GLU A 70 7.05 -3.91 4.85
CA GLU A 70 8.42 -4.39 4.74
C GLU A 70 8.33 -5.91 4.61
N GLU A 71 8.25 -6.59 5.76
CA GLU A 71 8.36 -8.03 5.92
C GLU A 71 7.35 -8.55 6.97
N ILE A 72 7.28 -7.92 8.15
CA ILE A 72 6.42 -8.37 9.25
C ILE A 72 4.96 -8.42 8.82
N GLY A 73 4.55 -7.49 7.96
CA GLY A 73 3.24 -7.47 7.33
C GLY A 73 2.88 -8.87 6.84
N ILE A 74 3.79 -9.54 6.13
CA ILE A 74 3.52 -10.76 5.41
C ILE A 74 3.80 -12.00 6.28
N SER A 75 4.28 -11.82 7.52
CA SER A 75 4.40 -12.94 8.45
C SER A 75 3.32 -12.89 9.52
N GLN A 76 3.23 -11.78 10.23
CA GLN A 76 2.42 -11.59 11.43
C GLN A 76 0.99 -11.39 10.96
N PHE A 77 0.78 -10.39 10.10
CA PHE A 77 -0.56 -10.00 9.71
C PHE A 77 -1.10 -10.91 8.62
N ALA A 78 -0.23 -11.64 7.91
CA ALA A 78 -0.65 -12.58 6.87
C ALA A 78 -1.60 -13.66 7.38
N ASP A 79 -1.60 -13.94 8.68
CA ASP A 79 -2.56 -14.86 9.29
C ASP A 79 -3.96 -14.27 9.16
N ALA A 80 -4.17 -13.09 9.76
CA ALA A 80 -5.42 -12.36 9.72
C ALA A 80 -5.89 -12.09 8.28
N ILE A 81 -4.96 -11.80 7.35
CA ILE A 81 -5.25 -11.57 5.93
C ILE A 81 -5.72 -12.86 5.27
N ALA A 82 -5.05 -13.98 5.53
CA ALA A 82 -5.41 -15.27 4.95
C ALA A 82 -6.83 -15.62 5.36
N GLN A 83 -7.13 -15.56 6.65
CA GLN A 83 -8.46 -15.84 7.17
C GLN A 83 -9.49 -14.80 6.79
N ALA A 84 -9.08 -13.57 6.44
CA ALA A 84 -10.01 -12.59 5.90
C ALA A 84 -10.44 -12.98 4.49
N GLY A 85 -9.67 -13.82 3.79
CA GLY A 85 -10.04 -14.44 2.52
C GLY A 85 -9.04 -14.17 1.39
N TYR A 86 -7.85 -13.61 1.66
CA TYR A 86 -6.93 -13.18 0.62
C TYR A 86 -5.66 -14.06 0.61
N SER A 87 -5.36 -14.70 -0.52
CA SER A 87 -4.16 -15.51 -0.71
C SER A 87 -2.92 -14.61 -0.91
N ALA A 88 -2.32 -14.17 0.20
CA ALA A 88 -1.04 -13.44 0.19
C ALA A 88 0.06 -14.26 -0.47
N THR A 89 1.22 -13.64 -0.71
CA THR A 89 2.44 -14.35 -1.08
C THR A 89 3.32 -14.45 0.18
N LYS A 90 4.56 -14.93 0.04
CA LYS A 90 5.49 -14.95 1.16
C LYS A 90 6.20 -13.61 1.36
N GLY A 91 6.24 -12.73 0.35
CA GLY A 91 7.08 -11.53 0.35
C GLY A 91 6.28 -10.23 0.18
N LEU A 92 5.02 -10.31 -0.25
CA LEU A 92 4.03 -9.23 -0.23
C LEU A 92 2.62 -9.83 -0.08
N PHE A 93 1.60 -9.04 0.26
CA PHE A 93 0.21 -9.49 0.22
C PHE A 93 -0.53 -8.87 -0.94
N ARG A 94 -1.64 -9.49 -1.35
CA ARG A 94 -2.28 -9.18 -2.62
C ARG A 94 -3.78 -9.41 -2.53
N ILE A 95 -4.55 -8.54 -3.16
CA ILE A 95 -6.02 -8.48 -3.08
C ILE A 95 -6.52 -8.57 -4.52
N PRO A 96 -7.65 -9.24 -4.81
CA PRO A 96 -8.19 -9.26 -6.18
C PRO A 96 -8.66 -7.86 -6.56
N TRP A 97 -8.64 -7.54 -7.85
CA TRP A 97 -9.29 -6.34 -8.34
C TRP A 97 -10.81 -6.37 -8.15
N ASN A 98 -11.42 -7.56 -8.10
CA ASN A 98 -12.86 -7.73 -7.88
C ASN A 98 -13.30 -7.18 -6.52
N ASP A 99 -12.90 -7.87 -5.44
CA ASP A 99 -13.43 -7.61 -4.10
C ASP A 99 -12.86 -6.31 -3.56
N PRO A 100 -13.54 -5.66 -2.59
CA PRO A 100 -13.01 -4.49 -1.92
C PRO A 100 -11.82 -4.85 -1.04
N VAL A 101 -11.05 -3.82 -0.71
CA VAL A 101 -9.82 -3.85 0.07
C VAL A 101 -10.17 -3.80 1.56
N HIS A 102 -9.53 -4.61 2.40
CA HIS A 102 -9.53 -4.41 3.85
C HIS A 102 -8.57 -3.26 4.14
N TYR A 103 -9.08 -2.04 4.40
CA TYR A 103 -8.26 -0.94 4.91
C TYR A 103 -7.90 -1.16 6.38
N GLU A 104 -8.57 -2.06 7.10
CA GLU A 104 -8.36 -2.26 8.53
C GLU A 104 -6.97 -2.83 8.80
N LEU A 105 -6.69 -4.06 8.34
CA LEU A 105 -5.41 -4.72 8.59
C LEU A 105 -4.30 -3.86 8.04
N LEU A 106 -4.56 -3.25 6.88
CA LEU A 106 -3.77 -2.27 6.18
C LEU A 106 -3.26 -1.14 7.06
N LYS A 107 -4.13 -0.60 7.91
CA LYS A 107 -3.85 0.45 8.88
C LYS A 107 -2.99 -0.13 10.00
N GLN A 108 -3.38 -1.27 10.54
CA GLN A 108 -2.74 -1.84 11.71
C GLN A 108 -1.26 -2.08 11.41
N MET A 109 -0.98 -2.74 10.28
CA MET A 109 0.36 -3.08 9.79
C MET A 109 1.19 -1.89 9.32
N ILE A 110 0.73 -0.64 9.43
CA ILE A 110 1.51 0.53 9.10
C ILE A 110 1.64 1.42 10.33
N GLU A 111 0.55 1.74 11.05
CA GLU A 111 0.62 2.55 12.26
C GLU A 111 1.53 1.85 13.28
N PHE A 112 1.36 0.53 13.46
CA PHE A 112 2.27 -0.25 14.28
C PHE A 112 3.71 -0.11 13.76
N ASN A 113 3.93 -0.30 12.45
CA ASN A 113 5.25 -0.35 11.87
C ASN A 113 6.00 0.97 12.00
N ILE A 114 5.29 2.09 12.24
CA ILE A 114 5.89 3.37 12.60
C ILE A 114 6.20 3.37 14.10
N GLN A 115 5.20 3.11 14.96
CA GLN A 115 5.40 3.27 16.41
C GLN A 115 6.31 2.19 17.00
N ASP A 116 6.60 1.15 16.23
CA ASP A 116 7.58 0.13 16.57
C ASP A 116 9.01 0.60 16.29
N LYS A 117 9.16 1.61 15.42
CA LYS A 117 10.41 2.30 15.09
C LYS A 117 10.56 3.55 15.97
N GLU A 118 10.10 3.43 17.21
CA GLU A 118 10.37 4.35 18.30
C GLU A 118 11.86 4.47 18.58
N GLY A 1 4.60 19.62 0.46
CA GLY A 1 3.49 20.01 -0.43
C GLY A 1 2.43 18.94 -0.48
N SER A 2 1.88 18.70 -1.67
CA SER A 2 0.93 17.65 -1.92
C SER A 2 1.59 16.28 -1.82
N HIS A 3 0.81 15.21 -1.98
CA HIS A 3 1.31 13.86 -2.25
C HIS A 3 0.88 13.42 -3.65
N MET A 4 -0.36 13.74 -4.06
CA MET A 4 -0.91 13.38 -5.36
C MET A 4 0.00 13.84 -6.50
N GLU A 5 0.69 14.98 -6.38
CA GLU A 5 1.53 15.48 -7.47
C GLU A 5 2.59 14.46 -7.88
N VAL A 6 3.21 13.82 -6.89
CA VAL A 6 4.31 12.90 -7.08
C VAL A 6 3.84 11.66 -7.86
N PHE A 7 2.64 11.18 -7.55
CA PHE A 7 2.18 9.87 -8.01
C PHE A 7 1.30 9.95 -9.25
N ALA A 8 0.72 11.11 -9.57
CA ALA A 8 -0.38 11.19 -10.53
C ALA A 8 0.07 10.80 -11.93
N GLU A 9 1.32 11.10 -12.26
CA GLU A 9 2.00 10.66 -13.48
C GLU A 9 1.85 9.15 -13.69
N TYR A 10 2.02 8.37 -12.63
CA TYR A 10 1.92 6.93 -12.67
C TYR A 10 0.47 6.49 -12.84
N LEU A 11 -0.47 7.11 -12.12
CA LEU A 11 -1.90 6.80 -12.25
C LEU A 11 -2.32 7.00 -13.70
N LYS A 12 -1.94 8.12 -14.31
CA LYS A 12 -2.15 8.36 -15.74
C LYS A 12 -1.55 7.24 -16.57
N GLY A 13 -0.34 6.81 -16.22
CA GLY A 13 0.42 5.84 -16.97
C GLY A 13 -0.22 4.46 -16.99
N ILE A 14 -1.04 4.11 -15.99
CA ILE A 14 -1.82 2.89 -15.99
C ILE A 14 -2.82 2.97 -17.16
N ASP A 15 -2.59 2.13 -18.19
CA ASP A 15 -3.42 1.98 -19.39
C ASP A 15 -4.74 1.25 -19.15
N HIS A 16 -4.88 0.72 -17.93
CA HIS A 16 -5.98 -0.12 -17.49
C HIS A 16 -6.79 0.62 -16.40
N PRO A 17 -7.54 1.68 -16.76
CA PRO A 17 -8.17 2.59 -15.80
C PRO A 17 -9.19 1.91 -14.88
N ASP A 18 -9.84 0.83 -15.32
CA ASP A 18 -10.81 0.08 -14.50
C ASP A 18 -10.15 -0.56 -13.28
N HIS A 19 -8.82 -0.53 -13.19
CA HIS A 19 -8.01 -1.10 -12.13
C HIS A 19 -7.12 -0.02 -11.51
N ARG A 20 -7.00 1.13 -12.17
CA ARG A 20 -6.24 2.28 -11.71
C ARG A 20 -6.91 2.87 -10.48
N ASP A 21 -8.19 3.24 -10.58
CA ASP A 21 -8.84 4.15 -9.65
C ASP A 21 -8.89 3.59 -8.22
N ARG A 22 -8.96 2.26 -8.07
CA ARG A 22 -8.79 1.55 -6.79
C ARG A 22 -7.56 2.05 -6.04
N THR A 23 -6.43 2.09 -6.73
CA THR A 23 -5.11 2.48 -6.21
C THR A 23 -5.14 3.93 -5.66
N GLU A 24 -5.75 4.85 -6.41
CA GLU A 24 -5.99 6.24 -6.07
C GLU A 24 -6.68 6.41 -4.71
N GLU A 25 -7.58 5.50 -4.35
CA GLU A 25 -8.32 5.56 -3.10
C GLU A 25 -7.41 5.32 -1.90
N ILE A 26 -6.59 4.26 -1.96
CA ILE A 26 -5.57 3.97 -0.94
C ILE A 26 -4.65 5.17 -0.79
N LEU A 27 -4.12 5.70 -1.90
CA LEU A 27 -3.08 6.73 -1.85
C LEU A 27 -3.56 7.93 -1.03
N SER A 28 -4.76 8.42 -1.33
CA SER A 28 -5.36 9.56 -0.64
C SER A 28 -5.65 9.21 0.83
N TRP A 29 -6.14 8.00 1.10
CA TRP A 29 -6.44 7.53 2.44
C TRP A 29 -5.18 7.47 3.31
N VAL A 30 -4.05 7.04 2.75
CA VAL A 30 -2.77 7.06 3.46
C VAL A 30 -2.47 8.50 3.87
N ALA A 31 -2.59 9.49 2.98
CA ALA A 31 -2.34 10.89 3.30
C ALA A 31 -3.30 11.45 4.34
N ALA A 32 -4.37 10.73 4.71
CA ALA A 32 -5.30 11.11 5.75
C ALA A 32 -5.00 10.38 7.05
N THR A 33 -5.05 9.04 7.07
CA THR A 33 -4.84 8.31 8.32
C THR A 33 -3.36 8.41 8.75
N PHE A 34 -2.42 8.36 7.80
CA PHE A 34 -1.00 8.31 8.06
C PHE A 34 -0.32 9.50 7.32
N PRO A 35 -0.61 10.76 7.69
CA PRO A 35 -0.02 11.93 7.03
C PRO A 35 1.48 12.04 7.35
N ASN A 36 2.00 11.26 8.30
CA ASN A 36 3.40 11.23 8.69
C ASN A 36 4.31 10.64 7.61
N LEU A 37 3.80 9.73 6.77
CA LEU A 37 4.54 9.27 5.62
C LEU A 37 4.61 10.40 4.61
N GLU A 38 5.72 10.45 3.88
CA GLU A 38 6.02 11.46 2.88
C GLU A 38 6.31 10.74 1.57
N PRO A 39 5.99 11.33 0.42
CA PRO A 39 6.06 10.68 -0.88
C PRO A 39 7.51 10.57 -1.39
N GLN A 40 7.81 9.51 -2.15
CA GLN A 40 9.07 9.30 -2.85
C GLN A 40 8.84 8.21 -3.90
N MET A 41 8.30 8.51 -5.08
CA MET A 41 8.10 7.47 -6.09
C MET A 41 9.47 7.03 -6.63
N LYS A 42 9.70 5.71 -6.74
CA LYS A 42 11.00 5.12 -7.04
C LYS A 42 10.82 3.74 -7.69
N TRP A 43 11.77 3.30 -8.51
CA TRP A 43 11.68 2.09 -9.34
C TRP A 43 10.35 2.01 -10.13
N ASN A 44 9.78 3.17 -10.46
CA ASN A 44 8.49 3.33 -11.12
C ASN A 44 7.32 2.91 -10.23
N THR A 45 7.47 2.93 -8.90
CA THR A 45 6.47 2.49 -7.93
C THR A 45 6.20 3.64 -6.94
N PRO A 46 4.95 3.82 -6.50
CA PRO A 46 4.64 4.64 -5.35
C PRO A 46 5.08 3.90 -4.07
N MET A 47 5.90 4.57 -3.28
CA MET A 47 6.23 4.18 -1.91
C MET A 47 6.21 5.46 -1.08
N PHE A 48 6.15 5.29 0.24
CA PHE A 48 6.21 6.40 1.17
C PHE A 48 7.30 6.11 2.18
N SER A 49 7.79 7.16 2.81
CA SER A 49 8.93 7.15 3.71
C SER A 49 8.44 7.83 4.97
N ASN A 50 8.54 7.20 6.15
CA ASN A 50 8.23 7.90 7.39
C ASN A 50 9.42 8.81 7.66
N GLN A 51 9.38 9.98 7.04
CA GLN A 51 10.41 11.01 7.06
C GLN A 51 11.75 10.61 6.40
N GLY A 52 11.95 9.33 6.09
CA GLY A 52 13.05 8.82 5.26
C GLY A 52 13.02 7.32 4.94
N THR A 53 12.14 6.54 5.57
CA THR A 53 12.22 5.07 5.63
C THR A 53 11.61 4.36 4.40
N PHE A 54 11.38 3.04 4.48
CA PHE A 54 10.78 2.20 3.45
C PHE A 54 9.58 1.40 4.03
N ILE A 55 8.93 1.91 5.07
CA ILE A 55 7.91 1.19 5.84
C ILE A 55 6.62 0.94 5.02
N ILE A 56 6.49 1.38 3.76
CA ILE A 56 5.40 1.00 2.88
C ILE A 56 5.72 1.26 1.41
N GLY A 57 5.28 0.37 0.52
CA GLY A 57 5.16 0.64 -0.92
C GLY A 57 4.23 -0.37 -1.59
N PHE A 58 3.66 -0.02 -2.74
CA PHE A 58 2.80 -0.91 -3.52
C PHE A 58 2.97 -0.62 -5.01
N SER A 59 2.99 -1.62 -5.89
CA SER A 59 3.23 -1.46 -7.32
C SER A 59 2.20 -2.28 -8.09
N THR A 60 1.29 -1.65 -8.84
CA THR A 60 0.13 -2.32 -9.41
C THR A 60 0.56 -3.55 -10.24
N SER A 61 -0.11 -4.69 -10.06
CA SER A 61 0.12 -5.87 -10.88
C SER A 61 -1.12 -6.11 -11.74
N LYS A 62 -0.94 -6.95 -12.76
CA LYS A 62 -1.85 -7.11 -13.89
C LYS A 62 -3.28 -7.45 -13.47
N HIS A 63 -3.50 -8.08 -12.32
CA HIS A 63 -4.83 -8.44 -11.81
C HIS A 63 -4.99 -8.17 -10.29
N HIS A 64 -3.97 -7.65 -9.61
CA HIS A 64 -3.95 -7.55 -8.16
C HIS A 64 -3.06 -6.39 -7.72
N LEU A 65 -3.28 -5.89 -6.51
CA LEU A 65 -2.43 -4.89 -5.85
C LEU A 65 -1.62 -5.63 -4.79
N SER A 66 -0.31 -5.73 -4.94
CA SER A 66 0.59 -6.17 -3.87
C SER A 66 0.68 -5.07 -2.83
N VAL A 67 0.52 -5.41 -1.56
CA VAL A 67 0.59 -4.51 -0.42
C VAL A 67 1.43 -5.21 0.64
N SER A 68 2.32 -4.47 1.29
CA SER A 68 2.92 -4.81 2.59
C SER A 68 3.63 -3.56 3.10
N PRO A 69 3.80 -3.39 4.43
CA PRO A 69 4.67 -2.35 4.93
C PRO A 69 6.14 -2.71 4.67
N GLU A 70 6.61 -3.86 5.17
CA GLU A 70 8.01 -4.30 5.03
C GLU A 70 7.97 -5.83 4.92
N GLU A 71 7.84 -6.50 6.07
CA GLU A 71 7.79 -7.95 6.19
C GLU A 71 6.76 -8.39 7.23
N ILE A 72 6.62 -7.67 8.35
CA ILE A 72 5.89 -8.15 9.52
C ILE A 72 4.41 -8.41 9.21
N GLY A 73 3.85 -7.69 8.25
CA GLY A 73 2.52 -7.92 7.71
C GLY A 73 2.28 -9.40 7.44
N ILE A 74 3.26 -10.07 6.84
CA ILE A 74 3.09 -11.42 6.31
C ILE A 74 3.44 -12.45 7.38
N SER A 75 4.06 -12.05 8.49
CA SER A 75 4.47 -12.99 9.52
C SER A 75 3.58 -12.86 10.75
N GLN A 76 3.49 -11.67 11.33
CA GLN A 76 2.73 -11.33 12.52
C GLN A 76 1.27 -11.22 12.10
N PHE A 77 0.98 -10.30 11.18
CA PHE A 77 -0.39 -10.02 10.77
C PHE A 77 -0.94 -11.08 9.80
N ALA A 78 -0.19 -12.16 9.54
CA ALA A 78 -0.55 -13.25 8.64
C ALA A 78 -1.99 -13.71 8.84
N ASP A 79 -2.36 -13.94 10.10
CA ASP A 79 -3.63 -14.55 10.49
C ASP A 79 -4.74 -13.55 10.27
N ALA A 80 -4.49 -12.30 10.63
CA ALA A 80 -5.38 -11.19 10.38
C ALA A 80 -5.64 -11.05 8.87
N ILE A 81 -4.64 -11.17 8.00
CA ILE A 81 -4.83 -11.12 6.55
C ILE A 81 -5.62 -12.37 6.10
N ALA A 82 -5.29 -13.55 6.62
CA ALA A 82 -5.94 -14.81 6.31
C ALA A 82 -7.44 -14.72 6.59
N GLN A 83 -7.81 -14.41 7.84
CA GLN A 83 -9.18 -14.22 8.27
C GLN A 83 -9.87 -13.06 7.56
N ALA A 84 -9.13 -12.07 7.06
CA ALA A 84 -9.72 -11.01 6.24
C ALA A 84 -10.17 -11.56 4.88
N GLY A 85 -9.67 -12.72 4.48
CA GLY A 85 -10.09 -13.48 3.30
C GLY A 85 -8.93 -13.80 2.35
N TYR A 86 -7.67 -13.55 2.74
CA TYR A 86 -6.55 -13.45 1.82
C TYR A 86 -5.35 -14.25 2.35
N SER A 87 -4.97 -15.34 1.70
CA SER A 87 -3.84 -16.18 2.15
C SER A 87 -2.44 -15.58 1.83
N ALA A 88 -2.35 -14.29 1.51
CA ALA A 88 -1.13 -13.55 1.26
C ALA A 88 -0.22 -14.23 0.20
N THR A 89 1.07 -13.95 0.26
CA THR A 89 2.15 -14.64 -0.46
C THR A 89 3.16 -15.07 0.63
N LYS A 90 4.39 -15.43 0.26
CA LYS A 90 5.46 -15.66 1.23
C LYS A 90 6.15 -14.37 1.67
N GLY A 91 5.89 -13.21 1.05
CA GLY A 91 6.72 -12.02 1.26
C GLY A 91 6.05 -10.69 0.87
N LEU A 92 4.74 -10.68 0.65
CA LEU A 92 3.79 -9.56 0.59
C LEU A 92 2.39 -10.17 0.66
N PHE A 93 1.31 -9.39 0.65
CA PHE A 93 -0.03 -9.90 0.36
C PHE A 93 -0.56 -9.18 -0.87
N ARG A 94 -1.63 -9.69 -1.48
CA ARG A 94 -2.33 -8.94 -2.52
C ARG A 94 -3.82 -9.09 -2.35
N ILE A 95 -4.56 -8.32 -3.13
CA ILE A 95 -5.99 -8.38 -3.28
C ILE A 95 -6.21 -8.33 -4.80
N PRO A 96 -7.19 -9.04 -5.38
CA PRO A 96 -7.55 -8.83 -6.77
C PRO A 96 -8.26 -7.48 -6.92
N TRP A 97 -8.28 -6.91 -8.13
CA TRP A 97 -9.11 -5.72 -8.41
C TRP A 97 -10.61 -6.00 -8.25
N ASN A 98 -10.99 -7.28 -8.22
CA ASN A 98 -12.34 -7.80 -8.08
C ASN A 98 -12.98 -7.52 -6.72
N ASP A 99 -12.21 -7.22 -5.68
CA ASP A 99 -12.73 -7.08 -4.31
C ASP A 99 -12.16 -5.85 -3.61
N PRO A 100 -12.77 -5.37 -2.51
CA PRO A 100 -12.25 -4.27 -1.71
C PRO A 100 -10.98 -4.70 -0.97
N VAL A 101 -9.94 -3.87 -1.00
CA VAL A 101 -8.80 -4.04 -0.11
C VAL A 101 -9.24 -3.71 1.33
N HIS A 102 -8.68 -4.40 2.31
CA HIS A 102 -9.06 -4.35 3.72
C HIS A 102 -8.31 -3.19 4.39
N TYR A 103 -8.90 -1.98 4.40
CA TYR A 103 -8.26 -0.80 4.98
C TYR A 103 -7.95 -1.05 6.46
N GLU A 104 -8.76 -1.85 7.16
CA GLU A 104 -8.57 -2.13 8.57
C GLU A 104 -7.34 -2.99 8.84
N LEU A 105 -7.06 -3.95 7.94
CA LEU A 105 -5.92 -4.83 8.12
C LEU A 105 -4.66 -4.17 7.61
N LEU A 106 -4.78 -3.36 6.56
CA LEU A 106 -3.61 -2.72 5.97
C LEU A 106 -3.23 -1.45 6.73
N LYS A 107 -4.14 -0.79 7.48
CA LYS A 107 -3.71 0.21 8.44
C LYS A 107 -2.91 -0.46 9.55
N GLN A 108 -3.43 -1.54 10.13
CA GLN A 108 -2.97 -1.96 11.45
C GLN A 108 -1.48 -2.28 11.51
N MET A 109 -0.92 -2.78 10.41
CA MET A 109 0.49 -3.10 10.32
C MET A 109 1.37 -1.89 9.96
N ILE A 110 0.85 -0.89 9.24
CA ILE A 110 1.67 0.25 8.85
C ILE A 110 1.77 1.23 10.03
N GLU A 111 0.66 1.51 10.72
CA GLU A 111 0.65 2.40 11.89
C GLU A 111 1.65 1.88 12.94
N PHE A 112 1.68 0.56 13.10
CA PHE A 112 2.54 -0.13 14.04
C PHE A 112 3.99 -0.11 13.61
N ASN A 113 4.33 -0.55 12.38
CA ASN A 113 5.74 -0.66 12.00
C ASN A 113 6.43 0.71 11.96
N ILE A 114 5.67 1.81 11.82
CA ILE A 114 6.18 3.16 12.00
C ILE A 114 6.51 3.38 13.48
N GLN A 115 5.54 3.17 14.39
CA GLN A 115 5.79 3.48 15.81
C GLN A 115 6.76 2.49 16.45
N ASP A 116 7.04 1.38 15.78
CA ASP A 116 7.97 0.34 16.22
C ASP A 116 9.40 0.87 16.28
N LYS A 117 9.78 1.63 15.25
CA LYS A 117 11.13 2.15 14.97
C LYS A 117 11.47 3.40 15.77
N GLU A 118 10.67 3.73 16.77
CA GLU A 118 10.88 4.83 17.69
C GLU A 118 12.26 4.72 18.33
N GLY A 1 4.85 20.57 0.27
CA GLY A 1 4.44 20.55 -1.14
C GLY A 1 3.17 19.75 -1.36
N SER A 2 2.57 19.87 -2.54
CA SER A 2 1.54 18.95 -3.01
C SER A 2 2.07 17.51 -3.02
N HIS A 3 1.17 16.52 -2.98
CA HIS A 3 1.55 15.10 -2.93
C HIS A 3 1.05 14.35 -4.17
N MET A 4 -0.21 14.52 -4.59
CA MET A 4 -0.84 13.74 -5.66
C MET A 4 0.08 13.64 -6.88
N GLU A 5 0.73 14.75 -7.24
CA GLU A 5 1.56 14.82 -8.43
C GLU A 5 2.62 13.73 -8.48
N VAL A 6 3.22 13.42 -7.33
CA VAL A 6 4.28 12.43 -7.21
C VAL A 6 3.79 11.09 -7.75
N PHE A 7 2.55 10.71 -7.45
CA PHE A 7 1.97 9.43 -7.80
C PHE A 7 1.03 9.48 -9.01
N ALA A 8 0.73 10.68 -9.53
CA ALA A 8 -0.31 10.88 -10.53
C ALA A 8 0.15 10.33 -11.88
N GLU A 9 1.40 10.61 -12.25
CA GLU A 9 1.97 10.24 -13.54
C GLU A 9 1.89 8.73 -13.77
N TYR A 10 2.05 7.93 -12.71
CA TYR A 10 1.95 6.49 -12.75
C TYR A 10 0.52 6.04 -13.03
N LEU A 11 -0.45 6.68 -12.37
CA LEU A 11 -1.87 6.38 -12.50
C LEU A 11 -2.33 6.58 -13.95
N LYS A 12 -1.82 7.63 -14.61
CA LYS A 12 -2.09 7.83 -16.04
C LYS A 12 -1.68 6.61 -16.85
N GLY A 13 -0.58 5.97 -16.48
CA GLY A 13 0.05 4.88 -17.20
C GLY A 13 -0.55 3.52 -16.88
N ILE A 14 -1.56 3.44 -16.01
CA ILE A 14 -2.26 2.19 -15.72
C ILE A 14 -2.99 1.77 -17.00
N ASP A 15 -3.14 0.47 -17.18
CA ASP A 15 -3.63 -0.16 -18.41
C ASP A 15 -5.12 0.07 -18.67
N HIS A 16 -5.88 0.37 -17.61
CA HIS A 16 -7.32 0.63 -17.62
C HIS A 16 -7.70 1.35 -16.32
N PRO A 17 -8.67 2.27 -16.36
CA PRO A 17 -9.16 2.95 -15.17
C PRO A 17 -9.80 1.98 -14.17
N ASP A 18 -10.36 0.86 -14.64
CA ASP A 18 -10.95 -0.17 -13.75
C ASP A 18 -9.90 -0.76 -12.83
N HIS A 19 -8.60 -0.55 -13.12
CA HIS A 19 -7.52 -1.04 -12.27
C HIS A 19 -6.65 0.14 -11.78
N ARG A 20 -7.15 1.38 -11.91
CA ARG A 20 -6.49 2.60 -11.45
C ARG A 20 -7.27 3.25 -10.33
N ASP A 21 -8.58 3.35 -10.47
CA ASP A 21 -9.44 4.26 -9.72
C ASP A 21 -9.60 3.85 -8.25
N ARG A 22 -9.05 2.69 -7.88
CA ARG A 22 -8.86 2.23 -6.51
C ARG A 22 -7.41 2.36 -6.02
N THR A 23 -6.43 2.35 -6.94
CA THR A 23 -5.04 2.60 -6.62
C THR A 23 -4.89 4.02 -6.04
N GLU A 24 -5.54 5.01 -6.66
CA GLU A 24 -5.52 6.40 -6.25
C GLU A 24 -6.09 6.58 -4.84
N GLU A 25 -7.15 5.84 -4.49
CA GLU A 25 -7.76 5.95 -3.17
C GLU A 25 -6.74 5.59 -2.09
N ILE A 26 -6.02 4.48 -2.26
CA ILE A 26 -5.01 4.02 -1.32
C ILE A 26 -3.88 5.06 -1.19
N LEU A 27 -3.42 5.60 -2.31
CA LEU A 27 -2.35 6.59 -2.33
C LEU A 27 -2.77 7.81 -1.51
N SER A 28 -3.99 8.32 -1.74
CA SER A 28 -4.56 9.46 -1.06
C SER A 28 -4.80 9.15 0.42
N TRP A 29 -5.31 7.95 0.72
CA TRP A 29 -5.65 7.46 2.04
C TRP A 29 -4.41 7.36 2.92
N VAL A 30 -3.29 6.82 2.42
CA VAL A 30 -2.03 6.86 3.15
C VAL A 30 -1.67 8.32 3.47
N ALA A 31 -1.72 9.19 2.47
CA ALA A 31 -1.43 10.61 2.60
C ALA A 31 -2.42 11.39 3.48
N ALA A 32 -3.41 10.72 4.09
CA ALA A 32 -4.36 11.33 5.02
C ALA A 32 -4.34 10.63 6.37
N THR A 33 -4.44 9.30 6.39
CA THR A 33 -4.51 8.49 7.60
C THR A 33 -3.16 8.51 8.31
N PHE A 34 -2.05 8.74 7.57
CA PHE A 34 -0.70 8.59 8.07
C PHE A 34 0.16 9.82 7.71
N PRO A 35 0.02 10.94 8.44
CA PRO A 35 0.70 12.22 8.13
C PRO A 35 2.21 12.25 8.46
N ASN A 36 2.74 11.20 9.08
CA ASN A 36 4.17 11.07 9.35
C ASN A 36 4.94 10.50 8.14
N LEU A 37 4.26 9.82 7.21
CA LEU A 37 4.88 9.34 5.99
C LEU A 37 4.99 10.51 5.01
N GLU A 38 6.06 10.52 4.22
CA GLU A 38 6.26 11.46 3.13
C GLU A 38 6.47 10.64 1.84
N PRO A 39 5.99 11.13 0.68
CA PRO A 39 5.98 10.38 -0.56
C PRO A 39 7.37 10.29 -1.20
N GLN A 40 7.52 9.34 -2.13
CA GLN A 40 8.64 9.16 -3.02
C GLN A 40 8.19 8.09 -4.03
N MET A 41 8.12 8.35 -5.34
CA MET A 41 8.00 7.26 -6.31
C MET A 41 9.41 6.91 -6.82
N LYS A 42 9.80 5.64 -6.76
CA LYS A 42 11.08 5.14 -7.23
C LYS A 42 10.88 3.85 -8.00
N TRP A 43 11.74 3.57 -8.96
CA TRP A 43 11.73 2.32 -9.72
C TRP A 43 10.42 2.08 -10.48
N ASN A 44 9.71 3.17 -10.82
CA ASN A 44 8.36 3.21 -11.39
C ASN A 44 7.30 2.89 -10.33
N THR A 45 7.66 2.60 -9.09
CA THR A 45 6.72 2.17 -8.06
C THR A 45 6.48 3.32 -7.08
N PRO A 46 5.25 3.45 -6.58
CA PRO A 46 5.00 4.28 -5.41
C PRO A 46 5.65 3.63 -4.18
N MET A 47 6.19 4.45 -3.28
CA MET A 47 6.55 4.06 -1.93
C MET A 47 6.29 5.28 -1.04
N PHE A 48 6.43 5.11 0.28
CA PHE A 48 6.39 6.24 1.19
C PHE A 48 7.44 6.00 2.27
N SER A 49 7.97 7.08 2.83
CA SER A 49 9.14 7.07 3.67
C SER A 49 8.82 7.84 4.95
N ASN A 50 8.80 7.14 6.08
CA ASN A 50 8.61 7.72 7.41
C ASN A 50 9.87 8.51 7.76
N GLN A 51 9.91 9.80 7.46
CA GLN A 51 11.13 10.60 7.56
C GLN A 51 12.35 9.92 6.90
N GLY A 52 12.15 9.18 5.81
CA GLY A 52 13.23 8.55 5.03
C GLY A 52 13.27 7.02 5.06
N THR A 53 12.52 6.33 5.92
CA THR A 53 12.56 4.86 6.05
C THR A 53 11.85 4.17 4.86
N PHE A 54 11.59 2.86 4.95
CA PHE A 54 11.08 2.00 3.88
C PHE A 54 9.87 1.16 4.33
N ILE A 55 9.21 1.56 5.42
CA ILE A 55 8.18 0.80 6.13
C ILE A 55 6.87 0.70 5.31
N ILE A 56 6.81 1.12 4.04
CA ILE A 56 5.71 0.84 3.11
C ILE A 56 6.16 1.03 1.65
N GLY A 57 5.66 0.17 0.76
CA GLY A 57 5.66 0.39 -0.69
C GLY A 57 4.66 -0.55 -1.35
N PHE A 58 4.20 -0.25 -2.57
CA PHE A 58 3.35 -1.15 -3.37
C PHE A 58 3.61 -0.94 -4.85
N SER A 59 3.07 -1.80 -5.71
CA SER A 59 3.01 -1.61 -7.15
C SER A 59 1.81 -2.38 -7.66
N THR A 60 1.25 -1.94 -8.78
CA THR A 60 0.09 -2.57 -9.40
C THR A 60 0.59 -3.80 -10.16
N SER A 61 -0.01 -4.95 -9.89
CA SER A 61 0.23 -6.19 -10.60
C SER A 61 -0.91 -6.41 -11.60
N LYS A 62 -0.76 -7.40 -12.47
CA LYS A 62 -1.62 -7.58 -13.64
C LYS A 62 -3.10 -7.83 -13.31
N HIS A 63 -3.40 -8.19 -12.06
CA HIS A 63 -4.76 -8.46 -11.59
C HIS A 63 -5.01 -8.02 -10.15
N HIS A 64 -4.02 -7.45 -9.46
CA HIS A 64 -4.09 -7.22 -8.03
C HIS A 64 -3.12 -6.11 -7.61
N LEU A 65 -3.40 -5.41 -6.51
CA LEU A 65 -2.42 -4.52 -5.87
C LEU A 65 -1.69 -5.31 -4.80
N SER A 66 -0.36 -5.30 -4.82
CA SER A 66 0.45 -6.05 -3.85
C SER A 66 0.96 -5.08 -2.78
N VAL A 67 0.61 -5.30 -1.51
CA VAL A 67 0.69 -4.39 -0.38
C VAL A 67 1.45 -5.08 0.76
N SER A 68 2.32 -4.33 1.45
CA SER A 68 2.95 -4.71 2.71
C SER A 68 3.57 -3.44 3.31
N PRO A 69 3.81 -3.40 4.63
CA PRO A 69 4.74 -2.45 5.21
C PRO A 69 6.19 -2.88 5.02
N GLU A 70 6.56 -4.08 5.50
CA GLU A 70 7.86 -4.70 5.25
C GLU A 70 7.59 -6.21 5.18
N GLU A 71 7.59 -6.88 6.33
CA GLU A 71 7.42 -8.33 6.44
C GLU A 71 6.60 -8.76 7.67
N ILE A 72 6.64 -8.06 8.81
CA ILE A 72 5.85 -8.47 9.99
C ILE A 72 4.35 -8.53 9.68
N GLY A 73 3.89 -7.63 8.82
CA GLY A 73 2.52 -7.59 8.31
C GLY A 73 2.09 -8.89 7.62
N ILE A 74 3.04 -9.73 7.21
CA ILE A 74 2.87 -10.97 6.46
C ILE A 74 3.24 -12.16 7.34
N SER A 75 3.61 -11.93 8.60
CA SER A 75 3.96 -13.00 9.52
C SER A 75 3.00 -12.97 10.71
N GLN A 76 2.98 -11.86 11.47
CA GLN A 76 2.25 -11.65 12.70
C GLN A 76 0.79 -11.47 12.35
N PHE A 77 0.51 -10.57 11.42
CA PHE A 77 -0.84 -10.20 11.03
C PHE A 77 -1.42 -11.12 9.96
N ALA A 78 -0.67 -12.17 9.60
CA ALA A 78 -0.98 -13.05 8.50
C ALA A 78 -2.27 -13.82 8.70
N ASP A 79 -2.63 -14.16 9.94
CA ASP A 79 -3.82 -14.98 10.21
C ASP A 79 -5.04 -14.13 9.90
N ALA A 80 -5.01 -12.87 10.33
CA ALA A 80 -6.11 -11.95 10.13
C ALA A 80 -6.33 -11.71 8.62
N ILE A 81 -5.26 -11.62 7.82
CA ILE A 81 -5.35 -11.59 6.36
C ILE A 81 -5.96 -12.91 5.86
N ALA A 82 -5.43 -14.05 6.32
CA ALA A 82 -5.76 -15.37 5.79
C ALA A 82 -7.26 -15.62 5.85
N GLN A 83 -7.83 -15.40 7.04
CA GLN A 83 -9.23 -15.60 7.35
C GLN A 83 -10.16 -14.74 6.49
N ALA A 84 -9.67 -13.63 5.94
CA ALA A 84 -10.48 -12.78 5.07
C ALA A 84 -10.53 -13.30 3.63
N GLY A 85 -9.71 -14.30 3.27
CA GLY A 85 -9.76 -14.99 1.98
C GLY A 85 -8.79 -14.42 0.93
N TYR A 86 -7.86 -13.55 1.33
CA TYR A 86 -6.97 -12.83 0.43
C TYR A 86 -5.62 -13.52 0.31
N SER A 87 -5.36 -14.15 -0.84
CA SER A 87 -4.16 -14.89 -1.18
C SER A 87 -2.91 -14.00 -1.13
N ALA A 88 -2.16 -14.05 -0.03
CA ALA A 88 -0.90 -13.34 0.16
C ALA A 88 0.28 -14.10 -0.48
N THR A 89 1.51 -13.59 -0.31
CA THR A 89 2.77 -14.29 -0.57
C THR A 89 3.54 -14.36 0.74
N LYS A 90 4.84 -14.67 0.65
CA LYS A 90 5.74 -14.69 1.79
C LYS A 90 6.36 -13.34 2.13
N GLY A 91 6.19 -12.32 1.29
CA GLY A 91 6.84 -11.02 1.49
C GLY A 91 5.90 -9.86 1.24
N LEU A 92 4.65 -10.16 0.86
CA LEU A 92 3.57 -9.18 0.79
C LEU A 92 2.21 -9.87 0.75
N PHE A 93 1.10 -9.11 0.76
CA PHE A 93 -0.24 -9.63 0.47
C PHE A 93 -0.81 -8.92 -0.76
N ARG A 94 -1.87 -9.44 -1.40
CA ARG A 94 -2.52 -8.75 -2.51
C ARG A 94 -4.01 -9.03 -2.50
N ILE A 95 -4.77 -8.16 -3.16
CA ILE A 95 -6.21 -8.30 -3.34
C ILE A 95 -6.43 -8.17 -4.84
N PRO A 96 -7.37 -8.93 -5.45
CA PRO A 96 -7.69 -8.76 -6.87
C PRO A 96 -8.49 -7.48 -7.06
N TRP A 97 -8.43 -6.86 -8.23
CA TRP A 97 -9.20 -5.64 -8.51
C TRP A 97 -10.71 -5.86 -8.38
N ASN A 98 -11.17 -7.10 -8.49
CA ASN A 98 -12.54 -7.55 -8.31
C ASN A 98 -13.09 -7.20 -6.93
N ASP A 99 -12.33 -7.47 -5.88
CA ASP A 99 -12.83 -7.56 -4.50
C ASP A 99 -12.29 -6.37 -3.68
N PRO A 100 -12.87 -6.03 -2.51
CA PRO A 100 -12.43 -4.85 -1.76
C PRO A 100 -11.15 -5.12 -0.98
N VAL A 101 -10.36 -4.07 -0.82
CA VAL A 101 -9.19 -4.04 0.05
C VAL A 101 -9.70 -3.86 1.49
N HIS A 102 -9.04 -4.50 2.46
CA HIS A 102 -9.25 -4.33 3.89
C HIS A 102 -8.31 -3.22 4.39
N TYR A 103 -8.72 -1.98 4.19
CA TYR A 103 -7.97 -0.81 4.63
C TYR A 103 -7.72 -0.88 6.15
N GLU A 104 -8.68 -1.43 6.88
CA GLU A 104 -8.58 -1.63 8.32
C GLU A 104 -7.41 -2.54 8.67
N LEU A 105 -7.35 -3.75 8.08
CA LEU A 105 -6.30 -4.73 8.39
C LEU A 105 -4.95 -4.08 8.10
N LEU A 106 -4.84 -3.45 6.93
CA LEU A 106 -3.59 -2.86 6.50
C LEU A 106 -3.20 -1.63 7.35
N LYS A 107 -4.13 -0.86 7.92
CA LYS A 107 -3.80 0.26 8.81
C LYS A 107 -3.22 -0.26 10.13
N GLN A 108 -3.79 -1.31 10.73
CA GLN A 108 -3.31 -1.80 12.04
C GLN A 108 -1.84 -2.20 12.00
N MET A 109 -1.39 -2.83 10.91
CA MET A 109 0.01 -3.27 10.82
C MET A 109 0.96 -2.13 10.47
N ILE A 110 0.55 -1.21 9.58
CA ILE A 110 1.45 -0.18 9.08
C ILE A 110 1.71 0.82 10.22
N GLU A 111 0.66 1.35 10.86
CA GLU A 111 0.78 2.32 11.96
C GLU A 111 1.64 1.75 13.08
N PHE A 112 1.40 0.49 13.43
CA PHE A 112 2.15 -0.18 14.46
C PHE A 112 3.64 -0.13 14.16
N ASN A 113 4.05 -0.52 12.95
CA ASN A 113 5.46 -0.66 12.62
C ASN A 113 6.21 0.67 12.54
N ILE A 114 5.52 1.80 12.74
CA ILE A 114 6.08 3.13 12.92
C ILE A 114 6.19 3.40 14.42
N GLN A 115 5.13 3.15 15.21
CA GLN A 115 5.27 3.33 16.66
C GLN A 115 6.19 2.28 17.30
N ASP A 116 6.61 1.27 16.54
CA ASP A 116 7.58 0.25 16.94
C ASP A 116 9.02 0.65 16.58
N LYS A 117 9.20 1.83 15.96
CA LYS A 117 10.47 2.48 15.61
C LYS A 117 10.69 3.75 16.43
N GLU A 118 9.79 4.01 17.37
CA GLU A 118 10.01 4.95 18.46
C GLU A 118 11.26 4.54 19.20
N GLY A 1 1.25 18.47 3.13
CA GLY A 1 1.53 19.20 1.88
C GLY A 1 0.76 18.58 0.71
N SER A 2 1.16 18.90 -0.52
CA SER A 2 0.69 18.16 -1.69
C SER A 2 1.35 16.77 -1.72
N HIS A 3 0.66 15.79 -2.28
CA HIS A 3 1.19 14.43 -2.49
C HIS A 3 0.72 13.83 -3.81
N MET A 4 -0.50 14.15 -4.26
CA MET A 4 -1.02 13.59 -5.51
C MET A 4 -0.18 13.98 -6.72
N GLU A 5 0.62 15.05 -6.67
CA GLU A 5 1.53 15.36 -7.78
C GLU A 5 2.59 14.28 -7.92
N VAL A 6 3.09 13.76 -6.80
CA VAL A 6 4.08 12.70 -6.83
C VAL A 6 3.41 11.44 -7.36
N PHE A 7 2.18 11.18 -6.92
CA PHE A 7 1.38 10.01 -7.25
C PHE A 7 0.42 10.31 -8.41
N ALA A 8 0.86 11.11 -9.37
CA ALA A 8 0.14 11.45 -10.59
C ALA A 8 0.62 10.62 -11.78
N GLU A 9 1.92 10.69 -12.06
CA GLU A 9 2.47 10.29 -13.34
C GLU A 9 2.54 8.77 -13.58
N TYR A 10 2.41 8.04 -12.50
CA TYR A 10 2.13 6.62 -12.47
C TYR A 10 0.66 6.36 -12.85
N LEU A 11 -0.29 7.10 -12.26
CA LEU A 11 -1.72 6.89 -12.44
C LEU A 11 -2.11 7.08 -13.91
N LYS A 12 -1.61 8.14 -14.53
CA LYS A 12 -1.83 8.41 -15.96
C LYS A 12 -1.32 7.30 -16.87
N GLY A 13 -0.49 6.41 -16.34
CA GLY A 13 0.11 5.27 -17.02
C GLY A 13 -0.52 3.92 -16.69
N ILE A 14 -1.56 3.86 -15.84
CA ILE A 14 -2.27 2.63 -15.49
C ILE A 14 -2.94 2.09 -16.74
N ASP A 15 -2.82 0.78 -16.96
CA ASP A 15 -3.31 0.06 -18.14
C ASP A 15 -4.82 0.13 -18.27
N HIS A 16 -5.57 0.13 -17.17
CA HIS A 16 -7.03 0.13 -17.21
C HIS A 16 -7.67 1.01 -16.13
N PRO A 17 -8.80 1.67 -16.47
CA PRO A 17 -9.59 2.41 -15.49
C PRO A 17 -10.28 1.48 -14.51
N ASP A 18 -10.43 0.19 -14.85
CA ASP A 18 -11.00 -0.79 -13.93
C ASP A 18 -10.12 -0.90 -12.67
N HIS A 19 -8.84 -0.50 -12.74
CA HIS A 19 -7.95 -0.69 -11.58
C HIS A 19 -7.46 0.63 -11.01
N ARG A 20 -7.60 1.72 -11.77
CA ARG A 20 -7.01 3.01 -11.45
C ARG A 20 -7.63 3.62 -10.21
N ASP A 21 -8.94 3.79 -10.23
CA ASP A 21 -9.76 4.41 -9.20
C ASP A 21 -9.38 3.91 -7.80
N ARG A 22 -9.51 2.61 -7.53
CA ARG A 22 -9.19 2.06 -6.21
C ARG A 22 -7.73 2.31 -5.80
N THR A 23 -6.80 2.21 -6.76
CA THR A 23 -5.40 2.55 -6.55
C THR A 23 -5.24 3.98 -5.98
N GLU A 24 -5.89 4.98 -6.59
CA GLU A 24 -5.88 6.38 -6.14
C GLU A 24 -6.36 6.49 -4.70
N GLU A 25 -7.46 5.81 -4.39
CA GLU A 25 -8.12 5.95 -3.10
C GLU A 25 -7.23 5.50 -1.96
N ILE A 26 -6.49 4.41 -2.18
CA ILE A 26 -5.45 3.95 -1.24
C ILE A 26 -4.44 5.07 -1.01
N LEU A 27 -3.90 5.66 -2.09
CA LEU A 27 -2.83 6.64 -2.00
C LEU A 27 -3.25 7.82 -1.12
N SER A 28 -4.37 8.46 -1.46
CA SER A 28 -4.88 9.58 -0.70
C SER A 28 -5.47 9.17 0.66
N TRP A 29 -5.88 7.92 0.87
CA TRP A 29 -6.26 7.42 2.19
C TRP A 29 -5.04 7.35 3.11
N VAL A 30 -3.90 6.81 2.64
CA VAL A 30 -2.68 6.84 3.43
C VAL A 30 -2.32 8.29 3.74
N ALA A 31 -2.38 9.19 2.75
CA ALA A 31 -2.05 10.60 2.95
C ALA A 31 -2.88 11.24 4.07
N ALA A 32 -4.13 10.78 4.26
CA ALA A 32 -4.95 11.26 5.35
C ALA A 32 -4.55 10.58 6.65
N THR A 33 -4.68 9.27 6.69
CA THR A 33 -4.71 8.44 7.89
C THR A 33 -3.32 8.30 8.50
N PHE A 34 -2.28 8.23 7.67
CA PHE A 34 -0.90 8.13 8.10
C PHE A 34 -0.19 9.33 7.48
N PRO A 35 -0.41 10.55 8.00
CA PRO A 35 0.13 11.78 7.41
C PRO A 35 1.63 11.96 7.72
N ASN A 36 2.20 11.06 8.54
CA ASN A 36 3.56 11.13 9.03
C ASN A 36 4.57 10.70 7.95
N LEU A 37 4.16 9.81 7.03
CA LEU A 37 4.99 9.36 5.93
C LEU A 37 5.04 10.47 4.89
N GLU A 38 6.18 10.63 4.24
CA GLU A 38 6.33 11.54 3.12
C GLU A 38 6.20 10.74 1.82
N PRO A 39 5.72 11.34 0.72
CA PRO A 39 5.64 10.67 -0.57
C PRO A 39 7.03 10.50 -1.19
N GLN A 40 7.21 9.46 -2.01
CA GLN A 40 8.42 9.18 -2.77
C GLN A 40 8.01 8.32 -3.96
N MET A 41 8.43 8.68 -5.17
CA MET A 41 8.27 7.85 -6.37
C MET A 41 9.63 7.29 -6.76
N LYS A 42 9.92 6.06 -6.33
CA LYS A 42 11.16 5.33 -6.57
C LYS A 42 10.84 4.23 -7.56
N TRP A 43 11.78 3.86 -8.42
CA TRP A 43 11.63 2.70 -9.31
C TRP A 43 10.40 2.75 -10.24
N ASN A 44 9.79 3.92 -10.44
CA ASN A 44 8.49 4.16 -11.06
C ASN A 44 7.35 3.44 -10.34
N THR A 45 7.48 3.21 -9.04
CA THR A 45 6.45 2.60 -8.22
C THR A 45 6.18 3.53 -7.02
N PRO A 46 4.93 3.62 -6.56
CA PRO A 46 4.53 4.44 -5.42
C PRO A 46 5.05 3.86 -4.09
N MET A 47 5.61 4.71 -3.24
CA MET A 47 5.98 4.34 -1.87
C MET A 47 5.86 5.55 -0.95
N PHE A 48 6.01 5.32 0.37
CA PHE A 48 6.00 6.38 1.36
C PHE A 48 7.19 6.15 2.30
N SER A 49 7.75 7.23 2.83
CA SER A 49 9.00 7.24 3.54
C SER A 49 8.84 8.05 4.81
N ASN A 50 8.90 7.38 5.96
CA ASN A 50 8.88 8.04 7.27
C ASN A 50 10.19 8.79 7.41
N GLN A 51 10.25 10.09 7.14
CA GLN A 51 11.49 10.87 7.16
C GLN A 51 12.65 10.12 6.48
N GLY A 52 12.36 9.42 5.37
CA GLY A 52 13.35 8.72 4.57
C GLY A 52 13.33 7.19 4.62
N THR A 53 12.58 6.53 5.51
CA THR A 53 12.58 5.05 5.63
C THR A 53 11.78 4.40 4.47
N PHE A 54 11.50 3.10 4.52
CA PHE A 54 10.93 2.30 3.42
C PHE A 54 9.73 1.43 3.88
N ILE A 55 9.09 1.83 4.97
CA ILE A 55 8.13 1.06 5.76
C ILE A 55 6.79 0.83 5.02
N ILE A 56 6.57 1.38 3.82
CA ILE A 56 5.49 0.99 2.93
C ILE A 56 5.87 1.33 1.48
N GLY A 57 5.68 0.40 0.56
CA GLY A 57 5.68 0.64 -0.88
C GLY A 57 4.82 -0.40 -1.57
N PHE A 58 4.20 -0.08 -2.70
CA PHE A 58 3.40 -1.01 -3.47
C PHE A 58 3.61 -0.77 -4.96
N SER A 59 3.02 -1.62 -5.80
CA SER A 59 2.76 -1.30 -7.20
C SER A 59 1.55 -2.11 -7.63
N THR A 60 0.92 -1.69 -8.72
CA THR A 60 -0.15 -2.45 -9.35
C THR A 60 0.43 -3.72 -9.98
N SER A 61 -0.43 -4.71 -10.21
CA SER A 61 -0.13 -5.89 -11.01
C SER A 61 -1.35 -6.19 -11.88
N LYS A 62 -1.22 -7.19 -12.76
CA LYS A 62 -2.25 -7.59 -13.73
C LYS A 62 -3.66 -7.66 -13.09
N HIS A 63 -3.86 -8.51 -12.09
CA HIS A 63 -5.19 -8.79 -11.52
C HIS A 63 -5.28 -8.53 -10.02
N HIS A 64 -4.23 -7.96 -9.43
CA HIS A 64 -4.10 -7.67 -8.02
C HIS A 64 -3.27 -6.41 -7.83
N LEU A 65 -3.42 -5.74 -6.69
CA LEU A 65 -2.39 -4.87 -6.12
C LEU A 65 -1.48 -5.74 -5.24
N SER A 66 -0.24 -5.32 -5.01
CA SER A 66 0.70 -5.95 -4.08
C SER A 66 1.01 -4.98 -2.95
N VAL A 67 0.64 -5.26 -1.70
CA VAL A 67 0.85 -4.34 -0.57
C VAL A 67 1.58 -5.05 0.56
N SER A 68 2.46 -4.33 1.27
CA SER A 68 3.21 -4.77 2.44
C SER A 68 3.87 -3.53 3.07
N PRO A 69 4.22 -3.55 4.36
CA PRO A 69 5.18 -2.61 4.88
C PRO A 69 6.60 -2.96 4.47
N GLU A 70 7.01 -4.18 4.80
CA GLU A 70 8.34 -4.73 4.65
C GLU A 70 8.12 -6.23 4.60
N GLU A 71 7.96 -6.84 5.78
CA GLU A 71 7.78 -8.28 5.94
C GLU A 71 6.88 -8.69 7.12
N ILE A 72 6.82 -7.94 8.22
CA ILE A 72 6.08 -8.37 9.41
C ILE A 72 4.58 -8.36 9.15
N GLY A 73 4.11 -7.42 8.32
CA GLY A 73 2.76 -7.38 7.78
C GLY A 73 2.30 -8.74 7.25
N ILE A 74 3.24 -9.55 6.75
CA ILE A 74 2.97 -10.77 6.01
C ILE A 74 3.24 -12.01 6.86
N SER A 75 3.67 -11.83 8.12
CA SER A 75 3.83 -12.93 9.05
C SER A 75 2.97 -12.77 10.31
N GLN A 76 2.98 -11.59 10.94
CA GLN A 76 2.35 -11.26 12.22
C GLN A 76 0.85 -11.04 11.99
N PHE A 77 0.51 -10.39 10.87
CA PHE A 77 -0.88 -10.08 10.51
C PHE A 77 -1.42 -11.07 9.47
N ALA A 78 -0.61 -12.09 9.15
CA ALA A 78 -0.87 -13.05 8.10
C ALA A 78 -2.17 -13.79 8.32
N ASP A 79 -2.50 -14.10 9.56
CA ASP A 79 -3.66 -14.90 9.94
C ASP A 79 -4.92 -14.06 9.75
N ALA A 80 -4.88 -12.81 10.22
CA ALA A 80 -5.95 -11.85 10.02
C ALA A 80 -6.18 -11.59 8.51
N ILE A 81 -5.13 -11.46 7.70
CA ILE A 81 -5.24 -11.39 6.24
C ILE A 81 -5.87 -12.70 5.71
N ALA A 82 -5.39 -13.85 6.19
CA ALA A 82 -5.74 -15.16 5.65
C ALA A 82 -7.23 -15.42 5.81
N GLN A 83 -7.74 -15.20 7.02
CA GLN A 83 -9.14 -15.37 7.36
C GLN A 83 -10.06 -14.44 6.57
N ALA A 84 -9.58 -13.26 6.15
CA ALA A 84 -10.36 -12.38 5.29
C ALA A 84 -10.50 -12.97 3.87
N GLY A 85 -9.57 -13.84 3.46
CA GLY A 85 -9.64 -14.63 2.24
C GLY A 85 -8.54 -14.30 1.22
N TYR A 86 -7.48 -13.61 1.64
CA TYR A 86 -6.55 -12.95 0.72
C TYR A 86 -5.19 -13.66 0.65
N SER A 87 -5.07 -14.57 -0.32
CA SER A 87 -3.87 -15.33 -0.65
C SER A 87 -2.63 -14.44 -0.86
N ALA A 88 -1.79 -14.29 0.18
CA ALA A 88 -0.57 -13.49 0.18
C ALA A 88 0.61 -14.23 -0.48
N THR A 89 1.78 -13.59 -0.58
CA THR A 89 3.09 -14.20 -0.78
C THR A 89 3.79 -14.25 0.60
N LYS A 90 5.09 -14.57 0.64
CA LYS A 90 5.92 -14.42 1.82
C LYS A 90 6.35 -12.97 2.07
N GLY A 91 6.37 -12.13 1.03
CA GLY A 91 6.98 -10.81 1.06
C GLY A 91 5.95 -9.69 0.99
N LEU A 92 4.79 -9.95 0.41
CA LEU A 92 3.70 -8.99 0.34
C LEU A 92 2.37 -9.72 0.25
N PHE A 93 1.27 -9.04 0.56
CA PHE A 93 -0.06 -9.61 0.38
C PHE A 93 -0.66 -9.12 -0.94
N ARG A 94 -1.70 -9.79 -1.41
CA ARG A 94 -2.46 -9.36 -2.57
C ARG A 94 -3.89 -9.09 -2.13
N ILE A 95 -4.60 -8.38 -2.99
CA ILE A 95 -6.04 -8.25 -3.03
C ILE A 95 -6.38 -8.53 -4.50
N PRO A 96 -7.53 -9.11 -4.86
CA PRO A 96 -8.04 -8.97 -6.22
C PRO A 96 -8.27 -7.50 -6.52
N TRP A 97 -8.29 -7.12 -7.80
CA TRP A 97 -8.81 -5.80 -8.18
C TRP A 97 -10.29 -5.68 -7.88
N ASN A 98 -11.09 -6.67 -8.25
CA ASN A 98 -12.54 -6.55 -8.28
C ASN A 98 -13.19 -6.48 -6.89
N ASP A 99 -12.51 -6.98 -5.85
CA ASP A 99 -13.06 -7.12 -4.50
C ASP A 99 -12.35 -6.13 -3.56
N PRO A 100 -12.91 -5.79 -2.39
CA PRO A 100 -12.46 -4.62 -1.64
C PRO A 100 -11.17 -4.86 -0.86
N VAL A 101 -10.35 -3.81 -0.80
CA VAL A 101 -9.07 -3.76 -0.11
C VAL A 101 -9.30 -3.43 1.37
N HIS A 102 -8.81 -4.29 2.26
CA HIS A 102 -9.02 -4.26 3.69
C HIS A 102 -8.16 -3.22 4.39
N TYR A 103 -8.60 -1.97 4.31
CA TYR A 103 -7.92 -0.82 4.85
C TYR A 103 -7.59 -1.04 6.33
N GLU A 104 -8.54 -1.52 7.13
CA GLU A 104 -8.35 -1.57 8.58
C GLU A 104 -7.30 -2.60 9.03
N LEU A 105 -7.06 -3.63 8.22
CA LEU A 105 -5.99 -4.61 8.41
C LEU A 105 -4.67 -3.95 8.09
N LEU A 106 -4.56 -3.41 6.88
CA LEU A 106 -3.31 -2.90 6.34
C LEU A 106 -2.86 -1.61 7.03
N LYS A 107 -3.82 -0.88 7.63
CA LYS A 107 -3.64 0.16 8.63
C LYS A 107 -2.74 -0.36 9.76
N GLN A 108 -3.08 -1.49 10.38
CA GLN A 108 -2.36 -1.92 11.56
C GLN A 108 -0.88 -2.14 11.23
N MET A 109 -0.60 -2.85 10.13
CA MET A 109 0.76 -3.12 9.68
C MET A 109 1.41 -1.93 8.97
N ILE A 110 0.89 -0.71 9.10
CA ILE A 110 1.63 0.48 8.78
C ILE A 110 1.78 1.28 10.09
N GLU A 111 0.71 1.49 10.87
CA GLU A 111 0.74 2.21 12.14
C GLU A 111 1.70 1.57 13.15
N PHE A 112 1.56 0.26 13.42
CA PHE A 112 2.48 -0.43 14.31
C PHE A 112 3.89 -0.35 13.74
N ASN A 113 4.03 -0.62 12.44
CA ASN A 113 5.32 -0.70 11.77
C ASN A 113 6.10 0.62 11.86
N ILE A 114 5.37 1.74 11.94
CA ILE A 114 5.89 3.06 12.21
C ILE A 114 6.25 3.18 13.69
N GLN A 115 5.29 3.01 14.61
CA GLN A 115 5.50 3.35 16.02
C GLN A 115 6.54 2.45 16.68
N ASP A 116 6.81 1.31 16.06
CA ASP A 116 7.83 0.35 16.47
C ASP A 116 9.25 0.89 16.28
N LYS A 117 9.40 1.98 15.52
CA LYS A 117 10.64 2.63 15.14
C LYS A 117 10.70 4.06 15.65
N GLU A 118 9.90 4.38 16.66
CA GLU A 118 9.80 5.72 17.23
C GLU A 118 11.18 6.21 17.62
N GLY A 1 2.12 18.08 2.33
CA GLY A 1 1.75 18.92 1.19
C GLY A 1 1.46 18.04 -0.01
N SER A 2 0.25 18.12 -0.55
CA SER A 2 -0.20 17.33 -1.70
C SER A 2 0.10 15.84 -1.53
N HIS A 3 0.18 15.12 -2.67
CA HIS A 3 0.80 13.80 -2.86
C HIS A 3 0.55 13.30 -4.27
N MET A 4 -0.65 13.56 -4.81
CA MET A 4 -1.06 13.10 -6.14
C MET A 4 -0.08 13.53 -7.23
N GLU A 5 0.65 14.63 -7.02
CA GLU A 5 1.69 15.13 -7.90
C GLU A 5 2.77 14.08 -8.16
N VAL A 6 3.45 13.61 -7.12
CA VAL A 6 4.56 12.65 -7.20
C VAL A 6 4.12 11.36 -7.90
N PHE A 7 2.89 10.92 -7.61
CA PHE A 7 2.40 9.61 -8.02
C PHE A 7 1.76 9.64 -9.41
N ALA A 8 1.44 10.83 -9.95
CA ALA A 8 0.75 10.99 -11.22
C ALA A 8 1.56 10.43 -12.37
N GLU A 9 2.88 10.56 -12.28
CA GLU A 9 3.84 10.07 -13.26
C GLU A 9 3.84 8.54 -13.38
N TYR A 10 3.15 7.83 -12.49
CA TYR A 10 2.94 6.40 -12.59
C TYR A 10 1.47 6.08 -12.86
N LEU A 11 0.53 6.85 -12.29
CA LEU A 11 -0.88 6.74 -12.65
C LEU A 11 -1.08 6.86 -14.16
N LYS A 12 -0.24 7.66 -14.82
CA LYS A 12 -0.28 7.88 -16.26
C LYS A 12 -0.21 6.59 -17.09
N GLY A 13 0.56 5.60 -16.63
CA GLY A 13 0.87 4.43 -17.44
C GLY A 13 0.01 3.23 -17.10
N ILE A 14 -0.91 3.36 -16.13
CA ILE A 14 -1.87 2.33 -15.81
C ILE A 14 -2.89 2.31 -16.96
N ASP A 15 -2.61 1.46 -17.96
CA ASP A 15 -3.41 1.23 -19.17
C ASP A 15 -4.82 0.66 -18.89
N HIS A 16 -5.10 0.42 -17.60
CA HIS A 16 -6.28 -0.17 -17.03
C HIS A 16 -7.01 0.88 -16.16
N PRO A 17 -7.57 1.95 -16.76
CA PRO A 17 -8.26 3.02 -16.04
C PRO A 17 -9.53 2.55 -15.32
N ASP A 18 -10.11 1.42 -15.75
CA ASP A 18 -11.25 0.76 -15.12
C ASP A 18 -10.86 0.09 -13.80
N HIS A 19 -9.58 0.11 -13.44
CA HIS A 19 -9.04 -0.56 -12.26
C HIS A 19 -7.87 0.25 -11.69
N ARG A 20 -7.71 1.52 -12.07
CA ARG A 20 -6.64 2.40 -11.63
C ARG A 20 -7.04 3.09 -10.33
N ASP A 21 -8.25 3.64 -10.26
CA ASP A 21 -8.76 4.55 -9.23
C ASP A 21 -8.66 3.96 -7.83
N ARG A 22 -8.74 2.64 -7.68
CA ARG A 22 -8.61 2.01 -6.35
C ARG A 22 -7.27 2.36 -5.70
N THR A 23 -6.19 2.42 -6.49
CA THR A 23 -4.88 2.83 -6.01
C THR A 23 -4.89 4.31 -5.61
N GLU A 24 -5.57 5.17 -6.35
CA GLU A 24 -5.80 6.58 -6.03
C GLU A 24 -6.49 6.71 -4.67
N GLU A 25 -7.53 5.90 -4.42
CA GLU A 25 -8.27 5.93 -3.17
C GLU A 25 -7.34 5.61 -2.00
N ILE A 26 -6.49 4.59 -2.16
CA ILE A 26 -5.48 4.18 -1.19
C ILE A 26 -4.49 5.33 -0.98
N LEU A 27 -3.96 5.90 -2.06
CA LEU A 27 -2.94 6.95 -1.99
C LEU A 27 -3.50 8.16 -1.23
N SER A 28 -4.76 8.53 -1.47
CA SER A 28 -5.44 9.60 -0.76
C SER A 28 -5.62 9.24 0.73
N TRP A 29 -6.02 8.00 1.02
CA TRP A 29 -6.30 7.51 2.36
C TRP A 29 -5.01 7.43 3.20
N VAL A 30 -3.88 7.03 2.62
CA VAL A 30 -2.59 7.00 3.31
C VAL A 30 -2.22 8.42 3.75
N ALA A 31 -2.41 9.42 2.88
CA ALA A 31 -2.11 10.82 3.21
C ALA A 31 -2.99 11.33 4.36
N ALA A 32 -4.16 10.72 4.55
CA ALA A 32 -5.08 11.08 5.60
C ALA A 32 -4.70 10.37 6.90
N THR A 33 -4.86 9.05 6.97
CA THR A 33 -4.71 8.30 8.22
C THR A 33 -3.26 8.29 8.71
N PHE A 34 -2.27 8.36 7.81
CA PHE A 34 -0.86 8.19 8.19
C PHE A 34 -0.04 9.42 7.77
N PRO A 35 -0.38 10.63 8.25
CA PRO A 35 0.02 11.89 7.65
C PRO A 35 1.51 12.20 7.73
N ASN A 36 2.27 11.56 8.63
CA ASN A 36 3.70 11.73 8.75
C ASN A 36 4.46 10.93 7.68
N LEU A 37 3.79 10.09 6.89
CA LEU A 37 4.38 9.55 5.68
C LEU A 37 4.31 10.61 4.58
N GLU A 38 5.34 10.73 3.76
CA GLU A 38 5.38 11.60 2.58
C GLU A 38 5.52 10.76 1.31
N PRO A 39 5.06 11.28 0.16
CA PRO A 39 5.11 10.58 -1.11
C PRO A 39 6.54 10.51 -1.64
N GLN A 40 6.97 9.37 -2.20
CA GLN A 40 8.27 9.27 -2.83
C GLN A 40 8.29 7.99 -3.66
N MET A 41 7.76 8.01 -4.89
CA MET A 41 7.72 6.81 -5.72
C MET A 41 9.15 6.45 -6.14
N LYS A 42 9.49 5.16 -6.17
CA LYS A 42 10.84 4.66 -6.46
C LYS A 42 10.69 3.30 -7.10
N TRP A 43 11.68 2.91 -7.92
CA TRP A 43 11.69 1.62 -8.62
C TRP A 43 10.37 1.36 -9.38
N ASN A 44 9.74 2.43 -9.87
CA ASN A 44 8.44 2.44 -10.52
C ASN A 44 7.29 1.92 -9.62
N THR A 45 7.50 1.87 -8.31
CA THR A 45 6.54 1.45 -7.31
C THR A 45 6.19 2.68 -6.46
N PRO A 46 4.92 3.01 -6.28
CA PRO A 46 4.49 4.03 -5.35
C PRO A 46 4.75 3.57 -3.91
N MET A 47 5.65 4.25 -3.22
CA MET A 47 5.93 4.05 -1.80
C MET A 47 5.92 5.40 -1.09
N PHE A 48 6.03 5.35 0.23
CA PHE A 48 5.95 6.51 1.09
C PHE A 48 7.08 6.42 2.12
N SER A 49 7.83 7.50 2.31
CA SER A 49 8.88 7.59 3.32
C SER A 49 8.27 8.16 4.60
N ASN A 50 8.42 7.48 5.75
CA ASN A 50 8.24 8.11 7.06
C ASN A 50 9.47 8.96 7.32
N GLN A 51 9.48 10.20 6.84
CA GLN A 51 10.57 11.16 6.95
C GLN A 51 11.88 10.76 6.25
N GLY A 52 12.06 9.49 5.86
CA GLY A 52 13.14 8.96 5.02
C GLY A 52 13.07 7.43 4.75
N THR A 53 12.23 6.70 5.48
CA THR A 53 12.29 5.23 5.60
C THR A 53 11.59 4.49 4.43
N PHE A 54 11.34 3.20 4.58
CA PHE A 54 10.82 2.28 3.58
C PHE A 54 9.67 1.44 4.19
N ILE A 55 8.95 2.02 5.16
CA ILE A 55 7.98 1.32 6.00
C ILE A 55 6.75 0.85 5.21
N ILE A 56 6.46 1.42 4.04
CA ILE A 56 5.32 1.00 3.25
C ILE A 56 5.55 1.32 1.77
N GLY A 57 5.21 0.38 0.88
CA GLY A 57 5.09 0.61 -0.55
C GLY A 57 4.15 -0.41 -1.17
N PHE A 58 3.56 -0.08 -2.31
CA PHE A 58 2.76 -1.01 -3.09
C PHE A 58 3.08 -0.84 -4.57
N SER A 59 2.61 -1.76 -5.38
CA SER A 59 2.87 -1.75 -6.80
C SER A 59 1.68 -2.40 -7.51
N THR A 60 1.32 -1.90 -8.69
CA THR A 60 0.12 -2.35 -9.37
C THR A 60 0.47 -3.51 -10.30
N SER A 61 -0.52 -4.33 -10.61
CA SER A 61 -0.43 -5.45 -11.51
C SER A 61 -1.66 -5.44 -12.43
N LYS A 62 -1.72 -6.38 -13.36
CA LYS A 62 -2.78 -6.52 -14.36
C LYS A 62 -4.15 -6.45 -13.66
N HIS A 63 -4.46 -7.45 -12.82
CA HIS A 63 -5.79 -7.61 -12.22
C HIS A 63 -5.77 -7.47 -10.69
N HIS A 64 -4.69 -6.98 -10.10
CA HIS A 64 -4.60 -6.76 -8.66
C HIS A 64 -3.60 -5.66 -8.32
N LEU A 65 -3.64 -5.17 -7.07
CA LEU A 65 -2.57 -4.41 -6.43
C LEU A 65 -1.77 -5.38 -5.58
N SER A 66 -0.52 -5.08 -5.24
CA SER A 66 0.29 -5.88 -4.34
C SER A 66 0.84 -5.00 -3.20
N VAL A 67 0.52 -5.34 -1.94
CA VAL A 67 0.60 -4.47 -0.76
C VAL A 67 1.36 -5.21 0.35
N SER A 68 2.21 -4.50 1.10
CA SER A 68 2.87 -4.91 2.34
C SER A 68 3.47 -3.63 2.94
N PRO A 69 3.74 -3.55 4.25
CA PRO A 69 4.55 -2.48 4.78
C PRO A 69 6.02 -2.73 4.39
N GLU A 70 6.56 -3.89 4.79
CA GLU A 70 7.90 -4.33 4.51
C GLU A 70 7.79 -5.84 4.35
N GLU A 71 7.86 -6.57 5.47
CA GLU A 71 7.80 -8.03 5.51
C GLU A 71 6.96 -8.55 6.67
N ILE A 72 6.88 -7.82 7.79
CA ILE A 72 6.22 -8.31 9.01
C ILE A 72 4.74 -8.59 8.77
N GLY A 73 4.15 -7.84 7.83
CA GLY A 73 2.81 -8.01 7.30
C GLY A 73 2.54 -9.44 6.79
N ILE A 74 3.59 -10.17 6.43
CA ILE A 74 3.57 -11.51 5.83
C ILE A 74 4.05 -12.55 6.86
N SER A 75 4.53 -12.10 8.02
CA SER A 75 4.90 -12.96 9.12
C SER A 75 3.69 -13.10 10.05
N GLN A 76 3.49 -12.17 10.98
CA GLN A 76 2.53 -12.30 12.07
C GLN A 76 1.17 -11.86 11.55
N PHE A 77 1.10 -10.73 10.84
CA PHE A 77 -0.17 -10.21 10.41
C PHE A 77 -0.82 -11.12 9.36
N ALA A 78 -0.02 -11.94 8.66
CA ALA A 78 -0.50 -12.83 7.62
C ALA A 78 -1.61 -13.74 8.12
N ASP A 79 -1.60 -14.13 9.39
CA ASP A 79 -2.64 -14.95 9.99
C ASP A 79 -3.95 -14.19 10.07
N ALA A 80 -3.91 -12.93 10.51
CA ALA A 80 -5.09 -12.07 10.53
C ALA A 80 -5.62 -11.82 9.11
N ILE A 81 -4.73 -11.66 8.11
CA ILE A 81 -5.15 -11.55 6.72
C ILE A 81 -5.77 -12.88 6.25
N ALA A 82 -5.15 -14.01 6.59
CA ALA A 82 -5.57 -15.35 6.15
C ALA A 82 -7.00 -15.62 6.61
N GLN A 83 -7.27 -15.32 7.88
CA GLN A 83 -8.59 -15.45 8.48
C GLN A 83 -9.60 -14.48 7.86
N ALA A 84 -9.16 -13.36 7.26
CA ALA A 84 -10.04 -12.47 6.50
C ALA A 84 -10.29 -13.03 5.09
N GLY A 85 -9.32 -13.78 4.55
CA GLY A 85 -9.45 -14.64 3.39
C GLY A 85 -8.20 -14.62 2.51
N TYR A 86 -7.47 -13.50 2.44
CA TYR A 86 -6.34 -13.36 1.52
C TYR A 86 -5.10 -14.03 2.12
N SER A 87 -4.78 -15.24 1.64
CA SER A 87 -3.65 -16.05 2.12
C SER A 87 -2.24 -15.54 1.78
N ALA A 88 -2.14 -14.31 1.28
CA ALA A 88 -0.92 -13.61 0.91
C ALA A 88 -0.10 -14.37 -0.15
N THR A 89 1.09 -13.88 -0.46
CA THR A 89 2.19 -14.63 -1.06
C THR A 89 3.27 -14.78 0.01
N LYS A 90 4.36 -15.45 -0.36
CA LYS A 90 5.65 -15.49 0.30
C LYS A 90 6.39 -14.14 0.28
N GLY A 91 5.70 -13.01 0.21
CA GLY A 91 6.34 -11.74 -0.06
C GLY A 91 5.46 -10.53 0.11
N LEU A 92 4.16 -10.64 -0.24
CA LEU A 92 3.20 -9.54 -0.07
C LEU A 92 1.75 -10.03 -0.10
N PHE A 93 0.77 -9.17 0.17
CA PHE A 93 -0.65 -9.49 0.03
C PHE A 93 -1.25 -8.74 -1.16
N ARG A 94 -1.77 -9.51 -2.12
CA ARG A 94 -2.48 -8.98 -3.28
C ARG A 94 -3.96 -9.25 -3.10
N ILE A 95 -4.81 -8.30 -3.44
CA ILE A 95 -6.26 -8.49 -3.54
C ILE A 95 -6.59 -8.26 -5.02
N PRO A 96 -7.55 -9.00 -5.62
CA PRO A 96 -8.07 -8.69 -6.95
C PRO A 96 -8.65 -7.27 -6.99
N TRP A 97 -8.72 -6.68 -8.18
CA TRP A 97 -9.48 -5.44 -8.36
C TRP A 97 -10.95 -5.62 -8.01
N ASN A 98 -11.50 -6.83 -8.10
CA ASN A 98 -12.89 -7.11 -7.77
C ASN A 98 -13.18 -6.77 -6.30
N ASP A 99 -12.59 -7.54 -5.39
CA ASP A 99 -12.92 -7.54 -3.96
C ASP A 99 -12.23 -6.40 -3.22
N PRO A 100 -12.64 -6.06 -1.99
CA PRO A 100 -12.10 -4.90 -1.31
C PRO A 100 -10.76 -5.18 -0.64
N VAL A 101 -9.88 -4.19 -0.76
CA VAL A 101 -8.60 -4.08 -0.10
C VAL A 101 -8.92 -3.74 1.35
N HIS A 102 -8.58 -4.63 2.28
CA HIS A 102 -8.79 -4.47 3.72
C HIS A 102 -7.90 -3.36 4.28
N TYR A 103 -8.40 -2.13 4.28
CA TYR A 103 -7.75 -0.95 4.84
C TYR A 103 -7.47 -1.19 6.34
N GLU A 104 -8.40 -1.81 7.04
CA GLU A 104 -8.34 -2.03 8.48
C GLU A 104 -7.23 -2.98 8.89
N LEU A 105 -6.98 -4.04 8.13
CA LEU A 105 -5.86 -4.95 8.40
C LEU A 105 -4.55 -4.21 8.09
N LEU A 106 -4.48 -3.58 6.90
CA LEU A 106 -3.25 -2.96 6.41
C LEU A 106 -2.87 -1.69 7.19
N LYS A 107 -3.81 -0.96 7.81
CA LYS A 107 -3.51 0.14 8.70
C LYS A 107 -2.82 -0.34 9.97
N GLN A 108 -3.27 -1.45 10.59
CA GLN A 108 -2.68 -1.90 11.87
C GLN A 108 -1.17 -2.03 11.71
N MET A 109 -0.75 -2.75 10.69
CA MET A 109 0.66 -3.04 10.46
C MET A 109 1.46 -1.76 10.18
N ILE A 110 1.00 -0.84 9.31
CA ILE A 110 1.77 0.37 9.06
C ILE A 110 1.84 1.25 10.32
N GLU A 111 0.72 1.41 11.03
CA GLU A 111 0.66 2.25 12.22
C GLU A 111 1.59 1.71 13.31
N PHE A 112 1.55 0.39 13.52
CA PHE A 112 2.47 -0.28 14.42
C PHE A 112 3.93 0.00 14.01
N ASN A 113 4.26 -0.11 12.72
CA ASN A 113 5.65 0.06 12.29
C ASN A 113 6.18 1.46 12.61
N ILE A 114 5.33 2.46 12.79
CA ILE A 114 5.72 3.82 13.19
C ILE A 114 5.92 3.87 14.71
N GLN A 115 4.96 3.35 15.51
CA GLN A 115 5.07 3.42 16.97
C GLN A 115 6.18 2.50 17.51
N ASP A 116 6.58 1.53 16.69
CA ASP A 116 7.70 0.61 16.93
C ASP A 116 9.03 1.31 16.67
N LYS A 117 9.02 2.29 15.78
CA LYS A 117 10.16 3.13 15.40
C LYS A 117 9.97 4.50 16.02
N GLU A 118 9.55 4.53 17.28
CA GLU A 118 9.39 5.76 18.05
C GLU A 118 10.76 6.41 18.20
N GLY A 1 4.32 18.45 1.19
CA GLY A 1 3.91 18.48 -0.21
C GLY A 1 2.48 17.99 -0.38
N SER A 2 1.95 18.09 -1.61
CA SER A 2 0.59 17.64 -1.93
C SER A 2 0.43 16.13 -1.98
N HIS A 3 1.53 15.36 -1.97
CA HIS A 3 1.72 13.93 -2.25
C HIS A 3 1.13 13.45 -3.58
N MET A 4 -0.12 13.79 -3.91
CA MET A 4 -0.78 13.48 -5.18
C MET A 4 0.11 13.88 -6.34
N GLU A 5 0.73 15.05 -6.27
CA GLU A 5 1.62 15.54 -7.34
C GLU A 5 2.75 14.58 -7.69
N VAL A 6 3.24 13.85 -6.71
CA VAL A 6 4.29 12.85 -6.92
C VAL A 6 3.71 11.57 -7.55
N PHE A 7 2.47 11.22 -7.24
CA PHE A 7 1.77 10.03 -7.69
C PHE A 7 0.55 10.33 -8.61
N ALA A 8 0.56 11.37 -9.45
CA ALA A 8 -0.59 11.70 -10.31
C ALA A 8 -0.28 11.62 -11.80
N GLU A 9 0.99 11.59 -12.19
CA GLU A 9 1.41 11.43 -13.57
C GLU A 9 1.56 9.95 -13.88
N TYR A 10 1.79 9.12 -12.87
CA TYR A 10 2.09 7.72 -13.11
C TYR A 10 0.75 7.02 -13.46
N LEU A 11 -0.37 7.43 -12.82
CA LEU A 11 -1.73 6.92 -13.10
C LEU A 11 -2.12 7.09 -14.55
N LYS A 12 -1.72 8.20 -15.20
CA LYS A 12 -2.00 8.42 -16.63
C LYS A 12 -1.49 7.24 -17.46
N GLY A 13 -0.32 6.74 -17.10
CA GLY A 13 0.35 5.62 -17.74
C GLY A 13 -0.28 4.26 -17.45
N ILE A 14 -1.26 4.18 -16.55
CA ILE A 14 -1.98 2.94 -16.28
C ILE A 14 -3.12 2.87 -17.27
N ASP A 15 -2.94 2.04 -18.30
CA ASP A 15 -3.89 1.84 -19.39
C ASP A 15 -5.18 1.13 -18.94
N HIS A 16 -5.20 0.65 -17.71
CA HIS A 16 -6.28 -0.11 -17.09
C HIS A 16 -7.10 0.78 -16.13
N PRO A 17 -8.11 1.54 -16.61
CA PRO A 17 -8.92 2.44 -15.77
C PRO A 17 -9.78 1.72 -14.75
N ASP A 18 -10.05 0.43 -14.94
CA ASP A 18 -10.86 -0.35 -14.00
C ASP A 18 -10.13 -0.46 -12.64
N HIS A 19 -8.82 -0.19 -12.61
CA HIS A 19 -7.95 -0.45 -11.47
C HIS A 19 -7.16 0.80 -11.07
N ARG A 20 -6.77 1.64 -12.05
CA ARG A 20 -6.10 2.92 -11.82
C ARG A 20 -6.85 3.72 -10.76
N ASP A 21 -8.15 3.92 -10.99
CA ASP A 21 -9.04 4.73 -10.15
C ASP A 21 -9.21 4.16 -8.74
N ARG A 22 -8.79 2.92 -8.46
CA ARG A 22 -8.79 2.36 -7.10
C ARG A 22 -7.46 2.71 -6.44
N THR A 23 -6.38 2.39 -7.13
CA THR A 23 -5.00 2.59 -6.73
C THR A 23 -4.74 3.99 -6.16
N GLU A 24 -5.29 5.03 -6.79
CA GLU A 24 -5.12 6.42 -6.42
C GLU A 24 -5.86 6.80 -5.13
N GLU A 25 -6.97 6.10 -4.83
CA GLU A 25 -7.67 6.26 -3.56
C GLU A 25 -6.77 5.80 -2.41
N ILE A 26 -6.16 4.62 -2.55
CA ILE A 26 -5.20 4.11 -1.56
C ILE A 26 -4.10 5.15 -1.31
N LEU A 27 -3.56 5.72 -2.39
CA LEU A 27 -2.46 6.68 -2.30
C LEU A 27 -2.88 7.89 -1.47
N SER A 28 -4.02 8.49 -1.82
CA SER A 28 -4.56 9.65 -1.13
C SER A 28 -4.92 9.35 0.33
N TRP A 29 -5.50 8.18 0.53
CA TRP A 29 -5.85 7.62 1.84
C TRP A 29 -4.60 7.56 2.72
N VAL A 30 -3.54 6.84 2.34
CA VAL A 30 -2.33 6.67 3.17
C VAL A 30 -1.83 8.02 3.68
N ALA A 31 -1.71 9.02 2.81
CA ALA A 31 -1.17 10.32 3.19
C ALA A 31 -2.09 11.08 4.16
N ALA A 32 -3.37 10.68 4.29
CA ALA A 32 -4.27 11.17 5.31
C ALA A 32 -4.16 10.34 6.59
N THR A 33 -4.33 9.01 6.49
CA THR A 33 -4.43 8.12 7.64
C THR A 33 -3.10 8.05 8.40
N PHE A 34 -1.96 8.15 7.71
CA PHE A 34 -0.62 8.04 8.29
C PHE A 34 0.21 9.25 7.80
N PRO A 35 -0.10 10.45 8.27
CA PRO A 35 0.33 11.72 7.64
C PRO A 35 1.80 12.07 7.86
N ASN A 36 2.56 11.33 8.69
CA ASN A 36 4.01 11.49 8.74
C ASN A 36 4.71 10.88 7.52
N LEU A 37 4.03 10.06 6.71
CA LEU A 37 4.62 9.51 5.51
C LEU A 37 4.70 10.55 4.39
N GLU A 38 5.84 10.61 3.71
CA GLU A 38 6.10 11.46 2.54
C GLU A 38 6.24 10.58 1.30
N PRO A 39 5.89 11.06 0.10
CA PRO A 39 5.88 10.25 -1.11
C PRO A 39 7.30 9.99 -1.62
N GLN A 40 7.49 8.96 -2.45
CA GLN A 40 8.68 8.75 -3.24
C GLN A 40 8.34 7.84 -4.43
N MET A 41 8.37 8.35 -5.66
CA MET A 41 8.37 7.51 -6.85
C MET A 41 9.74 6.84 -6.97
N LYS A 42 9.87 5.61 -6.47
CA LYS A 42 11.10 4.80 -6.52
C LYS A 42 10.74 3.54 -7.31
N TRP A 43 11.68 2.97 -8.05
CA TRP A 43 11.45 1.80 -8.88
C TRP A 43 10.26 1.95 -9.84
N ASN A 44 9.86 3.18 -10.20
CA ASN A 44 8.68 3.47 -11.03
C ASN A 44 7.38 3.02 -10.36
N THR A 45 7.42 2.75 -9.06
CA THR A 45 6.26 2.36 -8.27
C THR A 45 6.10 3.39 -7.15
N PRO A 46 4.87 3.63 -6.70
CA PRO A 46 4.59 4.55 -5.62
C PRO A 46 4.94 3.93 -4.26
N MET A 47 5.95 4.45 -3.58
CA MET A 47 6.22 4.13 -2.17
C MET A 47 6.12 5.41 -1.34
N PHE A 48 6.18 5.28 -0.01
CA PHE A 48 6.22 6.42 0.88
C PHE A 48 7.34 6.18 1.88
N SER A 49 8.09 7.21 2.21
CA SER A 49 9.13 7.17 3.23
C SER A 49 8.57 7.85 4.49
N ASN A 50 8.64 7.18 5.65
CA ASN A 50 8.41 7.84 6.94
C ASN A 50 9.60 8.73 7.20
N GLN A 51 9.52 9.96 6.70
CA GLN A 51 10.52 11.02 6.76
C GLN A 51 11.88 10.66 6.12
N GLY A 52 12.12 9.40 5.74
CA GLY A 52 13.36 8.87 5.16
C GLY A 52 13.43 7.34 5.12
N THR A 53 12.54 6.61 5.80
CA THR A 53 12.57 5.14 5.93
C THR A 53 11.88 4.45 4.73
N PHE A 54 11.64 3.14 4.81
CA PHE A 54 11.05 2.30 3.76
C PHE A 54 9.82 1.53 4.26
N ILE A 55 9.20 1.96 5.36
CA ILE A 55 8.13 1.28 6.10
C ILE A 55 6.81 1.15 5.29
N ILE A 56 6.73 1.54 4.01
CA ILE A 56 5.65 1.15 3.12
C ILE A 56 6.08 1.23 1.65
N GLY A 57 5.62 0.29 0.83
CA GLY A 57 5.68 0.35 -0.62
C GLY A 57 4.64 -0.59 -1.21
N PHE A 58 4.08 -0.27 -2.38
CA PHE A 58 3.21 -1.13 -3.17
C PHE A 58 3.39 -0.80 -4.65
N SER A 59 2.79 -1.60 -5.51
CA SER A 59 2.61 -1.29 -6.91
C SER A 59 1.40 -2.06 -7.43
N THR A 60 0.88 -1.63 -8.57
CA THR A 60 -0.08 -2.38 -9.34
C THR A 60 0.53 -3.71 -9.79
N SER A 61 -0.31 -4.71 -10.00
CA SER A 61 -0.04 -5.93 -10.72
C SER A 61 -1.23 -6.14 -11.68
N LYS A 62 -1.09 -7.12 -12.57
CA LYS A 62 -1.99 -7.39 -13.68
C LYS A 62 -3.46 -7.44 -13.23
N HIS A 63 -3.76 -8.21 -12.18
CA HIS A 63 -5.12 -8.43 -11.66
C HIS A 63 -5.23 -8.19 -10.15
N HIS A 64 -4.16 -7.68 -9.50
CA HIS A 64 -4.17 -7.38 -8.07
C HIS A 64 -3.29 -6.17 -7.77
N LEU A 65 -3.37 -5.65 -6.55
CA LEU A 65 -2.37 -4.76 -5.96
C LEU A 65 -1.55 -5.61 -4.98
N SER A 66 -0.26 -5.34 -4.80
CA SER A 66 0.59 -6.05 -3.85
C SER A 66 1.18 -5.06 -2.84
N VAL A 67 0.99 -5.30 -1.55
CA VAL A 67 1.04 -4.33 -0.44
C VAL A 67 1.83 -4.93 0.73
N SER A 68 2.65 -4.15 1.44
CA SER A 68 3.29 -4.49 2.71
C SER A 68 3.88 -3.21 3.32
N PRO A 69 4.00 -3.11 4.66
CA PRO A 69 4.83 -2.09 5.28
C PRO A 69 6.32 -2.45 5.22
N GLU A 70 6.73 -3.61 5.76
CA GLU A 70 8.06 -4.17 5.59
C GLU A 70 7.88 -5.68 5.39
N GLU A 71 7.80 -6.43 6.48
CA GLU A 71 7.69 -7.90 6.47
C GLU A 71 6.78 -8.44 7.57
N ILE A 72 6.73 -7.81 8.76
CA ILE A 72 5.92 -8.33 9.88
C ILE A 72 4.43 -8.37 9.52
N GLY A 73 3.98 -7.43 8.70
CA GLY A 73 2.64 -7.40 8.10
C GLY A 73 2.25 -8.71 7.42
N ILE A 74 3.24 -9.51 7.03
CA ILE A 74 3.12 -10.71 6.21
C ILE A 74 3.41 -11.96 7.06
N SER A 75 3.76 -11.79 8.33
CA SER A 75 4.09 -12.88 9.25
C SER A 75 3.10 -12.91 10.42
N GLN A 76 2.92 -11.76 11.09
CA GLN A 76 2.14 -11.57 12.31
C GLN A 76 0.70 -11.39 11.91
N PHE A 77 0.46 -10.37 11.08
CA PHE A 77 -0.85 -9.99 10.57
C PHE A 77 -1.32 -10.96 9.48
N ALA A 78 -0.51 -11.98 9.16
CA ALA A 78 -0.80 -12.97 8.16
C ALA A 78 -2.10 -13.71 8.46
N ASP A 79 -2.38 -14.03 9.73
CA ASP A 79 -3.50 -14.88 10.09
C ASP A 79 -4.80 -14.10 9.90
N ALA A 80 -4.78 -12.80 10.20
CA ALA A 80 -5.85 -11.89 9.90
C ALA A 80 -6.06 -11.84 8.38
N ILE A 81 -4.99 -11.68 7.58
CA ILE A 81 -5.06 -11.68 6.11
C ILE A 81 -5.67 -13.00 5.60
N ALA A 82 -5.24 -14.15 6.14
CA ALA A 82 -5.69 -15.47 5.73
C ALA A 82 -7.20 -15.53 5.86
N GLN A 83 -7.69 -15.25 7.06
CA GLN A 83 -9.11 -15.29 7.38
C GLN A 83 -9.91 -14.19 6.68
N ALA A 84 -9.27 -13.16 6.13
CA ALA A 84 -9.95 -12.16 5.31
C ALA A 84 -10.12 -12.65 3.87
N GLY A 85 -9.38 -13.69 3.45
CA GLY A 85 -9.59 -14.39 2.19
C GLY A 85 -8.51 -14.12 1.15
N TYR A 86 -7.32 -13.63 1.55
CA TYR A 86 -6.35 -13.06 0.62
C TYR A 86 -5.03 -13.83 0.66
N SER A 87 -4.83 -14.72 -0.31
CA SER A 87 -3.59 -15.45 -0.55
C SER A 87 -2.43 -14.46 -0.75
N ALA A 88 -1.44 -14.48 0.15
CA ALA A 88 -0.32 -13.56 0.22
C ALA A 88 0.95 -14.18 -0.39
N THR A 89 2.10 -13.56 -0.19
CA THR A 89 3.43 -14.15 -0.39
C THR A 89 4.15 -14.10 0.97
N LYS A 90 5.48 -14.28 1.01
CA LYS A 90 6.24 -14.27 2.26
C LYS A 90 6.70 -12.85 2.62
N GLY A 91 6.78 -11.93 1.65
CA GLY A 91 7.28 -10.57 1.85
C GLY A 91 6.37 -9.47 1.31
N LEU A 92 5.17 -9.81 0.83
CA LEU A 92 4.04 -8.90 0.70
C LEU A 92 2.72 -9.67 0.68
N PHE A 93 1.59 -8.99 0.79
CA PHE A 93 0.25 -9.54 0.60
C PHE A 93 -0.44 -8.83 -0.57
N ARG A 94 -1.67 -9.21 -0.91
CA ARG A 94 -2.39 -8.65 -2.05
C ARG A 94 -3.87 -8.41 -1.79
N ILE A 95 -4.51 -7.73 -2.72
CA ILE A 95 -5.96 -7.73 -2.89
C ILE A 95 -6.17 -7.85 -4.40
N PRO A 96 -7.18 -8.59 -4.89
CA PRO A 96 -7.59 -8.49 -6.29
C PRO A 96 -8.19 -7.11 -6.55
N TRP A 97 -8.25 -6.69 -7.81
CA TRP A 97 -8.91 -5.42 -8.12
C TRP A 97 -10.44 -5.48 -8.02
N ASN A 98 -11.04 -6.66 -8.14
CA ASN A 98 -12.47 -6.87 -7.93
C ASN A 98 -12.84 -6.61 -6.46
N ASP A 99 -12.37 -7.48 -5.58
CA ASP A 99 -12.83 -7.64 -4.21
C ASP A 99 -12.33 -6.51 -3.30
N PRO A 100 -12.88 -6.31 -2.08
CA PRO A 100 -12.57 -5.13 -1.29
C PRO A 100 -11.17 -5.15 -0.70
N VAL A 101 -10.58 -3.97 -0.62
CA VAL A 101 -9.38 -3.72 0.13
C VAL A 101 -9.79 -3.66 1.60
N HIS A 102 -9.13 -4.46 2.44
CA HIS A 102 -9.19 -4.40 3.89
C HIS A 102 -8.25 -3.26 4.30
N TYR A 103 -8.69 -2.01 4.12
CA TYR A 103 -7.92 -0.84 4.51
C TYR A 103 -7.61 -0.90 6.01
N GLU A 104 -8.49 -1.48 6.80
CA GLU A 104 -8.27 -1.70 8.22
C GLU A 104 -7.04 -2.59 8.47
N LEU A 105 -6.94 -3.73 7.78
CA LEU A 105 -5.94 -4.72 8.12
C LEU A 105 -4.56 -4.20 7.78
N LEU A 106 -4.48 -3.57 6.62
CA LEU A 106 -3.27 -2.93 6.15
C LEU A 106 -2.97 -1.67 6.97
N LYS A 107 -3.98 -0.96 7.49
CA LYS A 107 -3.81 0.08 8.52
C LYS A 107 -3.15 -0.50 9.78
N GLN A 108 -3.67 -1.61 10.32
CA GLN A 108 -3.22 -2.19 11.57
C GLN A 108 -1.70 -2.37 11.54
N MET A 109 -1.18 -2.98 10.47
CA MET A 109 0.25 -3.23 10.35
C MET A 109 1.05 -1.94 10.14
N ILE A 110 0.68 -1.04 9.23
CA ILE A 110 1.50 0.15 8.97
C ILE A 110 1.63 0.98 10.25
N GLU A 111 0.54 1.21 10.98
CA GLU A 111 0.53 1.97 12.23
C GLU A 111 1.48 1.36 13.26
N PHE A 112 1.42 0.04 13.46
CA PHE A 112 2.34 -0.62 14.37
C PHE A 112 3.78 -0.43 13.93
N ASN A 113 4.08 -0.62 12.64
CA ASN A 113 5.45 -0.52 12.14
C ASN A 113 6.02 0.90 12.28
N ILE A 114 5.18 1.93 12.40
CA ILE A 114 5.63 3.27 12.77
C ILE A 114 6.03 3.26 14.24
N GLN A 115 5.14 2.86 15.17
CA GLN A 115 5.43 2.97 16.61
C GLN A 115 6.55 2.00 17.05
N ASP A 116 6.88 1.02 16.21
CA ASP A 116 7.94 0.06 16.45
C ASP A 116 9.35 0.66 16.24
N LYS A 117 9.41 1.89 15.69
CA LYS A 117 10.62 2.61 15.29
C LYS A 117 10.79 3.87 16.14
N GLU A 118 10.17 3.93 17.30
CA GLU A 118 10.32 5.00 18.27
C GLU A 118 11.76 5.07 18.76
N GLY A 1 3.85 18.45 0.85
CA GLY A 1 3.54 18.23 -0.58
C GLY A 1 2.09 17.77 -0.74
N SER A 2 1.56 17.86 -1.96
CA SER A 2 0.24 17.39 -2.29
C SER A 2 0.12 15.85 -2.38
N HIS A 3 1.23 15.12 -2.36
CA HIS A 3 1.41 13.68 -2.55
C HIS A 3 0.88 13.15 -3.88
N MET A 4 -0.40 13.37 -4.20
CA MET A 4 -1.07 12.93 -5.43
C MET A 4 -0.20 13.20 -6.64
N GLU A 5 0.38 14.40 -6.72
CA GLU A 5 1.03 14.87 -7.92
C GLU A 5 2.28 14.05 -8.24
N VAL A 6 2.98 13.55 -7.21
CA VAL A 6 4.15 12.69 -7.36
C VAL A 6 3.78 11.46 -8.18
N PHE A 7 2.64 10.85 -7.83
CA PHE A 7 2.19 9.57 -8.35
C PHE A 7 1.30 9.73 -9.59
N ALA A 8 0.90 10.95 -9.94
CA ALA A 8 -0.09 11.24 -10.98
C ALA A 8 0.47 10.94 -12.36
N GLU A 9 1.77 11.15 -12.55
CA GLU A 9 2.44 10.83 -13.80
C GLU A 9 2.50 9.33 -14.04
N TYR A 10 2.28 8.49 -13.02
CA TYR A 10 2.05 7.07 -13.23
C TYR A 10 0.59 6.88 -13.68
N LEU A 11 -0.34 7.43 -12.90
CA LEU A 11 -1.79 7.28 -13.13
C LEU A 11 -2.16 7.60 -14.56
N LYS A 12 -1.63 8.69 -15.13
CA LYS A 12 -2.03 9.15 -16.43
C LYS A 12 -1.71 8.13 -17.52
N GLY A 13 -0.73 7.27 -17.28
CA GLY A 13 -0.26 6.25 -18.20
C GLY A 13 -0.88 4.87 -17.96
N ILE A 14 -1.73 4.68 -16.94
CA ILE A 14 -2.44 3.42 -16.71
C ILE A 14 -3.59 3.37 -17.71
N ASP A 15 -3.52 2.45 -18.68
CA ASP A 15 -4.56 2.28 -19.71
C ASP A 15 -5.81 1.56 -19.18
N HIS A 16 -5.80 1.16 -17.90
CA HIS A 16 -6.86 0.46 -17.18
C HIS A 16 -7.50 1.40 -16.13
N PRO A 17 -8.39 2.32 -16.52
CA PRO A 17 -9.07 3.21 -15.59
C PRO A 17 -9.91 2.45 -14.56
N ASP A 18 -10.50 1.30 -14.91
CA ASP A 18 -11.43 0.54 -14.05
C ASP A 18 -10.71 -0.07 -12.83
N HIS A 19 -9.40 0.13 -12.73
CA HIS A 19 -8.51 -0.48 -11.75
C HIS A 19 -7.55 0.55 -11.18
N ARG A 20 -7.07 1.46 -12.03
CA ARG A 20 -6.38 2.68 -11.62
C ARG A 20 -7.15 3.35 -10.49
N ASP A 21 -8.44 3.61 -10.73
CA ASP A 21 -9.29 4.36 -9.81
C ASP A 21 -9.27 3.76 -8.39
N ARG A 22 -9.25 2.43 -8.29
CA ARG A 22 -9.15 1.73 -7.01
C ARG A 22 -7.82 2.06 -6.33
N THR A 23 -6.72 2.03 -7.07
CA THR A 23 -5.37 2.37 -6.63
C THR A 23 -5.30 3.84 -6.14
N GLU A 24 -6.04 4.77 -6.75
CA GLU A 24 -6.07 6.17 -6.32
C GLU A 24 -6.58 6.27 -4.87
N GLU A 25 -7.56 5.45 -4.48
CA GLU A 25 -8.09 5.44 -3.12
C GLU A 25 -7.02 5.10 -2.09
N ILE A 26 -6.22 4.06 -2.37
CA ILE A 26 -5.13 3.63 -1.48
C ILE A 26 -4.21 4.84 -1.21
N LEU A 27 -3.76 5.52 -2.28
CA LEU A 27 -2.79 6.61 -2.16
C LEU A 27 -3.33 7.68 -1.22
N SER A 28 -4.50 8.23 -1.54
CA SER A 28 -5.07 9.32 -0.77
C SER A 28 -5.31 8.89 0.68
N TRP A 29 -5.83 7.68 0.88
CA TRP A 29 -6.12 7.14 2.20
C TRP A 29 -4.85 7.00 3.03
N VAL A 30 -3.75 6.54 2.44
CA VAL A 30 -2.45 6.50 3.12
C VAL A 30 -2.06 7.91 3.56
N ALA A 31 -1.92 8.86 2.64
CA ALA A 31 -1.43 10.21 2.98
C ALA A 31 -2.40 10.97 3.90
N ALA A 32 -3.68 10.58 3.92
CA ALA A 32 -4.65 11.08 4.87
C ALA A 32 -4.42 10.51 6.27
N THR A 33 -4.53 9.19 6.41
CA THR A 33 -4.55 8.47 7.68
C THR A 33 -3.18 8.48 8.34
N PHE A 34 -2.12 8.39 7.54
CA PHE A 34 -0.74 8.33 7.97
C PHE A 34 0.03 9.53 7.41
N PRO A 35 -0.29 10.77 7.82
CA PRO A 35 0.35 11.96 7.26
C PRO A 35 1.83 12.06 7.63
N ASN A 36 2.30 11.24 8.58
CA ASN A 36 3.72 11.11 8.92
C ASN A 36 4.50 10.29 7.89
N LEU A 37 3.86 9.87 6.78
CA LEU A 37 4.51 9.24 5.65
C LEU A 37 4.61 10.26 4.52
N GLU A 38 5.72 10.27 3.80
CA GLU A 38 6.05 11.25 2.78
C GLU A 38 6.28 10.55 1.43
N PRO A 39 5.88 11.17 0.31
CA PRO A 39 5.78 10.51 -0.99
C PRO A 39 7.14 10.35 -1.68
N GLN A 40 7.31 9.26 -2.44
CA GLN A 40 8.50 9.04 -3.25
C GLN A 40 8.15 8.12 -4.43
N MET A 41 8.33 8.62 -5.64
CA MET A 41 8.36 7.80 -6.84
C MET A 41 9.78 7.23 -6.98
N LYS A 42 9.94 5.91 -6.84
CA LYS A 42 11.23 5.22 -6.95
C LYS A 42 10.98 3.81 -7.46
N TRP A 43 11.95 3.16 -8.10
CA TRP A 43 11.79 1.91 -8.84
C TRP A 43 10.63 1.93 -9.83
N ASN A 44 10.21 3.11 -10.31
CA ASN A 44 9.02 3.33 -11.10
C ASN A 44 7.75 2.86 -10.37
N THR A 45 7.77 2.76 -9.05
CA THR A 45 6.65 2.38 -8.22
C THR A 45 6.32 3.53 -7.25
N PRO A 46 5.09 3.56 -6.73
CA PRO A 46 4.68 4.43 -5.64
C PRO A 46 5.14 3.86 -4.29
N MET A 47 6.10 4.52 -3.65
CA MET A 47 6.42 4.27 -2.24
C MET A 47 6.16 5.54 -1.43
N PHE A 48 6.22 5.39 -0.12
CA PHE A 48 6.29 6.48 0.82
C PHE A 48 7.42 6.12 1.80
N SER A 49 7.73 7.00 2.72
CA SER A 49 8.66 6.75 3.80
C SER A 49 8.12 7.47 5.03
N ASN A 50 8.19 6.86 6.21
CA ASN A 50 8.05 7.64 7.42
C ASN A 50 9.32 8.45 7.53
N GLN A 51 9.25 9.70 7.07
CA GLN A 51 10.26 10.75 7.15
C GLN A 51 11.61 10.46 6.44
N GLY A 52 11.86 9.21 6.05
CA GLY A 52 12.90 8.77 5.12
C GLY A 52 13.14 7.25 5.12
N THR A 53 12.46 6.45 5.96
CA THR A 53 12.64 4.99 6.05
C THR A 53 12.04 4.26 4.83
N PHE A 54 11.85 2.93 4.88
CA PHE A 54 11.34 2.12 3.76
C PHE A 54 10.14 1.27 4.19
N ILE A 55 9.47 1.63 5.28
CA ILE A 55 8.45 0.83 5.95
C ILE A 55 7.15 0.73 5.11
N ILE A 56 7.14 1.07 3.81
CA ILE A 56 6.03 0.87 2.90
C ILE A 56 6.51 0.92 1.45
N GLY A 57 5.88 0.14 0.57
CA GLY A 57 5.93 0.30 -0.88
C GLY A 57 4.85 -0.57 -1.52
N PHE A 58 4.21 -0.13 -2.60
CA PHE A 58 3.28 -0.94 -3.39
C PHE A 58 3.54 -0.72 -4.88
N SER A 59 2.86 -1.48 -5.74
CA SER A 59 2.66 -1.14 -7.14
C SER A 59 1.41 -1.86 -7.61
N THR A 60 0.82 -1.36 -8.70
CA THR A 60 -0.14 -2.14 -9.45
C THR A 60 0.58 -3.36 -10.00
N SER A 61 -0.14 -4.47 -10.05
CA SER A 61 0.18 -5.65 -10.82
C SER A 61 -1.00 -5.85 -11.78
N LYS A 62 -0.88 -6.80 -12.71
CA LYS A 62 -1.73 -6.87 -13.88
C LYS A 62 -3.20 -7.00 -13.48
N HIS A 63 -3.51 -7.86 -12.50
CA HIS A 63 -4.87 -8.05 -11.99
C HIS A 63 -4.90 -8.15 -10.46
N HIS A 64 -4.06 -7.38 -9.76
CA HIS A 64 -4.05 -7.21 -8.31
C HIS A 64 -3.18 -6.01 -7.93
N LEU A 65 -3.27 -5.55 -6.68
CA LEU A 65 -2.27 -4.67 -6.04
C LEU A 65 -1.36 -5.55 -5.17
N SER A 66 -0.13 -5.10 -4.86
CA SER A 66 0.74 -5.72 -3.86
C SER A 66 1.03 -4.71 -2.76
N VAL A 67 0.78 -5.01 -1.49
CA VAL A 67 0.94 -4.09 -0.37
C VAL A 67 1.65 -4.82 0.78
N SER A 68 2.54 -4.15 1.49
CA SER A 68 3.24 -4.64 2.68
C SER A 68 4.04 -3.46 3.25
N PRO A 69 4.31 -3.41 4.57
CA PRO A 69 5.32 -2.50 5.09
C PRO A 69 6.74 -3.05 4.93
N GLU A 70 7.05 -4.24 5.47
CA GLU A 70 8.41 -4.80 5.47
C GLU A 70 8.31 -6.32 5.43
N GLU A 71 8.19 -6.96 6.60
CA GLU A 71 8.03 -8.40 6.75
C GLU A 71 7.08 -8.75 7.90
N ILE A 72 7.03 -7.94 8.97
CA ILE A 72 6.18 -8.22 10.13
C ILE A 72 4.70 -8.22 9.73
N GLY A 73 4.36 -7.38 8.74
CA GLY A 73 3.07 -7.28 8.08
C GLY A 73 2.53 -8.62 7.58
N ILE A 74 3.41 -9.59 7.33
CA ILE A 74 3.07 -10.90 6.78
C ILE A 74 3.50 -12.01 7.74
N SER A 75 4.16 -11.67 8.85
CA SER A 75 4.47 -12.62 9.89
C SER A 75 3.21 -12.79 10.75
N GLN A 76 2.86 -11.77 11.54
CA GLN A 76 1.87 -11.91 12.59
C GLN A 76 0.48 -11.62 12.03
N PHE A 77 0.36 -10.60 11.18
CA PHE A 77 -0.92 -10.22 10.61
C PHE A 77 -1.41 -11.23 9.58
N ALA A 78 -0.57 -12.18 9.15
CA ALA A 78 -1.01 -13.21 8.21
C ALA A 78 -2.22 -14.00 8.70
N ASP A 79 -2.41 -14.14 10.02
CA ASP A 79 -3.54 -14.87 10.59
C ASP A 79 -4.84 -14.09 10.40
N ALA A 80 -4.79 -12.78 10.64
CA ALA A 80 -5.90 -11.87 10.37
C ALA A 80 -6.19 -11.80 8.87
N ILE A 81 -5.17 -11.83 8.01
CA ILE A 81 -5.31 -11.91 6.56
C ILE A 81 -6.05 -13.20 6.19
N ALA A 82 -5.61 -14.34 6.72
CA ALA A 82 -6.13 -15.65 6.42
C ALA A 82 -7.65 -15.71 6.59
N GLN A 83 -8.13 -15.19 7.71
CA GLN A 83 -9.54 -15.18 8.07
C GLN A 83 -10.41 -14.43 7.04
N ALA A 84 -9.88 -13.42 6.35
CA ALA A 84 -10.62 -12.72 5.31
C ALA A 84 -10.77 -13.57 4.04
N GLY A 85 -9.97 -14.63 3.92
CA GLY A 85 -9.94 -15.54 2.78
C GLY A 85 -8.72 -15.34 1.89
N TYR A 86 -8.01 -14.23 2.06
CA TYR A 86 -6.74 -13.94 1.42
C TYR A 86 -5.68 -14.82 2.08
N SER A 87 -4.52 -15.03 1.46
CA SER A 87 -3.48 -15.87 2.07
C SER A 87 -2.10 -15.19 2.08
N ALA A 88 -2.05 -13.93 1.65
CA ALA A 88 -0.85 -13.17 1.36
C ALA A 88 0.06 -13.89 0.34
N THR A 89 1.33 -13.52 0.33
CA THR A 89 2.50 -14.24 -0.18
C THR A 89 3.41 -14.45 1.04
N LYS A 90 4.68 -14.79 0.87
CA LYS A 90 5.59 -14.80 2.02
C LYS A 90 5.92 -13.41 2.55
N GLY A 91 5.95 -12.39 1.68
CA GLY A 91 6.60 -11.13 1.97
C GLY A 91 5.73 -9.89 1.73
N LEU A 92 4.68 -10.01 0.92
CA LEU A 92 3.66 -8.99 0.77
C LEU A 92 2.29 -9.63 0.73
N PHE A 93 1.23 -8.84 0.84
CA PHE A 93 -0.14 -9.32 0.67
C PHE A 93 -0.70 -8.69 -0.59
N ARG A 94 -1.61 -9.37 -1.27
CA ARG A 94 -2.10 -8.95 -2.58
C ARG A 94 -3.59 -9.20 -2.66
N ILE A 95 -4.33 -8.34 -3.34
CA ILE A 95 -5.77 -8.45 -3.45
C ILE A 95 -6.12 -8.25 -4.93
N PRO A 96 -7.12 -8.93 -5.52
CA PRO A 96 -7.57 -8.62 -6.88
C PRO A 96 -8.36 -7.31 -6.90
N TRP A 97 -8.51 -6.68 -8.07
CA TRP A 97 -9.25 -5.43 -8.21
C TRP A 97 -10.76 -5.54 -7.93
N ASN A 98 -11.31 -6.75 -7.90
CA ASN A 98 -12.70 -7.03 -7.50
C ASN A 98 -12.93 -6.64 -6.05
N ASP A 99 -11.93 -6.90 -5.21
CA ASP A 99 -12.11 -7.08 -3.78
C ASP A 99 -11.80 -5.78 -3.04
N PRO A 100 -12.31 -5.60 -1.81
CA PRO A 100 -11.86 -4.55 -0.92
C PRO A 100 -10.47 -4.91 -0.40
N VAL A 101 -9.49 -4.02 -0.56
CA VAL A 101 -8.09 -4.36 -0.34
C VAL A 101 -7.67 -4.41 1.15
N HIS A 102 -8.66 -4.50 2.04
CA HIS A 102 -8.58 -4.62 3.48
C HIS A 102 -7.68 -3.56 4.14
N TYR A 103 -8.25 -2.35 4.26
CA TYR A 103 -7.65 -1.14 4.80
C TYR A 103 -7.41 -1.25 6.29
N GLU A 104 -8.43 -1.66 7.04
CA GLU A 104 -8.37 -1.84 8.49
C GLU A 104 -7.28 -2.86 8.87
N LEU A 105 -7.08 -3.90 8.07
CA LEU A 105 -6.01 -4.86 8.26
C LEU A 105 -4.65 -4.19 8.06
N LEU A 106 -4.52 -3.47 6.94
CA LEU A 106 -3.26 -2.86 6.53
C LEU A 106 -2.88 -1.65 7.41
N LYS A 107 -3.84 -0.93 7.98
CA LYS A 107 -3.56 0.12 8.95
C LYS A 107 -2.93 -0.47 10.22
N GLN A 108 -3.37 -1.64 10.70
CA GLN A 108 -2.79 -2.22 11.93
C GLN A 108 -1.29 -2.42 11.76
N MET A 109 -0.88 -3.04 10.66
CA MET A 109 0.52 -3.34 10.43
C MET A 109 1.31 -2.06 10.16
N ILE A 110 0.83 -1.14 9.33
CA ILE A 110 1.61 0.05 8.98
C ILE A 110 1.71 1.00 10.19
N GLU A 111 0.61 1.29 10.89
CA GLU A 111 0.62 2.16 12.07
C GLU A 111 1.47 1.57 13.21
N PHE A 112 1.54 0.24 13.32
CA PHE A 112 2.49 -0.39 14.21
C PHE A 112 3.91 -0.19 13.72
N ASN A 113 4.20 -0.52 12.46
CA ASN A 113 5.57 -0.56 11.97
C ASN A 113 6.15 0.86 11.92
N ILE A 114 5.31 1.90 11.94
CA ILE A 114 5.66 3.27 12.33
C ILE A 114 6.11 3.26 13.79
N GLN A 115 5.20 3.07 14.76
CA GLN A 115 5.47 3.34 16.17
C GLN A 115 6.52 2.40 16.78
N ASP A 116 6.83 1.32 16.06
CA ASP A 116 7.87 0.35 16.37
C ASP A 116 9.28 0.84 16.04
N LYS A 117 9.37 1.95 15.30
CA LYS A 117 10.59 2.69 14.97
C LYS A 117 10.42 4.17 15.30
N GLU A 118 9.27 4.54 15.88
CA GLU A 118 8.95 5.80 16.53
C GLU A 118 9.41 7.05 15.77
N GLY A 1 1.97 19.19 2.31
CA GLY A 1 1.73 17.81 1.89
C GLY A 1 0.59 17.71 0.90
N SER A 2 0.81 18.02 -0.38
CA SER A 2 -0.16 17.74 -1.44
C SER A 2 -0.29 16.24 -1.72
N HIS A 3 0.77 15.47 -1.47
CA HIS A 3 1.10 14.10 -1.85
C HIS A 3 0.86 13.76 -3.33
N MET A 4 -0.36 13.96 -3.85
CA MET A 4 -0.87 13.55 -5.15
C MET A 4 0.16 13.85 -6.23
N GLU A 5 0.69 15.06 -6.26
CA GLU A 5 1.52 15.58 -7.34
C GLU A 5 2.72 14.67 -7.64
N VAL A 6 3.24 13.98 -6.62
CA VAL A 6 4.39 13.06 -6.75
C VAL A 6 4.01 11.87 -7.63
N PHE A 7 2.84 11.30 -7.39
CA PHE A 7 2.33 10.05 -7.95
C PHE A 7 1.42 10.27 -9.17
N ALA A 8 1.06 11.52 -9.44
CA ALA A 8 -0.07 11.93 -10.25
C ALA A 8 0.11 11.56 -11.71
N GLU A 9 1.31 11.18 -12.08
CA GLU A 9 1.77 11.00 -13.44
C GLU A 9 2.01 9.52 -13.69
N TYR A 10 2.32 8.75 -12.64
CA TYR A 10 2.54 7.32 -12.82
C TYR A 10 1.17 6.70 -13.10
N LEU A 11 0.13 7.25 -12.47
CA LEU A 11 -1.28 6.91 -12.71
C LEU A 11 -1.64 6.90 -14.19
N LYS A 12 -1.27 7.92 -14.97
CA LYS A 12 -1.51 7.92 -16.41
C LYS A 12 -0.80 6.79 -17.15
N GLY A 13 0.31 6.32 -16.60
CA GLY A 13 1.07 5.20 -17.14
C GLY A 13 0.43 3.85 -16.83
N ILE A 14 -0.57 3.77 -15.94
CA ILE A 14 -1.39 2.58 -15.78
C ILE A 14 -2.36 2.54 -16.95
N ASP A 15 -2.20 1.57 -17.84
CA ASP A 15 -3.05 1.41 -19.03
C ASP A 15 -4.41 0.77 -18.73
N HIS A 16 -4.59 0.37 -17.47
CA HIS A 16 -5.75 -0.31 -16.92
C HIS A 16 -6.67 0.67 -16.16
N PRO A 17 -7.61 1.36 -16.84
CA PRO A 17 -8.52 2.31 -16.20
C PRO A 17 -9.41 1.63 -15.16
N ASP A 18 -9.86 0.41 -15.46
CA ASP A 18 -10.85 -0.33 -14.67
C ASP A 18 -10.21 -0.98 -13.45
N HIS A 19 -8.96 -0.63 -13.14
CA HIS A 19 -8.22 -1.17 -12.00
C HIS A 19 -7.49 -0.05 -11.23
N ARG A 20 -6.92 0.94 -11.93
CA ARG A 20 -6.13 2.00 -11.27
C ARG A 20 -6.89 2.77 -10.20
N ASP A 21 -8.14 3.17 -10.43
CA ASP A 21 -8.91 4.06 -9.54
C ASP A 21 -8.78 3.66 -8.06
N ARG A 22 -8.85 2.35 -7.80
CA ARG A 22 -8.67 1.70 -6.49
C ARG A 22 -7.32 2.06 -5.85
N THR A 23 -6.26 2.00 -6.65
CA THR A 23 -4.89 2.29 -6.25
C THR A 23 -4.80 3.75 -5.74
N GLU A 24 -5.53 4.67 -6.38
CA GLU A 24 -5.53 6.09 -6.04
C GLU A 24 -6.16 6.31 -4.66
N GLU A 25 -7.19 5.53 -4.32
CA GLU A 25 -7.88 5.62 -3.04
C GLU A 25 -6.89 5.36 -1.91
N ILE A 26 -6.08 4.31 -2.04
CA ILE A 26 -5.07 3.93 -1.07
C ILE A 26 -4.07 5.06 -0.90
N LEU A 27 -3.60 5.69 -1.99
CA LEU A 27 -2.62 6.78 -1.94
C LEU A 27 -3.17 7.93 -1.09
N SER A 28 -4.36 8.43 -1.43
CA SER A 28 -5.03 9.52 -0.74
C SER A 28 -5.38 9.17 0.71
N TRP A 29 -5.70 7.90 0.99
CA TRP A 29 -6.01 7.44 2.32
C TRP A 29 -4.76 7.37 3.19
N VAL A 30 -3.64 6.83 2.67
CA VAL A 30 -2.38 6.78 3.41
C VAL A 30 -1.98 8.20 3.80
N ALA A 31 -1.92 9.12 2.85
CA ALA A 31 -1.42 10.47 3.08
C ALA A 31 -2.23 11.23 4.13
N ALA A 32 -3.51 10.88 4.30
CA ALA A 32 -4.38 11.46 5.31
C ALA A 32 -4.16 10.78 6.68
N THR A 33 -4.21 9.45 6.71
CA THR A 33 -4.22 8.68 7.96
C THR A 33 -2.83 8.70 8.62
N PHE A 34 -1.76 8.59 7.82
CA PHE A 34 -0.38 8.45 8.32
C PHE A 34 0.51 9.54 7.69
N PRO A 35 0.28 10.83 8.01
CA PRO A 35 0.91 11.94 7.31
C PRO A 35 2.41 12.12 7.63
N ASN A 36 2.97 11.37 8.59
CA ASN A 36 4.41 11.36 8.86
C ASN A 36 5.18 10.62 7.76
N LEU A 37 4.45 9.84 6.95
CA LEU A 37 4.96 9.33 5.69
C LEU A 37 5.06 10.49 4.71
N GLU A 38 6.17 10.56 4.00
CA GLU A 38 6.40 11.48 2.91
C GLU A 38 6.15 10.72 1.60
N PRO A 39 5.64 11.38 0.56
CA PRO A 39 5.45 10.73 -0.74
C PRO A 39 6.82 10.42 -1.36
N GLN A 40 6.94 9.34 -2.14
CA GLN A 40 8.15 9.02 -2.86
C GLN A 40 7.81 8.12 -4.05
N MET A 41 7.91 8.63 -5.28
CA MET A 41 8.00 7.74 -6.44
C MET A 41 9.43 7.20 -6.49
N LYS A 42 9.58 5.89 -6.65
CA LYS A 42 10.85 5.20 -6.85
C LYS A 42 10.60 4.13 -7.90
N TRP A 43 11.50 3.89 -8.85
CA TRP A 43 11.35 2.83 -9.86
C TRP A 43 10.18 3.00 -10.84
N ASN A 44 9.40 4.07 -10.72
CA ASN A 44 8.05 4.30 -11.26
C ASN A 44 6.96 3.53 -10.51
N THR A 45 7.26 3.01 -9.33
CA THR A 45 6.28 2.45 -8.43
C THR A 45 6.11 3.43 -7.24
N PRO A 46 4.90 3.51 -6.67
CA PRO A 46 4.66 4.33 -5.50
C PRO A 46 5.26 3.69 -4.26
N MET A 47 5.89 4.49 -3.41
CA MET A 47 6.21 4.15 -2.04
C MET A 47 6.04 5.41 -1.20
N PHE A 48 6.30 5.31 0.10
CA PHE A 48 6.34 6.45 0.99
C PHE A 48 7.49 6.25 1.96
N SER A 49 7.96 7.33 2.59
CA SER A 49 9.05 7.27 3.53
C SER A 49 8.64 7.88 4.86
N ASN A 50 8.59 7.06 5.91
CA ASN A 50 8.36 7.58 7.26
C ASN A 50 9.62 8.31 7.67
N GLN A 51 9.61 9.63 7.52
CA GLN A 51 10.75 10.52 7.72
C GLN A 51 12.04 9.94 7.10
N GLY A 52 11.98 9.50 5.85
CA GLY A 52 13.13 8.90 5.17
C GLY A 52 13.39 7.43 5.51
N THR A 53 12.35 6.61 5.73
CA THR A 53 12.45 5.14 5.87
C THR A 53 11.77 4.46 4.67
N PHE A 54 11.45 3.15 4.70
CA PHE A 54 10.91 2.35 3.58
C PHE A 54 9.65 1.55 4.00
N ILE A 55 9.08 1.88 5.17
CA ILE A 55 8.06 1.14 5.92
C ILE A 55 6.74 0.94 5.15
N ILE A 56 6.58 1.39 3.90
CA ILE A 56 5.50 1.00 3.00
C ILE A 56 5.87 1.22 1.53
N GLY A 57 5.46 0.28 0.67
CA GLY A 57 5.46 0.42 -0.79
C GLY A 57 4.32 -0.40 -1.40
N PHE A 58 3.99 -0.16 -2.68
CA PHE A 58 3.16 -1.05 -3.47
C PHE A 58 3.39 -0.84 -4.97
N SER A 59 2.73 -1.66 -5.79
CA SER A 59 2.59 -1.44 -7.22
C SER A 59 1.41 -2.30 -7.70
N THR A 60 0.78 -1.91 -8.80
CA THR A 60 -0.27 -2.71 -9.40
C THR A 60 0.37 -4.02 -9.86
N SER A 61 -0.20 -5.15 -9.46
CA SER A 61 0.09 -6.44 -10.06
C SER A 61 -0.74 -6.56 -11.35
N LYS A 62 -0.53 -7.61 -12.13
CA LYS A 62 -1.23 -7.78 -13.41
C LYS A 62 -2.74 -8.00 -13.22
N HIS A 63 -3.18 -8.55 -12.08
CA HIS A 63 -4.57 -8.94 -11.82
C HIS A 63 -5.03 -8.62 -10.39
N HIS A 64 -4.18 -7.95 -9.63
CA HIS A 64 -4.30 -7.71 -8.21
C HIS A 64 -3.47 -6.47 -7.89
N LEU A 65 -3.41 -6.04 -6.62
CA LEU A 65 -2.52 -4.99 -6.15
C LEU A 65 -1.63 -5.61 -5.09
N SER A 66 -0.32 -5.37 -5.13
CA SER A 66 0.67 -5.97 -4.24
C SER A 66 1.11 -4.93 -3.20
N VAL A 67 1.03 -5.21 -1.88
CA VAL A 67 1.38 -4.27 -0.81
C VAL A 67 2.06 -5.02 0.34
N SER A 68 2.92 -4.34 1.12
CA SER A 68 3.45 -4.76 2.42
C SER A 68 4.00 -3.49 3.11
N PRO A 69 4.28 -3.50 4.43
CA PRO A 69 5.07 -2.46 5.07
C PRO A 69 6.57 -2.78 5.00
N GLU A 70 6.99 -3.95 5.50
CA GLU A 70 8.36 -4.44 5.49
C GLU A 70 8.25 -5.95 5.32
N GLU A 71 7.98 -6.65 6.42
CA GLU A 71 7.88 -8.11 6.50
C GLU A 71 6.86 -8.55 7.55
N ILE A 72 6.75 -7.84 8.69
CA ILE A 72 5.88 -8.24 9.80
C ILE A 72 4.41 -8.30 9.35
N GLY A 73 4.04 -7.43 8.41
CA GLY A 73 2.73 -7.35 7.77
C GLY A 73 2.34 -8.63 7.03
N ILE A 74 3.29 -9.50 6.71
CA ILE A 74 3.11 -10.78 6.05
C ILE A 74 3.48 -11.91 7.03
N SER A 75 3.87 -11.56 8.26
CA SER A 75 4.15 -12.48 9.33
C SER A 75 2.86 -12.67 10.13
N GLN A 76 2.57 -11.80 11.09
CA GLN A 76 1.49 -11.98 12.05
C GLN A 76 0.17 -11.57 11.40
N PHE A 77 0.19 -10.45 10.68
CA PHE A 77 -1.04 -9.90 10.11
C PHE A 77 -1.55 -10.74 8.94
N ALA A 78 -0.73 -11.65 8.40
CA ALA A 78 -1.11 -12.54 7.31
C ALA A 78 -2.29 -13.42 7.69
N ASP A 79 -2.40 -13.82 8.96
CA ASP A 79 -3.46 -14.70 9.41
C ASP A 79 -4.81 -14.01 9.26
N ALA A 80 -4.88 -12.75 9.70
CA ALA A 80 -6.06 -11.92 9.64
C ALA A 80 -6.42 -11.57 8.19
N ILE A 81 -5.42 -11.27 7.35
CA ILE A 81 -5.63 -11.05 5.92
C ILE A 81 -6.26 -12.30 5.31
N ALA A 82 -5.72 -13.49 5.63
CA ALA A 82 -6.12 -14.72 4.96
C ALA A 82 -7.60 -15.01 5.19
N GLN A 83 -8.02 -14.95 6.45
CA GLN A 83 -9.35 -15.33 6.90
C GLN A 83 -10.46 -14.46 6.35
N ALA A 84 -10.15 -13.22 5.96
CA ALA A 84 -11.13 -12.34 5.32
C ALA A 84 -11.56 -12.98 4.00
N GLY A 85 -10.58 -13.42 3.20
CA GLY A 85 -10.78 -14.17 1.99
C GLY A 85 -9.80 -13.73 0.91
N TYR A 86 -8.51 -13.78 1.22
CA TYR A 86 -7.43 -13.41 0.32
C TYR A 86 -6.32 -14.46 0.39
N SER A 87 -5.34 -14.37 -0.52
CA SER A 87 -4.12 -15.17 -0.53
C SER A 87 -2.94 -14.22 -0.68
N ALA A 88 -2.15 -14.01 0.38
CA ALA A 88 -0.88 -13.31 0.29
C ALA A 88 0.19 -14.18 -0.38
N THR A 89 1.40 -13.65 -0.47
CA THR A 89 2.62 -14.40 -0.72
C THR A 89 3.41 -14.42 0.60
N LYS A 90 4.68 -14.78 0.54
CA LYS A 90 5.64 -14.72 1.63
C LYS A 90 6.54 -13.49 1.53
N GLY A 91 6.21 -12.55 0.64
CA GLY A 91 6.98 -11.34 0.43
C GLY A 91 6.08 -10.11 0.57
N LEU A 92 4.83 -10.25 0.14
CA LEU A 92 3.81 -9.20 0.18
C LEU A 92 2.42 -9.84 0.16
N PHE A 93 1.34 -9.08 0.33
CA PHE A 93 0.00 -9.60 0.10
C PHE A 93 -0.55 -9.07 -1.22
N ARG A 94 -1.60 -9.71 -1.73
CA ARG A 94 -2.21 -9.32 -2.99
C ARG A 94 -3.72 -9.49 -2.93
N ILE A 95 -4.46 -8.41 -3.12
CA ILE A 95 -5.91 -8.38 -3.11
C ILE A 95 -6.33 -8.50 -4.58
N PRO A 96 -7.43 -9.20 -4.93
CA PRO A 96 -7.88 -9.27 -6.32
C PRO A 96 -8.39 -7.89 -6.75
N TRP A 97 -8.37 -7.59 -8.06
CA TRP A 97 -9.02 -6.37 -8.54
C TRP A 97 -10.54 -6.33 -8.34
N ASN A 98 -11.19 -7.47 -8.10
CA ASN A 98 -12.64 -7.57 -7.94
C ASN A 98 -13.11 -6.95 -6.62
N ASP A 99 -12.59 -7.46 -5.51
CA ASP A 99 -13.13 -7.23 -4.17
C ASP A 99 -12.72 -5.86 -3.64
N PRO A 100 -13.36 -5.36 -2.56
CA PRO A 100 -12.79 -4.30 -1.75
C PRO A 100 -11.48 -4.77 -1.10
N VAL A 101 -10.80 -3.82 -0.45
CA VAL A 101 -9.48 -3.95 0.15
C VAL A 101 -9.66 -3.87 1.68
N HIS A 102 -8.59 -4.06 2.47
CA HIS A 102 -8.66 -4.05 3.93
C HIS A 102 -7.80 -2.95 4.52
N TYR A 103 -8.32 -1.73 4.46
CA TYR A 103 -7.71 -0.56 5.06
C TYR A 103 -7.45 -0.77 6.56
N GLU A 104 -8.29 -1.57 7.24
CA GLU A 104 -8.11 -1.83 8.66
C GLU A 104 -6.84 -2.64 8.95
N LEU A 105 -6.47 -3.60 8.08
CA LEU A 105 -5.21 -4.33 8.29
C LEU A 105 -4.04 -3.44 7.86
N LEU A 106 -4.21 -2.65 6.80
CA LEU A 106 -3.20 -1.70 6.37
C LEU A 106 -2.80 -0.79 7.52
N LYS A 107 -3.79 -0.12 8.14
CA LYS A 107 -3.54 0.85 9.18
C LYS A 107 -2.90 0.20 10.39
N GLN A 108 -3.46 -0.92 10.89
CA GLN A 108 -2.95 -1.56 12.10
C GLN A 108 -1.45 -1.85 11.97
N MET A 109 -1.05 -2.47 10.86
CA MET A 109 0.34 -2.82 10.71
C MET A 109 1.21 -1.60 10.45
N ILE A 110 0.79 -0.62 9.64
CA ILE A 110 1.68 0.48 9.27
C ILE A 110 1.93 1.37 10.50
N GLU A 111 0.88 1.73 11.24
CA GLU A 111 0.96 2.54 12.47
C GLU A 111 1.91 1.88 13.48
N PHE A 112 1.78 0.57 13.65
CA PHE A 112 2.64 -0.20 14.52
C PHE A 112 4.07 -0.19 13.99
N ASN A 113 4.30 -0.51 12.71
CA ASN A 113 5.65 -0.70 12.16
C ASN A 113 6.48 0.59 12.26
N ILE A 114 5.84 1.75 12.34
CA ILE A 114 6.46 3.02 12.67
C ILE A 114 6.78 3.07 14.16
N GLN A 115 5.79 2.90 15.05
CA GLN A 115 5.97 3.11 16.49
C GLN A 115 6.97 2.11 17.10
N ASP A 116 6.97 0.94 16.49
CA ASP A 116 7.82 -0.20 16.82
C ASP A 116 9.27 -0.02 16.34
N LYS A 117 9.55 1.11 15.67
CA LYS A 117 10.85 1.54 15.20
C LYS A 117 11.18 2.95 15.67
N GLU A 118 10.28 3.58 16.40
CA GLU A 118 10.35 4.97 16.79
C GLU A 118 11.29 5.11 17.98
N GLY A 1 2.90 18.11 2.44
CA GLY A 1 2.72 18.82 1.17
C GLY A 1 2.20 17.88 0.11
N SER A 2 1.01 18.17 -0.40
CA SER A 2 0.26 17.58 -1.52
C SER A 2 0.16 16.05 -1.63
N HIS A 3 1.28 15.31 -1.68
CA HIS A 3 1.54 13.91 -2.02
C HIS A 3 1.04 13.44 -3.39
N MET A 4 -0.19 13.78 -3.79
CA MET A 4 -0.85 13.30 -5.01
C MET A 4 0.05 13.53 -6.22
N GLU A 5 0.64 14.72 -6.29
CA GLU A 5 1.37 15.23 -7.44
C GLU A 5 2.55 14.33 -7.79
N VAL A 6 3.13 13.65 -6.79
CA VAL A 6 4.30 12.83 -6.99
C VAL A 6 3.88 11.53 -7.68
N PHE A 7 2.73 10.98 -7.29
CA PHE A 7 2.21 9.69 -7.76
C PHE A 7 1.35 9.81 -9.03
N ALA A 8 0.96 11.03 -9.39
CA ALA A 8 0.05 11.30 -10.50
C ALA A 8 0.68 10.97 -11.85
N GLU A 9 2.01 10.91 -11.92
CA GLU A 9 2.76 10.57 -13.12
C GLU A 9 2.83 9.06 -13.38
N TYR A 10 2.55 8.23 -12.38
CA TYR A 10 2.32 6.80 -12.50
C TYR A 10 0.88 6.62 -12.95
N LEU A 11 -0.05 7.29 -12.26
CA LEU A 11 -1.48 7.24 -12.51
C LEU A 11 -1.82 7.39 -13.98
N LYS A 12 -1.26 8.44 -14.60
CA LYS A 12 -1.54 8.80 -15.98
C LYS A 12 -1.39 7.60 -16.92
N GLY A 13 -0.45 6.70 -16.66
CA GLY A 13 -0.08 5.62 -17.54
C GLY A 13 -0.89 4.35 -17.31
N ILE A 14 -1.82 4.32 -16.36
CA ILE A 14 -2.67 3.16 -16.13
C ILE A 14 -3.70 3.13 -17.27
N ASP A 15 -3.69 2.09 -18.08
CA ASP A 15 -4.59 1.95 -19.24
C ASP A 15 -5.94 1.31 -18.88
N HIS A 16 -6.11 0.94 -17.61
CA HIS A 16 -7.28 0.26 -17.06
C HIS A 16 -8.00 1.14 -16.03
N PRO A 17 -8.82 2.12 -16.46
CA PRO A 17 -9.52 3.05 -15.59
C PRO A 17 -10.57 2.39 -14.69
N ASP A 18 -11.06 1.20 -15.03
CA ASP A 18 -12.00 0.48 -14.16
C ASP A 18 -11.32 -0.07 -12.90
N HIS A 19 -9.99 0.01 -12.81
CA HIS A 19 -9.22 -0.50 -11.67
C HIS A 19 -8.15 0.50 -11.19
N ARG A 20 -8.01 1.64 -11.86
CA ARG A 20 -7.06 2.71 -11.59
C ARG A 20 -7.28 3.30 -10.20
N ASP A 21 -8.43 3.91 -9.97
CA ASP A 21 -8.75 4.70 -8.77
C ASP A 21 -8.52 3.89 -7.50
N ARG A 22 -8.71 2.57 -7.53
CA ARG A 22 -8.50 1.70 -6.36
C ARG A 22 -7.09 1.80 -5.77
N THR A 23 -6.07 2.02 -6.60
CA THR A 23 -4.71 2.30 -6.15
C THR A 23 -4.66 3.71 -5.49
N GLU A 24 -5.33 4.72 -6.06
CA GLU A 24 -5.39 6.08 -5.54
C GLU A 24 -6.12 6.12 -4.21
N GLU A 25 -7.12 5.26 -4.02
CA GLU A 25 -7.89 5.26 -2.80
C GLU A 25 -6.93 5.04 -1.64
N ILE A 26 -6.07 4.02 -1.74
CA ILE A 26 -5.04 3.71 -0.76
C ILE A 26 -4.05 4.89 -0.65
N LEU A 27 -3.55 5.41 -1.78
CA LEU A 27 -2.60 6.52 -1.82
C LEU A 27 -3.12 7.69 -0.96
N SER A 28 -4.23 8.31 -1.37
CA SER A 28 -4.76 9.48 -0.69
C SER A 28 -5.26 9.15 0.73
N TRP A 29 -5.74 7.93 0.97
CA TRP A 29 -6.19 7.53 2.30
C TRP A 29 -5.05 7.61 3.30
N VAL A 30 -3.82 7.29 2.88
CA VAL A 30 -2.77 7.29 3.89
C VAL A 30 -2.45 8.74 4.18
N ALA A 31 -2.32 9.56 3.16
CA ALA A 31 -2.00 10.98 3.31
C ALA A 31 -3.02 11.72 4.18
N ALA A 32 -4.18 11.10 4.46
CA ALA A 32 -5.02 11.47 5.57
C ALA A 32 -4.57 10.81 6.87
N THR A 33 -4.71 9.48 6.95
CA THR A 33 -4.67 8.74 8.21
C THR A 33 -3.25 8.63 8.76
N PHE A 34 -2.27 8.39 7.88
CA PHE A 34 -0.85 8.31 8.10
C PHE A 34 -0.17 9.45 7.32
N PRO A 35 -0.32 10.70 7.78
CA PRO A 35 0.27 11.87 7.12
C PRO A 35 1.79 11.96 7.37
N ASN A 36 2.34 11.13 8.27
CA ASN A 36 3.76 11.07 8.62
C ASN A 36 4.63 10.67 7.45
N LEU A 37 4.14 9.73 6.63
CA LEU A 37 4.90 9.14 5.56
C LEU A 37 4.89 10.15 4.42
N GLU A 38 5.98 10.20 3.69
CA GLU A 38 6.22 11.19 2.66
C GLU A 38 6.20 10.47 1.31
N PRO A 39 5.80 11.17 0.24
CA PRO A 39 5.72 10.58 -1.09
C PRO A 39 7.12 10.31 -1.63
N GLN A 40 7.35 9.18 -2.30
CA GLN A 40 8.59 8.94 -3.00
C GLN A 40 8.30 7.96 -4.13
N MET A 41 8.19 8.44 -5.37
CA MET A 41 8.18 7.55 -6.53
C MET A 41 9.58 6.98 -6.70
N LYS A 42 9.78 5.71 -6.33
CA LYS A 42 11.04 5.00 -6.56
C LYS A 42 10.77 3.95 -7.62
N TRP A 43 11.70 3.68 -8.53
CA TRP A 43 11.56 2.67 -9.58
C TRP A 43 10.31 2.81 -10.48
N ASN A 44 9.67 3.99 -10.52
CA ASN A 44 8.39 4.22 -11.17
C ASN A 44 7.27 3.40 -10.49
N THR A 45 7.38 3.13 -9.20
CA THR A 45 6.33 2.50 -8.44
C THR A 45 6.03 3.33 -7.17
N PRO A 46 4.77 3.35 -6.72
CA PRO A 46 4.34 4.10 -5.55
C PRO A 46 4.80 3.45 -4.23
N MET A 47 5.41 4.25 -3.35
CA MET A 47 5.78 3.85 -1.99
C MET A 47 5.90 5.11 -1.12
N PHE A 48 5.93 4.96 0.21
CA PHE A 48 6.09 6.08 1.13
C PHE A 48 7.26 5.83 2.08
N SER A 49 7.72 6.89 2.73
CA SER A 49 8.92 6.90 3.54
C SER A 49 8.61 7.65 4.82
N ASN A 50 8.72 7.01 5.99
CA ASN A 50 8.51 7.71 7.25
C ASN A 50 9.73 8.55 7.56
N GLN A 51 9.76 9.80 7.09
CA GLN A 51 10.97 10.61 7.17
C GLN A 51 12.17 9.81 6.60
N GLY A 52 11.99 9.27 5.39
CA GLY A 52 13.09 8.66 4.65
C GLY A 52 13.20 7.12 4.70
N THR A 53 12.34 6.38 5.39
CA THR A 53 12.41 4.90 5.46
C THR A 53 11.76 4.23 4.22
N PHE A 54 11.50 2.92 4.26
CA PHE A 54 10.93 2.12 3.17
C PHE A 54 9.70 1.32 3.60
N ILE A 55 9.13 1.61 4.77
CA ILE A 55 8.19 0.78 5.52
C ILE A 55 6.83 0.56 4.80
N ILE A 56 6.62 1.01 3.56
CA ILE A 56 5.41 0.73 2.80
C ILE A 56 5.65 0.95 1.31
N GLY A 57 5.24 0.00 0.47
CA GLY A 57 5.25 0.18 -0.99
C GLY A 57 4.37 -0.83 -1.70
N PHE A 58 3.94 -0.50 -2.93
CA PHE A 58 3.02 -1.31 -3.71
C PHE A 58 3.17 -1.01 -5.22
N SER A 59 2.56 -1.84 -6.10
CA SER A 59 2.49 -1.51 -7.54
C SER A 59 1.42 -2.37 -8.22
N THR A 60 0.91 -1.91 -9.38
CA THR A 60 -0.15 -2.57 -10.11
C THR A 60 0.41 -3.78 -10.87
N SER A 61 0.01 -4.99 -10.48
CA SER A 61 0.36 -6.21 -11.17
C SER A 61 -0.69 -6.50 -12.23
N LYS A 62 -0.37 -7.46 -13.11
CA LYS A 62 -1.19 -7.86 -14.26
C LYS A 62 -2.65 -8.13 -13.92
N HIS A 63 -2.97 -8.58 -12.69
CA HIS A 63 -4.35 -8.90 -12.33
C HIS A 63 -4.70 -8.60 -10.86
N HIS A 64 -3.82 -7.91 -10.14
CA HIS A 64 -3.95 -7.67 -8.72
C HIS A 64 -3.12 -6.44 -8.34
N LEU A 65 -3.44 -5.82 -7.19
CA LEU A 65 -2.49 -4.95 -6.49
C LEU A 65 -1.64 -5.86 -5.60
N SER A 66 -0.52 -5.38 -5.08
CA SER A 66 0.34 -6.11 -4.17
C SER A 66 0.84 -5.11 -3.13
N VAL A 67 0.78 -5.42 -1.84
CA VAL A 67 1.00 -4.47 -0.75
C VAL A 67 1.67 -5.18 0.43
N SER A 68 2.63 -4.52 1.10
CA SER A 68 3.16 -4.91 2.41
C SER A 68 3.92 -3.72 3.01
N PRO A 69 4.22 -3.71 4.31
CA PRO A 69 5.20 -2.78 4.85
C PRO A 69 6.64 -3.22 4.57
N GLU A 70 7.00 -4.41 5.05
CA GLU A 70 8.34 -4.96 5.04
C GLU A 70 8.14 -6.47 5.07
N GLU A 71 8.01 -7.02 6.27
CA GLU A 71 7.94 -8.46 6.51
C GLU A 71 6.86 -8.81 7.55
N ILE A 72 6.78 -8.07 8.67
CA ILE A 72 5.83 -8.36 9.77
C ILE A 72 4.38 -8.44 9.30
N GLY A 73 4.05 -7.66 8.27
CA GLY A 73 2.77 -7.66 7.58
C GLY A 73 2.27 -9.06 7.21
N ILE A 74 3.18 -10.00 7.01
CA ILE A 74 2.85 -11.37 6.64
C ILE A 74 3.24 -12.36 7.76
N SER A 75 3.89 -11.89 8.83
CA SER A 75 4.15 -12.72 9.99
C SER A 75 2.88 -12.87 10.81
N GLN A 76 2.54 -11.85 11.59
CA GLN A 76 1.42 -11.90 12.52
C GLN A 76 0.15 -11.50 11.78
N PHE A 77 0.21 -10.40 11.03
CA PHE A 77 -0.98 -9.86 10.42
C PHE A 77 -1.55 -10.78 9.33
N ALA A 78 -0.76 -11.70 8.76
CA ALA A 78 -1.26 -12.68 7.79
C ALA A 78 -2.45 -13.48 8.31
N ASP A 79 -2.50 -13.69 9.62
CA ASP A 79 -3.55 -14.43 10.31
C ASP A 79 -4.89 -13.74 10.07
N ALA A 80 -4.94 -12.42 10.26
CA ALA A 80 -6.14 -11.63 10.08
C ALA A 80 -6.48 -11.45 8.58
N ILE A 81 -5.48 -11.44 7.70
CA ILE A 81 -5.66 -11.43 6.24
C ILE A 81 -6.36 -12.74 5.84
N ALA A 82 -5.90 -13.88 6.38
CA ALA A 82 -6.45 -15.20 6.07
C ALA A 82 -7.91 -15.28 6.51
N GLN A 83 -8.20 -14.82 7.73
CA GLN A 83 -9.54 -14.76 8.30
C GLN A 83 -10.50 -14.02 7.38
N ALA A 84 -10.05 -12.91 6.80
CA ALA A 84 -10.85 -12.07 5.93
C ALA A 84 -10.96 -12.59 4.48
N GLY A 85 -10.47 -13.79 4.17
CA GLY A 85 -10.66 -14.40 2.85
C GLY A 85 -9.69 -13.87 1.80
N TYR A 86 -8.46 -13.55 2.21
CA TYR A 86 -7.38 -13.14 1.33
C TYR A 86 -6.17 -14.07 1.51
N SER A 87 -5.18 -13.98 0.62
CA SER A 87 -4.07 -14.90 0.54
C SER A 87 -2.75 -14.15 0.36
N ALA A 88 -1.94 -14.11 1.42
CA ALA A 88 -0.56 -13.65 1.36
C ALA A 88 0.33 -14.56 0.50
N THR A 89 1.55 -14.11 0.25
CA THR A 89 2.68 -14.84 -0.30
C THR A 89 3.87 -14.58 0.63
N LYS A 90 5.03 -15.16 0.33
CA LYS A 90 6.23 -15.05 1.13
C LYS A 90 6.96 -13.76 0.81
N GLY A 91 6.30 -12.65 1.07
CA GLY A 91 6.74 -11.33 0.69
C GLY A 91 5.70 -10.34 1.10
N LEU A 92 4.51 -10.56 0.58
CA LEU A 92 3.46 -9.55 0.62
C LEU A 92 2.10 -10.19 0.46
N PHE A 93 1.03 -9.40 0.54
CA PHE A 93 -0.29 -9.88 0.14
C PHE A 93 -0.69 -9.17 -1.13
N ARG A 94 -1.61 -9.77 -1.87
CA ARG A 94 -2.06 -9.24 -3.14
C ARG A 94 -3.54 -9.51 -3.32
N ILE A 95 -4.27 -8.51 -3.82
CA ILE A 95 -5.73 -8.51 -3.84
C ILE A 95 -6.13 -8.47 -5.33
N PRO A 96 -7.20 -9.17 -5.76
CA PRO A 96 -7.58 -9.18 -7.17
C PRO A 96 -8.17 -7.83 -7.58
N TRP A 97 -8.10 -7.47 -8.87
CA TRP A 97 -8.79 -6.27 -9.35
C TRP A 97 -10.31 -6.35 -9.20
N ASN A 98 -10.85 -7.57 -9.09
CA ASN A 98 -12.24 -7.86 -8.79
C ASN A 98 -12.62 -7.39 -7.38
N ASP A 99 -12.09 -8.06 -6.33
CA ASP A 99 -12.65 -7.99 -4.97
C ASP A 99 -11.96 -6.87 -4.15
N PRO A 100 -12.65 -6.29 -3.14
CA PRO A 100 -12.24 -5.04 -2.50
C PRO A 100 -11.05 -5.19 -1.54
N VAL A 101 -10.65 -4.08 -0.90
CA VAL A 101 -9.48 -3.97 -0.03
C VAL A 101 -9.92 -3.66 1.40
N HIS A 102 -9.18 -4.18 2.38
CA HIS A 102 -9.34 -3.92 3.80
C HIS A 102 -8.38 -2.83 4.25
N TYR A 103 -8.90 -1.71 4.76
CA TYR A 103 -8.10 -0.63 5.31
C TYR A 103 -7.79 -0.86 6.79
N GLU A 104 -8.55 -1.73 7.45
CA GLU A 104 -8.33 -2.15 8.82
C GLU A 104 -6.93 -2.76 8.98
N LEU A 105 -6.65 -3.84 8.23
CA LEU A 105 -5.41 -4.59 8.35
C LEU A 105 -4.26 -3.63 8.06
N LEU A 106 -4.42 -2.91 6.94
CA LEU A 106 -3.52 -1.90 6.44
C LEU A 106 -3.12 -0.97 7.56
N LYS A 107 -4.10 -0.36 8.23
CA LYS A 107 -3.85 0.61 9.27
C LYS A 107 -3.06 -0.04 10.40
N GLN A 108 -3.43 -1.24 10.86
CA GLN A 108 -2.67 -1.90 11.92
C GLN A 108 -1.20 -2.08 11.50
N MET A 109 -0.96 -2.70 10.34
CA MET A 109 0.38 -3.05 9.89
C MET A 109 1.18 -1.85 9.36
N ILE A 110 0.69 -0.61 9.46
CA ILE A 110 1.43 0.57 9.10
C ILE A 110 1.62 1.42 10.38
N GLU A 111 0.55 1.72 11.12
CA GLU A 111 0.62 2.52 12.35
C GLU A 111 1.49 1.84 13.40
N PHE A 112 1.38 0.52 13.54
CA PHE A 112 2.20 -0.21 14.49
C PHE A 112 3.67 -0.06 14.10
N ASN A 113 3.99 -0.27 12.83
CA ASN A 113 5.39 -0.26 12.40
C ASN A 113 6.01 1.13 12.53
N ILE A 114 5.22 2.19 12.37
CA ILE A 114 5.56 3.56 12.76
C ILE A 114 5.85 3.60 14.27
N GLN A 115 4.87 3.32 15.13
CA GLN A 115 5.01 3.52 16.59
C GLN A 115 6.00 2.54 17.25
N ASP A 116 6.49 1.58 16.47
CA ASP A 116 7.60 0.68 16.80
C ASP A 116 8.95 1.37 16.64
N LYS A 117 9.17 2.00 15.49
CA LYS A 117 10.39 2.71 15.11
C LYS A 117 10.40 4.16 15.60
N GLU A 118 9.61 4.44 16.63
CA GLU A 118 9.66 5.69 17.38
C GLU A 118 11.10 5.93 17.82
N GLY A 1 3.55 19.19 1.34
CA GLY A 1 3.46 19.58 -0.07
C GLY A 1 2.83 18.50 -0.92
N SER A 2 1.55 18.20 -0.66
CA SER A 2 0.67 17.29 -1.39
C SER A 2 1.22 15.85 -1.48
N HIS A 3 0.57 15.00 -2.29
CA HIS A 3 1.09 13.69 -2.67
C HIS A 3 0.64 13.31 -4.09
N MET A 4 -0.61 13.61 -4.48
CA MET A 4 -1.14 13.32 -5.81
C MET A 4 -0.33 13.96 -6.94
N GLU A 5 0.48 14.99 -6.65
CA GLU A 5 1.34 15.58 -7.66
C GLU A 5 2.44 14.62 -8.05
N VAL A 6 3.06 13.95 -7.07
CA VAL A 6 4.21 13.08 -7.27
C VAL A 6 3.80 11.95 -8.22
N PHE A 7 2.69 11.28 -7.91
CA PHE A 7 2.31 10.00 -8.50
C PHE A 7 1.44 10.19 -9.75
N ALA A 8 1.22 11.43 -10.19
CA ALA A 8 0.41 11.75 -11.33
C ALA A 8 0.92 11.02 -12.57
N GLU A 9 2.25 11.02 -12.72
CA GLU A 9 2.94 10.40 -13.82
C GLU A 9 2.86 8.87 -13.78
N TYR A 10 2.57 8.28 -12.61
CA TYR A 10 2.33 6.85 -12.47
C TYR A 10 0.90 6.55 -12.90
N LEU A 11 -0.10 7.20 -12.29
CA LEU A 11 -1.50 6.93 -12.54
C LEU A 11 -1.84 7.08 -14.03
N LYS A 12 -1.29 8.10 -14.72
CA LYS A 12 -1.51 8.30 -16.15
C LYS A 12 -1.22 7.01 -16.94
N GLY A 13 -0.17 6.29 -16.56
CA GLY A 13 0.39 5.21 -17.36
C GLY A 13 -0.30 3.88 -17.12
N ILE A 14 -1.20 3.79 -16.15
CA ILE A 14 -2.06 2.63 -15.94
C ILE A 14 -3.06 2.64 -17.09
N ASP A 15 -3.07 1.58 -17.90
CA ASP A 15 -3.89 1.45 -19.11
C ASP A 15 -5.22 0.72 -18.82
N HIS A 16 -5.40 0.37 -17.54
CA HIS A 16 -6.54 -0.35 -16.98
C HIS A 16 -7.31 0.58 -16.00
N PRO A 17 -7.94 1.66 -16.49
CA PRO A 17 -8.57 2.68 -15.66
C PRO A 17 -9.70 2.13 -14.76
N ASP A 18 -10.40 1.08 -15.18
CA ASP A 18 -11.44 0.38 -14.39
C ASP A 18 -10.91 -0.18 -13.06
N HIS A 19 -9.60 -0.21 -12.89
CA HIS A 19 -8.90 -0.78 -11.75
C HIS A 19 -7.94 0.27 -11.15
N ARG A 20 -7.68 1.36 -11.87
CA ARG A 20 -6.75 2.41 -11.49
C ARG A 20 -7.25 3.14 -10.25
N ASP A 21 -8.53 3.50 -10.24
CA ASP A 21 -9.15 4.34 -9.22
C ASP A 21 -8.96 3.80 -7.80
N ARG A 22 -8.93 2.48 -7.64
CA ARG A 22 -8.64 1.83 -6.35
C ARG A 22 -7.28 2.29 -5.79
N THR A 23 -6.27 2.43 -6.64
CA THR A 23 -4.91 2.80 -6.28
C THR A 23 -4.90 4.28 -5.82
N GLU A 24 -5.66 5.17 -6.46
CA GLU A 24 -5.81 6.57 -6.05
C GLU A 24 -6.46 6.69 -4.67
N GLU A 25 -7.53 5.95 -4.40
CA GLU A 25 -8.20 5.88 -3.16
C GLU A 25 -7.20 5.54 -2.06
N ILE A 26 -6.43 4.47 -2.27
CA ILE A 26 -5.31 4.04 -1.42
C ILE A 26 -4.34 5.19 -1.18
N LEU A 27 -3.79 5.79 -2.23
CA LEU A 27 -2.76 6.82 -2.11
C LEU A 27 -3.23 7.93 -1.17
N SER A 28 -4.40 8.50 -1.45
CA SER A 28 -4.97 9.55 -0.66
C SER A 28 -5.42 9.08 0.73
N TRP A 29 -5.87 7.82 0.87
CA TRP A 29 -6.23 7.21 2.15
C TRP A 29 -5.01 7.13 3.07
N VAL A 30 -3.89 6.59 2.57
CA VAL A 30 -2.66 6.51 3.34
C VAL A 30 -2.25 7.93 3.72
N ALA A 31 -2.17 8.84 2.75
CA ALA A 31 -1.79 10.23 2.98
C ALA A 31 -2.83 11.02 3.79
N ALA A 32 -3.96 10.41 4.19
CA ALA A 32 -4.97 11.03 5.03
C ALA A 32 -4.86 10.45 6.44
N THR A 33 -4.97 9.12 6.56
CA THR A 33 -4.93 8.36 7.81
C THR A 33 -3.56 8.42 8.48
N PHE A 34 -2.50 8.48 7.68
CA PHE A 34 -1.12 8.52 8.14
C PHE A 34 -0.44 9.70 7.42
N PRO A 35 -0.76 10.95 7.79
CA PRO A 35 -0.24 12.12 7.09
C PRO A 35 1.22 12.42 7.43
N ASN A 36 1.82 11.71 8.39
CA ASN A 36 3.22 11.87 8.74
C ASN A 36 4.12 11.49 7.57
N LEU A 37 3.85 10.35 6.92
CA LEU A 37 4.71 9.76 5.90
C LEU A 37 4.87 10.76 4.75
N GLU A 38 6.03 10.77 4.10
CA GLU A 38 6.33 11.63 2.96
C GLU A 38 6.28 10.77 1.68
N PRO A 39 5.83 11.29 0.53
CA PRO A 39 5.82 10.55 -0.72
C PRO A 39 7.26 10.32 -1.24
N GLN A 40 7.42 9.36 -2.14
CA GLN A 40 8.59 9.21 -3.01
C GLN A 40 8.17 8.35 -4.21
N MET A 41 8.44 8.77 -5.45
CA MET A 41 8.41 7.84 -6.58
C MET A 41 9.72 7.06 -6.60
N LYS A 42 9.64 5.75 -6.33
CA LYS A 42 10.80 4.85 -6.29
C LYS A 42 10.57 3.73 -7.27
N TRP A 43 11.52 3.45 -8.16
CA TRP A 43 11.38 2.43 -9.21
C TRP A 43 10.13 2.63 -10.07
N ASN A 44 9.63 3.88 -10.15
CA ASN A 44 8.42 4.24 -10.85
C ASN A 44 7.22 3.52 -10.23
N THR A 45 7.30 3.23 -8.95
CA THR A 45 6.22 2.70 -8.15
C THR A 45 5.98 3.71 -7.01
N PRO A 46 4.73 3.86 -6.57
CA PRO A 46 4.40 4.72 -5.44
C PRO A 46 4.87 4.13 -4.11
N MET A 47 5.52 4.94 -3.28
CA MET A 47 5.87 4.57 -1.91
C MET A 47 5.82 5.78 -0.99
N PHE A 48 6.00 5.55 0.33
CA PHE A 48 5.97 6.56 1.37
C PHE A 48 7.17 6.29 2.27
N SER A 49 7.72 7.29 2.95
CA SER A 49 8.82 7.18 3.89
C SER A 49 8.35 7.75 5.23
N ASN A 50 8.67 7.14 6.38
CA ASN A 50 8.53 7.85 7.63
C ASN A 50 9.84 8.58 7.88
N GLN A 51 9.88 9.84 7.49
CA GLN A 51 11.00 10.75 7.69
C GLN A 51 12.26 10.38 6.91
N GLY A 52 12.35 9.16 6.36
CA GLY A 52 13.41 8.65 5.49
C GLY A 52 13.23 7.18 5.09
N THR A 53 12.42 6.40 5.81
CA THR A 53 12.37 4.93 5.74
C THR A 53 11.63 4.38 4.51
N PHE A 54 11.40 3.06 4.50
CA PHE A 54 10.83 2.27 3.43
C PHE A 54 9.60 1.45 3.91
N ILE A 55 8.92 1.91 4.96
CA ILE A 55 7.91 1.20 5.73
C ILE A 55 6.59 0.95 4.95
N ILE A 56 6.43 1.41 3.71
CA ILE A 56 5.32 1.05 2.83
C ILE A 56 5.70 1.36 1.37
N GLY A 57 5.22 0.54 0.43
CA GLY A 57 5.21 0.83 -1.00
C GLY A 57 4.40 -0.24 -1.69
N PHE A 58 3.73 0.10 -2.79
CA PHE A 58 2.88 -0.83 -3.54
C PHE A 58 2.99 -0.54 -5.04
N SER A 59 2.52 -1.45 -5.88
CA SER A 59 2.44 -1.20 -7.31
C SER A 59 1.27 -2.00 -7.85
N THR A 60 0.58 -1.46 -8.83
CA THR A 60 -0.47 -2.18 -9.52
C THR A 60 0.17 -3.39 -10.20
N SER A 61 -0.56 -4.49 -10.27
CA SER A 61 -0.13 -5.73 -10.88
C SER A 61 -1.22 -6.13 -11.88
N LYS A 62 -0.97 -7.18 -12.64
CA LYS A 62 -1.72 -7.45 -13.86
C LYS A 62 -3.21 -7.62 -13.61
N HIS A 63 -3.62 -8.27 -12.52
CA HIS A 63 -5.02 -8.41 -12.11
C HIS A 63 -5.23 -8.24 -10.59
N HIS A 64 -4.24 -7.72 -9.88
CA HIS A 64 -4.26 -7.50 -8.44
C HIS A 64 -3.37 -6.30 -8.11
N LEU A 65 -3.30 -5.89 -6.84
CA LEU A 65 -2.30 -4.96 -6.30
C LEU A 65 -1.32 -5.78 -5.44
N SER A 66 -0.14 -5.24 -5.14
CA SER A 66 0.83 -5.83 -4.21
C SER A 66 1.04 -4.86 -3.05
N VAL A 67 0.66 -5.23 -1.82
CA VAL A 67 0.62 -4.32 -0.68
C VAL A 67 1.32 -4.97 0.52
N SER A 68 2.12 -4.20 1.25
CA SER A 68 2.79 -4.60 2.48
C SER A 68 3.33 -3.32 3.15
N PRO A 69 3.66 -3.34 4.46
CA PRO A 69 4.58 -2.35 4.98
C PRO A 69 6.03 -2.78 4.72
N GLU A 70 6.47 -3.95 5.20
CA GLU A 70 7.80 -4.50 4.95
C GLU A 70 7.66 -6.01 4.95
N GLU A 71 7.74 -6.63 6.13
CA GLU A 71 7.76 -8.08 6.34
C GLU A 71 6.79 -8.51 7.47
N ILE A 72 6.68 -7.75 8.56
CA ILE A 72 5.84 -8.06 9.73
C ILE A 72 4.39 -8.35 9.36
N GLY A 73 3.86 -7.60 8.39
CA GLY A 73 2.50 -7.71 7.88
C GLY A 73 2.15 -9.12 7.44
N ILE A 74 3.16 -9.96 7.14
CA ILE A 74 3.01 -11.28 6.56
C ILE A 74 3.60 -12.33 7.49
N SER A 75 4.23 -11.94 8.59
CA SER A 75 4.60 -12.85 9.64
C SER A 75 3.52 -12.82 10.71
N GLN A 76 3.33 -11.68 11.36
CA GLN A 76 2.37 -11.48 12.41
C GLN A 76 1.00 -11.35 11.76
N PHE A 77 0.81 -10.28 11.01
CA PHE A 77 -0.53 -9.88 10.59
C PHE A 77 -1.09 -10.83 9.53
N ALA A 78 -0.28 -11.78 9.03
CA ALA A 78 -0.74 -12.82 8.10
C ALA A 78 -1.95 -13.56 8.61
N ASP A 79 -2.09 -13.78 9.92
CA ASP A 79 -3.22 -14.53 10.47
C ASP A 79 -4.52 -13.82 10.17
N ALA A 80 -4.54 -12.51 10.43
CA ALA A 80 -5.73 -11.68 10.32
C ALA A 80 -6.00 -11.31 8.85
N ILE A 81 -4.97 -11.35 7.99
CA ILE A 81 -5.12 -11.35 6.52
C ILE A 81 -5.77 -12.67 6.08
N ALA A 82 -5.29 -13.82 6.58
CA ALA A 82 -5.74 -15.15 6.16
C ALA A 82 -7.22 -15.33 6.43
N GLN A 83 -7.68 -14.83 7.57
CA GLN A 83 -9.08 -14.78 8.01
C GLN A 83 -9.96 -13.95 7.10
N ALA A 84 -9.38 -13.10 6.25
CA ALA A 84 -10.14 -12.39 5.24
C ALA A 84 -10.33 -13.22 3.97
N GLY A 85 -9.55 -14.30 3.82
CA GLY A 85 -9.52 -15.20 2.68
C GLY A 85 -8.21 -15.12 1.89
N TYR A 86 -7.49 -14.00 2.00
CA TYR A 86 -6.28 -13.72 1.24
C TYR A 86 -5.12 -14.57 1.74
N SER A 87 -4.60 -15.49 0.94
CA SER A 87 -3.47 -16.35 1.31
C SER A 87 -2.09 -15.67 1.31
N ALA A 88 -2.07 -14.37 1.06
CA ALA A 88 -0.92 -13.49 0.92
C ALA A 88 0.15 -14.10 -0.04
N THR A 89 1.40 -13.69 0.14
CA THR A 89 2.61 -14.31 -0.39
C THR A 89 3.53 -14.52 0.84
N LYS A 90 4.82 -14.78 0.67
CA LYS A 90 5.75 -14.82 1.80
C LYS A 90 6.02 -13.43 2.35
N GLY A 91 6.02 -12.40 1.49
CA GLY A 91 6.65 -11.11 1.78
C GLY A 91 5.75 -9.90 1.54
N LEU A 92 4.60 -10.08 0.91
CA LEU A 92 3.53 -9.08 0.81
C LEU A 92 2.18 -9.77 0.73
N PHE A 93 1.08 -9.03 0.72
CA PHE A 93 -0.23 -9.58 0.39
C PHE A 93 -0.71 -8.97 -0.93
N ARG A 94 -1.63 -9.67 -1.60
CA ARG A 94 -2.21 -9.22 -2.85
C ARG A 94 -3.72 -9.30 -2.70
N ILE A 95 -4.43 -8.50 -3.47
CA ILE A 95 -5.88 -8.48 -3.49
C ILE A 95 -6.26 -8.38 -4.96
N PRO A 96 -7.34 -9.04 -5.44
CA PRO A 96 -7.74 -8.93 -6.83
C PRO A 96 -8.52 -7.63 -7.03
N TRP A 97 -8.52 -7.11 -8.26
CA TRP A 97 -9.25 -5.88 -8.56
C TRP A 97 -10.78 -5.97 -8.36
N ASN A 98 -11.32 -7.20 -8.31
CA ASN A 98 -12.74 -7.45 -8.07
C ASN A 98 -13.16 -7.06 -6.66
N ASP A 99 -12.37 -7.44 -5.65
CA ASP A 99 -12.83 -7.55 -4.28
C ASP A 99 -12.16 -6.52 -3.36
N PRO A 100 -12.78 -6.16 -2.23
CA PRO A 100 -12.49 -4.91 -1.54
C PRO A 100 -11.11 -4.92 -0.86
N VAL A 101 -10.65 -3.73 -0.46
CA VAL A 101 -9.33 -3.55 0.12
C VAL A 101 -9.49 -3.50 1.64
N HIS A 102 -8.77 -4.36 2.38
CA HIS A 102 -8.79 -4.29 3.82
C HIS A 102 -7.95 -3.13 4.38
N TYR A 103 -8.52 -1.93 4.32
CA TYR A 103 -7.94 -0.74 4.92
C TYR A 103 -7.75 -0.88 6.42
N GLU A 104 -8.64 -1.54 7.16
CA GLU A 104 -8.55 -1.72 8.61
C GLU A 104 -7.38 -2.63 8.95
N LEU A 105 -7.23 -3.77 8.28
CA LEU A 105 -6.15 -4.71 8.56
C LEU A 105 -4.81 -4.08 8.18
N LEU A 106 -4.75 -3.51 6.97
CA LEU A 106 -3.52 -2.95 6.45
C LEU A 106 -3.14 -1.65 7.15
N LYS A 107 -4.10 -0.89 7.71
CA LYS A 107 -3.86 0.17 8.68
C LYS A 107 -3.06 -0.38 9.85
N GLN A 108 -3.52 -1.47 10.46
CA GLN A 108 -2.92 -1.91 11.71
C GLN A 108 -1.42 -2.15 11.54
N MET A 109 -1.07 -2.95 10.53
CA MET A 109 0.32 -3.33 10.30
C MET A 109 1.18 -2.12 9.91
N ILE A 110 0.66 -1.14 9.16
CA ILE A 110 1.48 0.00 8.78
C ILE A 110 1.75 0.87 10.00
N GLU A 111 0.70 1.30 10.72
CA GLU A 111 0.83 2.14 11.92
C GLU A 111 1.83 1.48 12.86
N PHE A 112 1.62 0.20 13.13
CA PHE A 112 2.52 -0.57 13.96
C PHE A 112 3.95 -0.51 13.43
N ASN A 113 4.19 -0.83 12.16
CA ASN A 113 5.55 -0.94 11.64
C ASN A 113 6.32 0.40 11.70
N ILE A 114 5.61 1.54 11.74
CA ILE A 114 6.21 2.85 12.04
C ILE A 114 6.58 2.88 13.53
N GLN A 115 5.62 2.67 14.44
CA GLN A 115 5.85 2.84 15.88
C GLN A 115 6.67 1.70 16.49
N ASP A 116 6.97 0.65 15.72
CA ASP A 116 7.88 -0.42 16.13
C ASP A 116 9.33 0.06 16.05
N LYS A 117 9.60 1.13 15.29
CA LYS A 117 10.91 1.74 15.01
C LYS A 117 11.12 3.00 15.85
N GLU A 118 10.33 3.18 16.91
CA GLU A 118 10.56 4.25 17.87
C GLU A 118 11.90 3.99 18.55
N GLY A 1 1.32 18.24 2.89
CA GLY A 1 1.78 18.54 1.52
C GLY A 1 0.83 17.92 0.50
N SER A 2 0.94 18.35 -0.76
CA SER A 2 0.08 17.97 -1.86
C SER A 2 -0.06 16.45 -2.04
N HIS A 3 1.07 15.72 -1.93
CA HIS A 3 1.34 14.31 -2.20
C HIS A 3 0.89 13.76 -3.56
N MET A 4 -0.36 14.00 -3.99
CA MET A 4 -0.92 13.48 -5.24
C MET A 4 -0.07 13.87 -6.44
N GLU A 5 0.62 15.02 -6.40
CA GLU A 5 1.55 15.45 -7.43
C GLU A 5 2.59 14.38 -7.72
N VAL A 6 3.22 13.82 -6.69
CA VAL A 6 4.18 12.73 -6.87
C VAL A 6 3.46 11.50 -7.43
N PHE A 7 2.28 11.16 -6.90
CA PHE A 7 1.58 9.93 -7.21
C PHE A 7 0.42 10.18 -8.16
N ALA A 8 0.71 10.87 -9.25
CA ALA A 8 -0.20 11.01 -10.38
C ALA A 8 0.51 10.59 -11.68
N GLU A 9 1.84 10.71 -11.74
CA GLU A 9 2.60 10.48 -12.97
C GLU A 9 2.76 8.98 -13.30
N TYR A 10 2.44 8.08 -12.37
CA TYR A 10 2.21 6.66 -12.62
C TYR A 10 0.80 6.47 -13.19
N LEU A 11 -0.20 7.07 -12.55
CA LEU A 11 -1.64 7.01 -12.84
C LEU A 11 -1.98 7.52 -14.24
N LYS A 12 -1.15 8.36 -14.86
CA LYS A 12 -1.37 8.75 -16.25
C LYS A 12 -1.32 7.50 -17.15
N GLY A 13 -0.33 6.62 -16.92
CA GLY A 13 0.06 5.56 -17.85
C GLY A 13 -0.42 4.16 -17.47
N ILE A 14 -1.30 4.04 -16.47
CA ILE A 14 -1.94 2.80 -16.06
C ILE A 14 -2.69 2.21 -17.26
N ASP A 15 -2.38 0.97 -17.63
CA ASP A 15 -3.02 0.24 -18.71
C ASP A 15 -4.53 0.11 -18.53
N HIS A 16 -5.00 -0.05 -17.29
CA HIS A 16 -6.36 -0.42 -16.90
C HIS A 16 -7.04 0.71 -16.11
N PRO A 17 -7.67 1.68 -16.77
CA PRO A 17 -8.36 2.78 -16.07
C PRO A 17 -9.52 2.27 -15.22
N ASP A 18 -10.09 1.09 -15.52
CA ASP A 18 -11.27 0.56 -14.83
C ASP A 18 -10.98 0.23 -13.36
N HIS A 19 -9.71 0.12 -12.98
CA HIS A 19 -9.26 -0.17 -11.60
C HIS A 19 -8.21 0.85 -11.13
N ARG A 20 -7.85 1.82 -11.99
CA ARG A 20 -6.89 2.87 -11.69
C ARG A 20 -7.31 3.58 -10.42
N ASP A 21 -8.53 4.12 -10.43
CA ASP A 21 -9.11 4.92 -9.35
C ASP A 21 -8.95 4.23 -7.97
N ARG A 22 -9.03 2.90 -7.89
CA ARG A 22 -8.77 2.16 -6.64
C ARG A 22 -7.36 2.40 -6.11
N THR A 23 -6.38 2.47 -6.99
CA THR A 23 -5.00 2.77 -6.64
C THR A 23 -4.92 4.20 -6.06
N GLU A 24 -5.51 5.19 -6.75
CA GLU A 24 -5.65 6.58 -6.30
C GLU A 24 -6.33 6.72 -4.95
N GLU A 25 -7.25 5.81 -4.59
CA GLU A 25 -7.84 5.80 -3.25
C GLU A 25 -6.77 5.60 -2.20
N ILE A 26 -6.03 4.48 -2.29
CA ILE A 26 -5.04 4.07 -1.28
C ILE A 26 -3.98 5.17 -1.09
N LEU A 27 -3.59 5.80 -2.19
CA LEU A 27 -2.63 6.90 -2.20
C LEU A 27 -3.11 8.03 -1.29
N SER A 28 -4.26 8.63 -1.60
CA SER A 28 -4.82 9.71 -0.81
C SER A 28 -5.20 9.26 0.60
N TRP A 29 -5.61 8.01 0.77
CA TRP A 29 -6.01 7.44 2.04
C TRP A 29 -4.83 7.45 3.01
N VAL A 30 -3.60 7.07 2.62
CA VAL A 30 -2.55 7.08 3.64
C VAL A 30 -2.28 8.53 4.00
N ALA A 31 -2.26 9.41 3.02
CA ALA A 31 -2.03 10.83 3.23
C ALA A 31 -2.95 11.43 4.30
N ALA A 32 -4.14 10.85 4.55
CA ALA A 32 -5.02 11.22 5.66
C ALA A 32 -4.89 10.32 6.90
N THR A 33 -4.50 9.05 6.77
CA THR A 33 -4.47 8.09 7.88
C THR A 33 -3.08 8.04 8.51
N PHE A 34 -2.05 8.07 7.68
CA PHE A 34 -0.62 8.04 7.95
C PHE A 34 0.10 9.30 7.44
N PRO A 35 -0.28 10.51 7.88
CA PRO A 35 0.32 11.76 7.38
C PRO A 35 1.82 11.89 7.67
N ASN A 36 2.38 11.06 8.56
CA ASN A 36 3.83 10.96 8.83
C ASN A 36 4.61 10.40 7.63
N LEU A 37 3.94 9.66 6.75
CA LEU A 37 4.55 9.17 5.52
C LEU A 37 4.70 10.35 4.55
N GLU A 38 5.76 10.34 3.77
CA GLU A 38 6.11 11.32 2.75
C GLU A 38 6.12 10.63 1.39
N PRO A 39 5.82 11.35 0.30
CA PRO A 39 5.75 10.77 -1.03
C PRO A 39 7.15 10.61 -1.65
N GLN A 40 7.43 9.50 -2.38
CA GLN A 40 8.65 9.36 -3.15
C GLN A 40 8.46 8.18 -4.10
N MET A 41 8.07 8.41 -5.36
CA MET A 41 7.88 7.30 -6.28
C MET A 41 9.25 6.70 -6.63
N LYS A 42 9.38 5.37 -6.63
CA LYS A 42 10.65 4.69 -6.87
C LYS A 42 10.36 3.36 -7.52
N TRP A 43 11.31 2.80 -8.27
CA TRP A 43 11.15 1.58 -9.04
C TRP A 43 9.95 1.61 -9.99
N ASN A 44 9.65 2.81 -10.49
CA ASN A 44 8.49 3.12 -11.34
C ASN A 44 7.16 2.88 -10.63
N THR A 45 7.17 2.80 -9.30
CA THR A 45 6.03 2.43 -8.48
C THR A 45 5.83 3.47 -7.37
N PRO A 46 4.61 3.59 -6.83
CA PRO A 46 4.31 4.38 -5.64
C PRO A 46 4.78 3.63 -4.39
N MET A 47 5.67 4.26 -3.63
CA MET A 47 5.99 3.90 -2.27
C MET A 47 6.04 5.21 -1.48
N PHE A 48 5.95 5.13 -0.15
CA PHE A 48 6.02 6.30 0.71
C PHE A 48 7.12 6.03 1.73
N SER A 49 7.52 7.05 2.47
CA SER A 49 8.62 6.98 3.40
C SER A 49 8.22 7.61 4.71
N ASN A 50 8.26 6.89 5.85
CA ASN A 50 8.10 7.53 7.15
C ASN A 50 9.32 8.39 7.38
N GLN A 51 9.25 9.66 7.00
CA GLN A 51 10.33 10.64 7.15
C GLN A 51 11.64 10.14 6.52
N GLY A 52 11.56 9.29 5.48
CA GLY A 52 12.70 8.80 4.69
C GLY A 52 12.84 7.27 4.63
N THR A 53 12.20 6.50 5.52
CA THR A 53 12.36 5.04 5.64
C THR A 53 11.53 4.31 4.57
N PHE A 54 11.54 2.97 4.55
CA PHE A 54 11.03 2.10 3.49
C PHE A 54 9.77 1.31 3.89
N ILE A 55 9.09 1.73 4.95
CA ILE A 55 8.09 0.97 5.71
C ILE A 55 6.77 0.80 4.93
N ILE A 56 6.69 1.08 3.63
CA ILE A 56 5.52 0.83 2.80
C ILE A 56 5.87 0.88 1.31
N GLY A 57 5.21 0.06 0.50
CA GLY A 57 5.21 0.18 -0.95
C GLY A 57 4.13 -0.70 -1.57
N PHE A 58 3.60 -0.30 -2.73
CA PHE A 58 2.63 -1.09 -3.48
C PHE A 58 2.70 -0.78 -4.98
N SER A 59 1.87 -1.40 -5.82
CA SER A 59 1.90 -1.21 -7.28
C SER A 59 0.85 -2.11 -7.91
N THR A 60 0.26 -1.63 -9.01
CA THR A 60 -0.72 -2.39 -9.77
C THR A 60 -0.10 -3.65 -10.34
N SER A 61 -0.89 -4.72 -10.45
CA SER A 61 -0.48 -5.99 -11.03
C SER A 61 -1.51 -6.34 -12.12
N LYS A 62 -1.19 -7.30 -12.99
CA LYS A 62 -1.93 -7.58 -14.22
C LYS A 62 -3.39 -8.00 -14.01
N HIS A 63 -3.81 -8.34 -12.78
CA HIS A 63 -5.18 -8.69 -12.46
C HIS A 63 -5.54 -8.40 -10.99
N HIS A 64 -4.66 -7.73 -10.27
CA HIS A 64 -4.65 -7.63 -8.82
C HIS A 64 -3.76 -6.45 -8.41
N LEU A 65 -3.64 -6.19 -7.12
CA LEU A 65 -2.76 -5.20 -6.50
C LEU A 65 -1.94 -5.93 -5.44
N SER A 66 -0.76 -5.41 -5.13
CA SER A 66 0.23 -6.01 -4.25
C SER A 66 0.72 -4.96 -3.26
N VAL A 67 0.61 -5.18 -1.94
CA VAL A 67 0.86 -4.17 -0.91
C VAL A 67 1.49 -4.79 0.34
N SER A 68 2.39 -4.08 1.04
CA SER A 68 2.92 -4.43 2.37
C SER A 68 3.51 -3.17 3.04
N PRO A 69 3.77 -3.20 4.36
CA PRO A 69 4.74 -2.31 4.97
C PRO A 69 6.19 -2.80 4.82
N GLU A 70 6.51 -4.03 5.29
CA GLU A 70 7.81 -4.68 5.17
C GLU A 70 7.55 -6.18 5.09
N GLU A 71 7.45 -6.83 6.26
CA GLU A 71 7.34 -8.28 6.40
C GLU A 71 6.59 -8.70 7.66
N ILE A 72 6.57 -7.91 8.74
CA ILE A 72 5.77 -8.25 9.92
C ILE A 72 4.29 -8.29 9.55
N GLY A 73 3.85 -7.33 8.73
CA GLY A 73 2.53 -7.28 8.16
C GLY A 73 2.17 -8.49 7.31
N ILE A 74 3.16 -9.34 7.00
CA ILE A 74 3.05 -10.52 6.15
C ILE A 74 3.38 -11.78 6.98
N SER A 75 3.71 -11.63 8.28
CA SER A 75 4.10 -12.75 9.12
C SER A 75 3.24 -12.84 10.39
N GLN A 76 3.09 -11.73 11.13
CA GLN A 76 2.29 -11.61 12.35
C GLN A 76 0.84 -11.45 11.92
N PHE A 77 0.57 -10.43 11.12
CA PHE A 77 -0.77 -10.08 10.65
C PHE A 77 -1.28 -11.06 9.57
N ALA A 78 -0.45 -12.04 9.22
CA ALA A 78 -0.67 -13.01 8.17
C ALA A 78 -1.89 -13.89 8.41
N ASP A 79 -2.30 -14.07 9.67
CA ASP A 79 -3.42 -14.91 10.03
C ASP A 79 -4.72 -14.14 9.79
N ALA A 80 -4.77 -12.89 10.25
CA ALA A 80 -5.90 -12.01 10.06
C ALA A 80 -6.14 -11.75 8.57
N ILE A 81 -5.06 -11.60 7.78
CA ILE A 81 -5.12 -11.53 6.32
C ILE A 81 -5.72 -12.82 5.75
N ALA A 82 -5.19 -13.97 6.18
CA ALA A 82 -5.56 -15.28 5.68
C ALA A 82 -7.04 -15.56 5.92
N GLN A 83 -7.52 -15.38 7.15
CA GLN A 83 -8.91 -15.59 7.57
C GLN A 83 -9.89 -14.71 6.79
N ALA A 84 -9.44 -13.56 6.28
CA ALA A 84 -10.28 -12.72 5.42
C ALA A 84 -10.46 -13.38 4.04
N GLY A 85 -9.51 -14.21 3.61
CA GLY A 85 -9.56 -14.99 2.38
C GLY A 85 -8.39 -14.71 1.43
N TYR A 86 -7.39 -13.92 1.84
CA TYR A 86 -6.29 -13.48 0.97
C TYR A 86 -5.02 -14.28 1.29
N SER A 87 -4.41 -14.99 0.33
CA SER A 87 -3.32 -15.94 0.64
C SER A 87 -1.92 -15.37 0.93
N ALA A 88 -1.77 -14.05 0.97
CA ALA A 88 -0.51 -13.32 1.05
C ALA A 88 0.58 -13.84 0.09
N THR A 89 1.81 -13.38 0.30
CA THR A 89 3.05 -13.87 -0.31
C THR A 89 4.15 -13.83 0.76
N LYS A 90 5.41 -13.93 0.34
CA LYS A 90 6.62 -13.79 1.15
C LYS A 90 6.97 -12.31 1.39
N GLY A 91 6.14 -11.35 0.96
CA GLY A 91 6.54 -9.95 1.03
C GLY A 91 5.46 -8.92 0.71
N LEU A 92 4.28 -9.33 0.25
CA LEU A 92 3.15 -8.48 -0.05
C LEU A 92 1.87 -9.27 0.19
N PHE A 93 0.72 -8.60 0.16
CA PHE A 93 -0.55 -9.31 0.05
C PHE A 93 -1.20 -8.91 -1.26
N ARG A 94 -1.52 -9.93 -2.05
CA ARG A 94 -2.33 -9.80 -3.26
C ARG A 94 -3.76 -9.52 -2.86
N ILE A 95 -4.41 -8.56 -3.51
CA ILE A 95 -5.85 -8.37 -3.49
C ILE A 95 -6.29 -8.36 -4.96
N PRO A 96 -7.46 -8.90 -5.35
CA PRO A 96 -7.95 -8.78 -6.72
C PRO A 96 -8.40 -7.34 -6.99
N TRP A 97 -8.57 -6.97 -8.27
CA TRP A 97 -9.17 -5.68 -8.60
C TRP A 97 -10.67 -5.61 -8.29
N ASN A 98 -11.39 -6.72 -8.46
CA ASN A 98 -12.85 -6.71 -8.30
C ASN A 98 -13.22 -6.47 -6.83
N ASP A 99 -12.77 -7.38 -5.98
CA ASP A 99 -13.09 -7.49 -4.57
C ASP A 99 -12.29 -6.44 -3.77
N PRO A 100 -12.67 -6.11 -2.53
CA PRO A 100 -12.09 -4.97 -1.84
C PRO A 100 -10.71 -5.26 -1.26
N VAL A 101 -10.02 -4.18 -0.88
CA VAL A 101 -8.78 -4.16 -0.12
C VAL A 101 -9.16 -4.03 1.35
N HIS A 102 -8.54 -4.82 2.22
CA HIS A 102 -8.62 -4.73 3.66
C HIS A 102 -7.77 -3.55 4.18
N TYR A 103 -8.27 -2.32 4.02
CA TYR A 103 -7.58 -1.11 4.45
C TYR A 103 -7.28 -1.18 5.94
N GLU A 104 -8.25 -1.62 6.75
CA GLU A 104 -8.14 -1.62 8.20
C GLU A 104 -7.05 -2.56 8.69
N LEU A 105 -6.71 -3.60 7.93
CA LEU A 105 -5.64 -4.52 8.29
C LEU A 105 -4.30 -3.87 7.94
N LEU A 106 -4.15 -3.43 6.69
CA LEU A 106 -2.94 -2.78 6.16
C LEU A 106 -2.60 -1.50 6.94
N LYS A 107 -3.59 -0.87 7.58
CA LYS A 107 -3.45 0.21 8.55
C LYS A 107 -2.74 -0.21 9.84
N GLN A 108 -3.20 -1.26 10.54
CA GLN A 108 -2.63 -1.59 11.86
C GLN A 108 -1.13 -1.83 11.76
N MET A 109 -0.71 -2.61 10.76
CA MET A 109 0.68 -3.01 10.62
C MET A 109 1.62 -1.85 10.29
N ILE A 110 1.15 -0.82 9.56
CA ILE A 110 1.99 0.33 9.26
C ILE A 110 2.10 1.22 10.51
N GLU A 111 0.98 1.47 11.19
CA GLU A 111 0.95 2.31 12.40
C GLU A 111 1.79 1.68 13.51
N PHE A 112 1.67 0.37 13.71
CA PHE A 112 2.49 -0.35 14.68
C PHE A 112 3.97 -0.17 14.36
N ASN A 113 4.37 -0.36 13.10
CA ASN A 113 5.77 -0.26 12.73
C ASN A 113 6.31 1.14 13.05
N ILE A 114 5.53 2.20 12.81
CA ILE A 114 5.92 3.56 13.20
C ILE A 114 6.08 3.63 14.74
N GLN A 115 5.11 3.19 15.54
CA GLN A 115 5.23 3.30 17.02
C GLN A 115 6.26 2.32 17.59
N ASP A 116 6.84 1.44 16.77
CA ASP A 116 7.90 0.48 17.11
C ASP A 116 9.29 1.02 16.81
N LYS A 117 9.35 2.27 16.36
CA LYS A 117 10.55 2.93 15.89
C LYS A 117 10.72 4.31 16.57
N GLU A 118 10.05 4.55 17.70
CA GLU A 118 10.19 5.77 18.48
C GLU A 118 11.61 5.90 18.99
N GLY A 1 3.92 18.32 1.79
CA GLY A 1 3.77 18.91 0.46
C GLY A 1 2.53 18.34 -0.20
N SER A 2 2.62 17.84 -1.43
CA SER A 2 1.47 17.41 -2.23
C SER A 2 1.73 16.05 -2.86
N HIS A 3 1.34 14.98 -2.15
CA HIS A 3 1.52 13.60 -2.58
C HIS A 3 0.88 13.31 -3.96
N MET A 4 -0.28 13.90 -4.27
CA MET A 4 -0.98 13.68 -5.54
C MET A 4 -0.14 14.10 -6.75
N GLU A 5 0.73 15.10 -6.60
CA GLU A 5 1.60 15.54 -7.69
C GLU A 5 2.64 14.45 -7.94
N VAL A 6 3.21 13.89 -6.88
CA VAL A 6 4.25 12.87 -6.93
C VAL A 6 3.72 11.61 -7.62
N PHE A 7 2.50 11.17 -7.25
CA PHE A 7 1.95 9.89 -7.66
C PHE A 7 1.08 10.01 -8.92
N ALA A 8 0.94 11.23 -9.45
CA ALA A 8 0.25 11.50 -10.71
C ALA A 8 0.83 10.62 -11.81
N GLU A 9 2.16 10.60 -11.87
CA GLU A 9 2.95 9.91 -12.89
C GLU A 9 2.85 8.39 -12.82
N TYR A 10 2.32 7.86 -11.71
CA TYR A 10 2.01 6.46 -11.60
C TYR A 10 0.66 6.21 -12.24
N LEU A 11 -0.38 6.88 -11.73
CA LEU A 11 -1.77 6.71 -12.13
C LEU A 11 -1.92 6.96 -13.64
N LYS A 12 -1.30 8.01 -14.17
CA LYS A 12 -1.32 8.34 -15.60
C LYS A 12 -0.83 7.18 -16.47
N GLY A 13 0.12 6.39 -15.96
CA GLY A 13 0.81 5.37 -16.72
C GLY A 13 -0.01 4.08 -16.78
N ILE A 14 -0.91 3.86 -15.83
CA ILE A 14 -1.71 2.64 -15.78
C ILE A 14 -2.76 2.79 -16.89
N ASP A 15 -2.50 2.19 -18.04
CA ASP A 15 -3.37 2.22 -19.23
C ASP A 15 -4.71 1.50 -19.02
N HIS A 16 -4.87 0.90 -17.85
CA HIS A 16 -6.05 0.28 -17.30
C HIS A 16 -6.77 1.22 -16.30
N PRO A 17 -7.64 2.14 -16.77
CA PRO A 17 -8.43 2.98 -15.88
C PRO A 17 -9.34 2.18 -14.97
N ASP A 18 -9.93 1.06 -15.46
CA ASP A 18 -10.97 0.34 -14.73
C ASP A 18 -10.43 -0.42 -13.51
N HIS A 19 -9.15 -0.21 -13.22
CA HIS A 19 -8.40 -0.83 -12.14
C HIS A 19 -7.51 0.20 -11.42
N ARG A 20 -6.93 1.16 -12.17
CA ARG A 20 -6.21 2.31 -11.60
C ARG A 20 -7.08 3.04 -10.60
N ASP A 21 -8.38 3.20 -10.88
CA ASP A 21 -9.32 3.94 -10.06
C ASP A 21 -9.42 3.36 -8.63
N ARG A 22 -9.08 2.09 -8.42
CA ARG A 22 -8.97 1.50 -7.08
C ARG A 22 -7.64 1.83 -6.41
N THR A 23 -6.57 1.98 -7.17
CA THR A 23 -5.22 2.20 -6.67
C THR A 23 -5.08 3.62 -6.11
N GLU A 24 -5.67 4.60 -6.80
CA GLU A 24 -5.64 5.99 -6.37
C GLU A 24 -6.33 6.20 -5.02
N GLU A 25 -7.28 5.32 -4.69
CA GLU A 25 -7.99 5.34 -3.42
C GLU A 25 -7.00 5.17 -2.27
N ILE A 26 -6.18 4.10 -2.30
CA ILE A 26 -5.29 3.79 -1.19
C ILE A 26 -4.25 4.91 -1.03
N LEU A 27 -3.73 5.45 -2.13
CA LEU A 27 -2.79 6.57 -2.11
C LEU A 27 -3.38 7.73 -1.29
N SER A 28 -4.59 8.17 -1.64
CA SER A 28 -5.29 9.27 -0.98
C SER A 28 -5.58 8.94 0.49
N TRP A 29 -6.05 7.72 0.77
CA TRP A 29 -6.36 7.24 2.10
C TRP A 29 -5.14 7.28 3.01
N VAL A 30 -3.98 6.85 2.53
CA VAL A 30 -2.76 6.90 3.30
C VAL A 30 -2.39 8.34 3.62
N ALA A 31 -2.44 9.26 2.66
CA ALA A 31 -2.07 10.66 2.91
C ALA A 31 -2.98 11.36 3.93
N ALA A 32 -4.11 10.76 4.30
CA ALA A 32 -4.87 11.14 5.48
C ALA A 32 -4.43 10.36 6.71
N THR A 33 -4.32 9.02 6.63
CA THR A 33 -4.25 8.20 7.82
C THR A 33 -2.85 8.22 8.44
N PHE A 34 -1.78 8.31 7.64
CA PHE A 34 -0.42 8.31 8.15
C PHE A 34 0.23 9.64 7.79
N PRO A 35 -0.09 10.74 8.50
CA PRO A 35 0.36 12.08 8.12
C PRO A 35 1.86 12.29 8.30
N ASN A 36 2.55 11.38 9.02
CA ASN A 36 4.00 11.44 9.21
C ASN A 36 4.76 11.02 7.95
N LEU A 37 4.11 10.29 7.04
CA LEU A 37 4.66 9.78 5.81
C LEU A 37 4.91 10.93 4.86
N GLU A 38 5.91 10.70 4.03
CA GLU A 38 6.27 11.61 2.94
C GLU A 38 6.23 10.84 1.62
N PRO A 39 5.79 11.45 0.52
CA PRO A 39 5.72 10.81 -0.79
C PRO A 39 7.12 10.72 -1.41
N GLN A 40 7.37 9.75 -2.31
CA GLN A 40 8.56 9.62 -3.12
C GLN A 40 8.33 8.40 -4.02
N MET A 41 8.00 8.62 -5.29
CA MET A 41 7.98 7.57 -6.30
C MET A 41 9.38 6.99 -6.43
N LYS A 42 9.54 5.67 -6.37
CA LYS A 42 10.80 4.99 -6.64
C LYS A 42 10.49 3.83 -7.54
N TRP A 43 11.32 3.54 -8.55
CA TRP A 43 11.17 2.36 -9.41
C TRP A 43 9.81 2.26 -10.15
N ASN A 44 9.08 3.36 -10.31
CA ASN A 44 7.70 3.42 -10.73
C ASN A 44 6.74 2.76 -9.75
N THR A 45 7.15 2.42 -8.53
CA THR A 45 6.31 1.78 -7.55
C THR A 45 6.12 2.75 -6.37
N PRO A 46 4.91 3.27 -6.16
CA PRO A 46 4.65 4.31 -5.17
C PRO A 46 4.90 3.80 -3.75
N MET A 47 5.63 4.61 -2.98
CA MET A 47 5.95 4.36 -1.59
C MET A 47 5.92 5.70 -0.87
N PHE A 48 5.78 5.65 0.44
CA PHE A 48 5.78 6.80 1.32
C PHE A 48 6.86 6.53 2.34
N SER A 49 7.97 7.25 2.27
CA SER A 49 8.99 7.11 3.28
C SER A 49 8.45 7.79 4.53
N ASN A 50 8.31 7.08 5.65
CA ASN A 50 8.14 7.76 6.92
C ASN A 50 9.47 8.48 7.20
N GLN A 51 9.54 9.77 6.90
CA GLN A 51 10.66 10.72 7.00
C GLN A 51 12.00 10.29 6.37
N GLY A 52 12.13 9.07 5.86
CA GLY A 52 13.35 8.50 5.30
C GLY A 52 13.47 7.00 5.53
N THR A 53 12.36 6.28 5.69
CA THR A 53 12.30 4.85 6.01
C THR A 53 11.61 4.12 4.83
N PHE A 54 11.48 2.78 4.87
CA PHE A 54 10.98 1.94 3.77
C PHE A 54 9.74 1.14 4.22
N ILE A 55 8.99 1.65 5.21
CA ILE A 55 7.89 0.94 5.89
C ILE A 55 6.63 0.85 4.99
N ILE A 56 6.73 1.02 3.67
CA ILE A 56 5.70 0.70 2.68
C ILE A 56 6.33 0.70 1.28
N GLY A 57 5.66 0.08 0.30
CA GLY A 57 5.88 0.36 -1.12
C GLY A 57 5.06 -0.60 -1.97
N PHE A 58 3.84 -0.22 -2.34
CA PHE A 58 2.93 -1.09 -3.08
C PHE A 58 3.10 -0.90 -4.59
N SER A 59 2.61 -1.86 -5.38
CA SER A 59 2.42 -1.65 -6.81
C SER A 59 1.31 -2.56 -7.32
N THR A 60 0.70 -2.12 -8.41
CA THR A 60 -0.34 -2.79 -9.16
C THR A 60 0.25 -3.96 -9.93
N SER A 61 -0.58 -4.95 -10.27
CA SER A 61 -0.19 -6.17 -10.96
C SER A 61 -1.22 -6.48 -12.06
N LYS A 62 -1.02 -7.59 -12.78
CA LYS A 62 -1.84 -8.02 -13.91
C LYS A 62 -3.33 -8.01 -13.56
N HIS A 63 -3.74 -8.77 -12.56
CA HIS A 63 -5.14 -8.96 -12.19
C HIS A 63 -5.34 -8.80 -10.67
N HIS A 64 -4.36 -8.23 -9.98
CA HIS A 64 -4.39 -7.99 -8.54
C HIS A 64 -3.53 -6.78 -8.21
N LEU A 65 -3.55 -6.36 -6.95
CA LEU A 65 -2.65 -5.35 -6.37
C LEU A 65 -1.73 -6.06 -5.35
N SER A 66 -0.58 -5.46 -5.05
CA SER A 66 0.50 -6.05 -4.27
C SER A 66 1.03 -5.04 -3.24
N VAL A 67 0.81 -5.27 -1.94
CA VAL A 67 1.01 -4.29 -0.84
C VAL A 67 1.57 -4.92 0.44
N SER A 68 2.33 -4.16 1.25
CA SER A 68 2.91 -4.52 2.54
C SER A 68 3.58 -3.28 3.17
N PRO A 69 3.91 -3.33 4.48
CA PRO A 69 4.82 -2.40 5.13
C PRO A 69 6.30 -2.78 4.95
N GLU A 70 6.71 -4.00 5.34
CA GLU A 70 8.08 -4.50 5.33
C GLU A 70 8.03 -6.03 5.26
N GLU A 71 7.66 -6.63 6.39
CA GLU A 71 7.75 -8.05 6.68
C GLU A 71 6.75 -8.46 7.76
N ILE A 72 6.65 -7.73 8.87
CA ILE A 72 5.77 -8.11 9.98
C ILE A 72 4.34 -8.30 9.50
N GLY A 73 3.85 -7.39 8.64
CA GLY A 73 2.50 -7.44 8.08
C GLY A 73 2.19 -8.73 7.31
N ILE A 74 3.21 -9.50 6.95
CA ILE A 74 3.13 -10.71 6.15
C ILE A 74 3.59 -11.91 6.99
N SER A 75 4.11 -11.68 8.20
CA SER A 75 4.42 -12.74 9.13
C SER A 75 3.32 -12.84 10.19
N GLN A 76 3.12 -11.76 10.94
CA GLN A 76 2.25 -11.64 12.11
C GLN A 76 0.83 -11.38 11.66
N PHE A 77 0.65 -10.56 10.63
CA PHE A 77 -0.68 -10.13 10.21
C PHE A 77 -1.21 -10.93 9.02
N ALA A 78 -0.40 -11.79 8.40
CA ALA A 78 -0.82 -12.65 7.29
C ALA A 78 -1.92 -13.63 7.70
N ASP A 79 -1.94 -14.04 8.97
CA ASP A 79 -2.98 -14.93 9.49
C ASP A 79 -4.35 -14.30 9.28
N ALA A 80 -4.46 -13.05 9.72
CA ALA A 80 -5.66 -12.24 9.70
C ALA A 80 -6.04 -11.85 8.26
N ILE A 81 -5.06 -11.73 7.35
CA ILE A 81 -5.30 -11.59 5.91
C ILE A 81 -5.95 -12.88 5.39
N ALA A 82 -5.39 -14.05 5.73
CA ALA A 82 -5.82 -15.33 5.16
C ALA A 82 -7.27 -15.61 5.54
N GLN A 83 -7.60 -15.45 6.82
CA GLN A 83 -8.95 -15.64 7.34
C GLN A 83 -9.95 -14.66 6.74
N ALA A 84 -9.50 -13.50 6.25
CA ALA A 84 -10.36 -12.56 5.56
C ALA A 84 -10.68 -13.00 4.12
N GLY A 85 -10.10 -14.10 3.63
CA GLY A 85 -10.34 -14.62 2.29
C GLY A 85 -9.32 -14.10 1.27
N TYR A 86 -8.09 -13.79 1.69
CA TYR A 86 -7.05 -13.21 0.85
C TYR A 86 -5.76 -14.05 0.89
N SER A 87 -4.72 -13.61 0.15
CA SER A 87 -3.46 -14.33 -0.07
C SER A 87 -2.25 -13.45 0.29
N ALA A 88 -1.10 -14.07 0.56
CA ALA A 88 0.15 -13.43 0.93
C ALA A 88 1.34 -14.05 0.20
N THR A 89 2.52 -13.42 0.29
CA THR A 89 3.79 -13.80 -0.35
C THR A 89 4.90 -13.63 0.68
N LYS A 90 6.19 -13.59 0.32
CA LYS A 90 7.23 -13.15 1.24
C LYS A 90 7.42 -11.67 0.96
N GLY A 91 6.51 -10.86 1.46
CA GLY A 91 6.75 -9.42 1.52
C GLY A 91 5.67 -8.57 0.89
N LEU A 92 4.55 -9.16 0.46
CA LEU A 92 3.36 -8.42 0.03
C LEU A 92 2.13 -9.32 0.06
N PHE A 93 0.94 -8.73 0.11
CA PHE A 93 -0.33 -9.46 0.12
C PHE A 93 -1.11 -9.08 -1.13
N ARG A 94 -2.04 -9.96 -1.54
CA ARG A 94 -2.59 -9.97 -2.87
C ARG A 94 -4.09 -9.90 -2.77
N ILE A 95 -4.66 -8.84 -3.36
CA ILE A 95 -6.10 -8.62 -3.40
C ILE A 95 -6.49 -8.59 -4.87
N PRO A 96 -7.66 -9.13 -5.26
CA PRO A 96 -8.10 -9.07 -6.65
C PRO A 96 -8.65 -7.68 -6.95
N TRP A 97 -8.62 -7.26 -8.22
CA TRP A 97 -9.30 -6.03 -8.65
C TRP A 97 -10.81 -5.98 -8.35
N ASN A 98 -11.42 -7.13 -8.04
CA ASN A 98 -12.85 -7.29 -7.76
C ASN A 98 -13.28 -6.66 -6.44
N ASP A 99 -12.54 -6.89 -5.35
CA ASP A 99 -13.00 -6.66 -3.98
C ASP A 99 -12.33 -5.41 -3.40
N PRO A 100 -12.87 -4.82 -2.31
CA PRO A 100 -12.20 -3.73 -1.59
C PRO A 100 -10.92 -4.24 -0.91
N VAL A 101 -9.99 -3.32 -0.70
CA VAL A 101 -8.78 -3.57 0.07
C VAL A 101 -9.14 -3.32 1.53
N HIS A 102 -8.77 -4.24 2.41
CA HIS A 102 -8.97 -4.17 3.85
C HIS A 102 -8.01 -3.16 4.47
N TYR A 103 -8.41 -1.89 4.37
CA TYR A 103 -7.65 -0.76 4.85
C TYR A 103 -7.23 -0.99 6.28
N GLU A 104 -8.15 -1.40 7.14
CA GLU A 104 -7.86 -1.61 8.55
C GLU A 104 -6.65 -2.50 8.75
N LEU A 105 -6.54 -3.63 8.06
CA LEU A 105 -5.49 -4.59 8.36
C LEU A 105 -4.15 -4.04 7.87
N LEU A 106 -4.12 -3.55 6.63
CA LEU A 106 -2.96 -2.90 6.04
C LEU A 106 -2.56 -1.66 6.86
N LYS A 107 -3.51 -1.03 7.56
CA LYS A 107 -3.29 0.05 8.51
C LYS A 107 -2.51 -0.46 9.70
N GLN A 108 -3.03 -1.44 10.45
CA GLN A 108 -2.44 -1.83 11.72
C GLN A 108 -1.01 -2.31 11.49
N MET A 109 -0.75 -3.05 10.41
CA MET A 109 0.61 -3.50 10.12
C MET A 109 1.56 -2.41 9.64
N ILE A 110 1.10 -1.24 9.18
CA ILE A 110 2.00 -0.16 8.81
C ILE A 110 2.20 0.77 10.01
N GLU A 111 1.10 1.23 10.60
CA GLU A 111 1.06 2.06 11.80
C GLU A 111 1.93 1.43 12.86
N PHE A 112 1.81 0.11 13.09
CA PHE A 112 2.56 -0.57 14.12
C PHE A 112 4.06 -0.27 14.08
N ASN A 113 4.70 -0.21 12.91
CA ASN A 113 6.14 0.03 12.91
C ASN A 113 6.41 1.52 13.13
N ILE A 114 5.50 2.40 12.72
CA ILE A 114 5.66 3.83 12.89
C ILE A 114 5.34 4.22 14.33
N GLN A 115 4.51 3.47 15.06
CA GLN A 115 4.37 3.60 16.54
C GLN A 115 5.44 2.79 17.29
N ASP A 116 6.29 2.06 16.58
CA ASP A 116 7.39 1.29 17.22
C ASP A 116 8.67 2.12 17.27
N LYS A 117 8.94 2.90 16.23
CA LYS A 117 10.21 3.59 16.00
C LYS A 117 10.21 4.99 16.58
N GLU A 118 9.39 5.26 17.59
CA GLU A 118 9.29 6.55 18.26
C GLU A 118 10.66 6.97 18.75
N GLY A 1 -0.59 18.70 2.65
CA GLY A 1 0.61 17.95 2.27
C GLY A 1 0.42 17.34 0.89
N SER A 2 0.97 17.97 -0.15
CA SER A 2 0.89 17.49 -1.52
C SER A 2 1.51 16.11 -1.63
N HIS A 3 1.03 15.31 -2.59
CA HIS A 3 1.49 13.96 -2.87
C HIS A 3 0.97 13.47 -4.21
N MET A 4 -0.27 13.84 -4.57
CA MET A 4 -0.88 13.41 -5.83
C MET A 4 -0.08 13.85 -7.05
N GLU A 5 0.69 14.94 -6.94
CA GLU A 5 1.60 15.35 -8.01
C GLU A 5 2.58 14.23 -8.34
N VAL A 6 3.27 13.72 -7.31
CA VAL A 6 4.31 12.71 -7.48
C VAL A 6 3.69 11.49 -8.14
N PHE A 7 2.52 11.08 -7.67
CA PHE A 7 1.88 9.83 -8.06
C PHE A 7 1.24 9.94 -9.44
N ALA A 8 1.09 11.15 -9.99
CA ALA A 8 0.32 11.40 -11.19
C ALA A 8 0.95 10.71 -12.39
N GLU A 9 2.27 10.82 -12.52
CA GLU A 9 2.99 10.25 -13.64
C GLU A 9 3.09 8.71 -13.58
N TYR A 10 2.69 8.08 -12.47
CA TYR A 10 2.32 6.68 -12.47
C TYR A 10 0.86 6.53 -12.91
N LEU A 11 -0.08 7.19 -12.22
CA LEU A 11 -1.52 7.00 -12.41
C LEU A 11 -1.99 7.21 -13.85
N LYS A 12 -1.40 8.20 -14.54
CA LYS A 12 -1.70 8.52 -15.92
C LYS A 12 -1.63 7.30 -16.84
N GLY A 13 -0.77 6.34 -16.49
CA GLY A 13 -0.46 5.17 -17.30
C GLY A 13 -1.26 3.93 -16.92
N ILE A 14 -2.20 3.98 -15.96
CA ILE A 14 -2.97 2.80 -15.61
C ILE A 14 -3.94 2.50 -16.75
N ASP A 15 -3.59 1.52 -17.57
CA ASP A 15 -4.35 1.00 -18.71
C ASP A 15 -5.68 0.32 -18.32
N HIS A 16 -5.95 0.28 -17.02
CA HIS A 16 -7.08 -0.33 -16.34
C HIS A 16 -7.92 0.74 -15.61
N PRO A 17 -8.54 1.69 -16.34
CA PRO A 17 -9.32 2.78 -15.77
C PRO A 17 -10.54 2.28 -14.99
N ASP A 18 -10.98 1.04 -15.20
CA ASP A 18 -12.09 0.41 -14.48
C ASP A 18 -11.77 0.17 -13.00
N HIS A 19 -10.49 0.27 -12.59
CA HIS A 19 -9.99 -0.09 -11.26
C HIS A 19 -8.92 0.92 -10.80
N ARG A 20 -8.60 1.91 -11.65
CA ARG A 20 -7.52 2.87 -11.44
C ARG A 20 -7.69 3.60 -10.13
N ASP A 21 -8.83 4.25 -9.98
CA ASP A 21 -9.22 5.06 -8.82
C ASP A 21 -9.13 4.27 -7.52
N ARG A 22 -9.36 2.95 -7.56
CA ARG A 22 -9.18 2.09 -6.37
C ARG A 22 -7.78 2.28 -5.78
N THR A 23 -6.78 2.50 -6.62
CA THR A 23 -5.40 2.82 -6.24
C THR A 23 -5.34 4.20 -5.58
N GLU A 24 -5.97 5.19 -6.22
CA GLU A 24 -5.97 6.59 -5.83
C GLU A 24 -6.64 6.77 -4.47
N GLU A 25 -7.63 5.92 -4.14
CA GLU A 25 -8.27 5.88 -2.83
C GLU A 25 -7.20 5.59 -1.79
N ILE A 26 -6.49 4.47 -1.93
CA ILE A 26 -5.44 4.06 -0.98
C ILE A 26 -4.40 5.17 -0.89
N LEU A 27 -3.94 5.73 -2.01
CA LEU A 27 -2.87 6.73 -2.01
C LEU A 27 -3.29 7.94 -1.17
N SER A 28 -4.49 8.47 -1.44
CA SER A 28 -5.07 9.59 -0.73
C SER A 28 -5.27 9.26 0.75
N TRP A 29 -5.75 8.04 1.05
CA TRP A 29 -6.05 7.52 2.37
C TRP A 29 -4.77 7.35 3.20
N VAL A 30 -3.69 6.82 2.61
CA VAL A 30 -2.38 6.75 3.26
C VAL A 30 -1.93 8.17 3.61
N ALA A 31 -1.91 9.06 2.62
CA ALA A 31 -1.51 10.45 2.81
C ALA A 31 -2.48 11.23 3.72
N ALA A 32 -3.54 10.61 4.23
CA ALA A 32 -4.43 11.17 5.24
C ALA A 32 -4.13 10.50 6.58
N THR A 33 -4.45 9.21 6.69
CA THR A 33 -4.44 8.43 7.93
C THR A 33 -3.03 8.32 8.51
N PHE A 34 -1.99 8.31 7.66
CA PHE A 34 -0.61 8.14 8.09
C PHE A 34 0.18 9.37 7.61
N PRO A 35 -0.07 10.56 8.17
CA PRO A 35 0.46 11.82 7.66
C PRO A 35 1.97 11.98 7.87
N ASN A 36 2.61 11.04 8.57
CA ASN A 36 4.05 10.99 8.75
C ASN A 36 4.72 10.29 7.55
N LEU A 37 3.97 9.60 6.68
CA LEU A 37 4.47 9.07 5.41
C LEU A 37 4.48 10.19 4.36
N GLU A 38 5.41 10.12 3.42
CA GLU A 38 5.66 11.14 2.40
C GLU A 38 5.78 10.53 0.99
N PRO A 39 5.45 11.24 -0.08
CA PRO A 39 5.42 10.69 -1.44
C PRO A 39 6.82 10.46 -2.00
N GLN A 40 7.10 9.28 -2.59
CA GLN A 40 8.35 9.00 -3.27
C GLN A 40 8.09 8.01 -4.41
N MET A 41 8.52 8.33 -5.64
CA MET A 41 8.55 7.37 -6.76
C MET A 41 9.91 6.68 -6.78
N LYS A 42 9.96 5.35 -6.76
CA LYS A 42 11.23 4.61 -6.78
C LYS A 42 11.06 3.23 -7.38
N TRP A 43 12.10 2.68 -8.03
CA TRP A 43 12.02 1.39 -8.73
C TRP A 43 10.89 1.35 -9.77
N ASN A 44 10.46 2.51 -10.28
CA ASN A 44 9.28 2.72 -11.12
C ASN A 44 7.96 2.41 -10.41
N THR A 45 7.96 2.20 -9.10
CA THR A 45 6.76 1.93 -8.31
C THR A 45 6.53 3.14 -7.39
N PRO A 46 5.27 3.43 -7.07
CA PRO A 46 4.94 4.41 -6.06
C PRO A 46 5.15 3.82 -4.67
N MET A 47 5.76 4.60 -3.78
CA MET A 47 6.01 4.23 -2.40
C MET A 47 5.82 5.47 -1.53
N PHE A 48 6.08 5.35 -0.23
CA PHE A 48 6.09 6.50 0.66
C PHE A 48 7.25 6.33 1.66
N SER A 49 7.78 7.40 2.27
CA SER A 49 8.79 7.23 3.31
C SER A 49 8.26 7.77 4.63
N ASN A 50 8.39 7.02 5.72
CA ASN A 50 8.27 7.64 7.03
C ASN A 50 9.56 8.40 7.24
N GLN A 51 9.54 9.69 6.93
CA GLN A 51 10.66 10.63 7.05
C GLN A 51 12.00 10.05 6.52
N GLY A 52 11.96 9.35 5.39
CA GLY A 52 13.13 8.78 4.71
C GLY A 52 13.15 7.24 4.65
N THR A 53 12.41 6.56 5.54
CA THR A 53 12.43 5.12 5.76
C THR A 53 11.66 4.37 4.63
N PHE A 54 11.51 3.05 4.72
CA PHE A 54 10.99 2.17 3.65
C PHE A 54 9.78 1.34 4.09
N ILE A 55 9.08 1.80 5.13
CA ILE A 55 8.00 1.12 5.85
C ILE A 55 6.72 0.93 5.01
N ILE A 56 6.68 1.21 3.68
CA ILE A 56 5.57 0.92 2.79
C ILE A 56 6.01 0.96 1.31
N GLY A 57 5.39 0.15 0.44
CA GLY A 57 5.55 0.23 -1.02
C GLY A 57 4.52 -0.64 -1.74
N PHE A 58 4.16 -0.31 -2.99
CA PHE A 58 3.27 -1.11 -3.85
C PHE A 58 3.58 -0.87 -5.34
N SER A 59 3.01 -1.67 -6.24
CA SER A 59 3.15 -1.51 -7.71
C SER A 59 1.93 -2.14 -8.40
N THR A 60 1.11 -1.37 -9.10
CA THR A 60 -0.18 -1.85 -9.63
C THR A 60 0.06 -2.98 -10.63
N SER A 61 -0.66 -4.10 -10.46
CA SER A 61 -0.55 -5.24 -11.36
C SER A 61 -1.56 -5.10 -12.50
N LYS A 62 -1.46 -5.98 -13.49
CA LYS A 62 -2.49 -6.14 -14.51
C LYS A 62 -3.81 -6.45 -13.81
N HIS A 63 -3.83 -7.45 -12.94
CA HIS A 63 -5.04 -7.98 -12.33
C HIS A 63 -4.82 -8.18 -10.83
N HIS A 64 -4.40 -7.15 -10.09
CA HIS A 64 -4.23 -7.10 -8.64
C HIS A 64 -3.63 -5.75 -8.23
N LEU A 65 -3.61 -5.51 -6.92
CA LEU A 65 -2.68 -4.68 -6.18
C LEU A 65 -1.83 -5.61 -5.29
N SER A 66 -0.59 -5.29 -4.96
CA SER A 66 0.33 -5.97 -4.07
C SER A 66 1.00 -5.00 -3.08
N VAL A 67 0.82 -5.23 -1.79
CA VAL A 67 1.04 -4.28 -0.68
C VAL A 67 1.77 -4.95 0.49
N SER A 68 2.66 -4.21 1.16
CA SER A 68 3.11 -4.53 2.51
C SER A 68 3.62 -3.23 3.14
N PRO A 69 3.78 -3.16 4.48
CA PRO A 69 4.68 -2.19 5.07
C PRO A 69 6.14 -2.63 4.89
N GLU A 70 6.51 -3.83 5.38
CA GLU A 70 7.80 -4.46 5.14
C GLU A 70 7.57 -5.96 5.20
N GLU A 71 7.63 -6.54 6.40
CA GLU A 71 7.50 -7.98 6.64
C GLU A 71 6.67 -8.30 7.88
N ILE A 72 6.55 -7.42 8.88
CA ILE A 72 5.68 -7.69 10.05
C ILE A 72 4.25 -7.95 9.58
N GLY A 73 3.77 -7.16 8.60
CA GLY A 73 2.48 -7.34 7.95
C GLY A 73 2.26 -8.76 7.41
N ILE A 74 3.34 -9.48 7.14
CA ILE A 74 3.37 -10.77 6.47
C ILE A 74 3.79 -11.88 7.46
N SER A 75 4.13 -11.52 8.70
CA SER A 75 4.57 -12.44 9.72
C SER A 75 3.56 -12.45 10.88
N GLN A 76 3.26 -11.27 11.43
CA GLN A 76 2.34 -11.03 12.52
C GLN A 76 0.92 -11.07 11.97
N PHE A 77 0.66 -10.31 10.91
CA PHE A 77 -0.71 -10.05 10.45
C PHE A 77 -1.14 -11.02 9.33
N ALA A 78 -0.25 -11.90 8.86
CA ALA A 78 -0.59 -12.80 7.75
C ALA A 78 -1.75 -13.75 8.06
N ASP A 79 -1.95 -14.14 9.32
CA ASP A 79 -3.01 -15.08 9.69
C ASP A 79 -4.36 -14.39 9.50
N ALA A 80 -4.46 -13.12 9.92
CA ALA A 80 -5.65 -12.32 9.75
C ALA A 80 -5.95 -12.16 8.26
N ILE A 81 -4.94 -11.85 7.43
CA ILE A 81 -5.09 -11.75 5.98
C ILE A 81 -5.59 -13.09 5.41
N ALA A 82 -5.03 -14.21 5.88
CA ALA A 82 -5.39 -15.55 5.39
C ALA A 82 -6.88 -15.78 5.57
N GLN A 83 -7.35 -15.59 6.80
CA GLN A 83 -8.74 -15.80 7.17
C GLN A 83 -9.65 -14.70 6.58
N ALA A 84 -9.11 -13.54 6.21
CA ALA A 84 -9.85 -12.51 5.47
C ALA A 84 -10.01 -12.90 3.99
N GLY A 85 -9.63 -14.12 3.59
CA GLY A 85 -9.85 -14.63 2.25
C GLY A 85 -8.91 -13.99 1.24
N TYR A 86 -7.66 -13.72 1.64
CA TYR A 86 -6.64 -13.16 0.79
C TYR A 86 -5.31 -13.88 1.01
N SER A 87 -4.39 -13.76 0.05
CA SER A 87 -3.27 -14.67 -0.11
C SER A 87 -1.94 -13.92 -0.05
N ALA A 88 -1.30 -13.92 1.13
CA ALA A 88 0.04 -13.41 1.29
C ALA A 88 1.06 -14.23 0.46
N THR A 89 2.25 -13.68 0.28
CA THR A 89 3.48 -14.40 -0.04
C THR A 89 4.31 -14.40 1.26
N LYS A 90 5.59 -14.74 1.17
CA LYS A 90 6.53 -14.50 2.27
C LYS A 90 6.99 -13.05 2.39
N GLY A 91 6.60 -12.14 1.47
CA GLY A 91 7.21 -10.82 1.39
C GLY A 91 6.27 -9.67 1.05
N LEU A 92 5.04 -9.95 0.61
CA LEU A 92 3.94 -8.98 0.57
C LEU A 92 2.58 -9.68 0.69
N PHE A 93 1.49 -8.92 0.69
CA PHE A 93 0.15 -9.46 0.50
C PHE A 93 -0.49 -8.77 -0.70
N ARG A 94 -1.30 -9.46 -1.50
CA ARG A 94 -1.79 -8.92 -2.77
C ARG A 94 -3.25 -9.29 -2.95
N ILE A 95 -4.02 -8.52 -3.74
CA ILE A 95 -5.49 -8.55 -3.74
C ILE A 95 -5.93 -8.35 -5.19
N PRO A 96 -6.98 -9.00 -5.68
CA PRO A 96 -7.40 -8.82 -7.07
C PRO A 96 -7.97 -7.43 -7.27
N TRP A 97 -7.88 -6.90 -8.50
CA TRP A 97 -8.79 -5.83 -8.88
C TRP A 97 -10.17 -6.46 -9.01
N ASN A 98 -10.88 -6.41 -7.91
CA ASN A 98 -12.31 -6.67 -7.80
C ASN A 98 -12.76 -6.33 -6.38
N ASP A 99 -12.16 -7.02 -5.42
CA ASP A 99 -12.71 -7.17 -4.07
C ASP A 99 -12.20 -6.04 -3.18
N PRO A 100 -12.91 -5.70 -2.08
CA PRO A 100 -12.56 -4.54 -1.27
C PRO A 100 -11.27 -4.78 -0.49
N VAL A 101 -10.27 -3.99 -0.85
CA VAL A 101 -8.98 -3.92 -0.22
C VAL A 101 -9.19 -3.48 1.23
N HIS A 102 -8.76 -4.34 2.16
CA HIS A 102 -8.98 -4.24 3.58
C HIS A 102 -8.07 -3.20 4.24
N TYR A 103 -8.52 -1.95 4.22
CA TYR A 103 -7.82 -0.82 4.81
C TYR A 103 -7.53 -1.06 6.27
N GLU A 104 -8.50 -1.58 7.02
CA GLU A 104 -8.40 -1.85 8.44
C GLU A 104 -7.22 -2.76 8.77
N LEU A 105 -7.11 -3.90 8.10
CA LEU A 105 -6.04 -4.85 8.38
C LEU A 105 -4.69 -4.23 8.03
N LEU A 106 -4.63 -3.54 6.89
CA LEU A 106 -3.39 -2.95 6.39
C LEU A 106 -2.99 -1.66 7.15
N LYS A 107 -3.92 -0.94 7.78
CA LYS A 107 -3.63 0.18 8.67
C LYS A 107 -2.90 -0.32 9.91
N GLN A 108 -3.34 -1.42 10.52
CA GLN A 108 -2.75 -1.90 11.76
C GLN A 108 -1.26 -2.12 11.56
N MET A 109 -0.89 -2.86 10.50
CA MET A 109 0.49 -3.24 10.27
C MET A 109 1.39 -2.06 9.95
N ILE A 110 0.91 -1.04 9.22
CA ILE A 110 1.74 0.13 8.95
C ILE A 110 1.86 0.97 10.23
N GLU A 111 0.74 1.28 10.90
CA GLU A 111 0.70 2.11 12.10
C GLU A 111 1.55 1.50 13.21
N PHE A 112 1.47 0.19 13.38
CA PHE A 112 2.33 -0.51 14.32
C PHE A 112 3.78 -0.38 13.87
N ASN A 113 4.12 -0.68 12.62
CA ASN A 113 5.53 -0.67 12.22
C ASN A 113 6.15 0.73 12.18
N ILE A 114 5.35 1.80 12.28
CA ILE A 114 5.80 3.15 12.63
C ILE A 114 6.09 3.18 14.14
N GLN A 115 5.09 2.89 14.98
CA GLN A 115 5.16 3.19 16.41
C GLN A 115 6.04 2.21 17.17
N ASP A 116 6.36 1.07 16.56
CA ASP A 116 7.26 0.03 17.06
C ASP A 116 8.75 0.41 16.86
N LYS A 117 8.99 1.47 16.08
CA LYS A 117 10.30 2.04 15.77
C LYS A 117 10.50 3.35 16.53
N GLU A 118 9.69 3.62 17.54
CA GLU A 118 9.92 4.69 18.47
C GLU A 118 11.31 4.54 19.06
N GLY A 1 3.19 18.05 2.25
CA GLY A 1 2.84 18.84 1.06
C GLY A 1 1.58 18.30 0.40
N SER A 2 1.42 18.54 -0.91
CA SER A 2 0.24 18.07 -1.63
C SER A 2 0.22 16.55 -1.74
N HIS A 3 1.37 15.89 -1.65
CA HIS A 3 1.66 14.47 -1.84
C HIS A 3 1.25 13.87 -3.20
N MET A 4 0.04 14.13 -3.70
CA MET A 4 -0.49 13.63 -4.96
C MET A 4 0.46 13.89 -6.12
N GLU A 5 1.20 15.01 -6.11
CA GLU A 5 2.10 15.39 -7.20
C GLU A 5 3.15 14.33 -7.50
N VAL A 6 3.45 13.51 -6.52
CA VAL A 6 4.52 12.54 -6.62
C VAL A 6 4.03 11.27 -7.32
N PHE A 7 2.73 11.01 -7.24
CA PHE A 7 2.06 9.81 -7.71
C PHE A 7 1.10 10.05 -8.87
N ALA A 8 0.86 11.31 -9.27
CA ALA A 8 -0.19 11.67 -10.20
C ALA A 8 0.20 11.38 -11.65
N GLU A 9 1.50 11.32 -11.93
CA GLU A 9 2.02 11.07 -13.26
C GLU A 9 2.17 9.59 -13.55
N TYR A 10 1.98 8.75 -12.54
CA TYR A 10 1.68 7.34 -12.69
C TYR A 10 0.28 7.23 -13.29
N LEU A 11 -0.73 7.79 -12.61
CA LEU A 11 -2.16 7.69 -12.97
C LEU A 11 -2.42 7.95 -14.44
N LYS A 12 -1.88 9.06 -14.97
CA LYS A 12 -2.13 9.50 -16.34
C LYS A 12 -1.86 8.40 -17.37
N GLY A 13 -0.93 7.50 -17.09
CA GLY A 13 -0.53 6.40 -17.96
C GLY A 13 -0.92 5.01 -17.47
N ILE A 14 -1.75 4.87 -16.41
CA ILE A 14 -2.34 3.57 -16.09
C ILE A 14 -3.34 3.29 -17.22
N ASP A 15 -3.04 2.30 -18.05
CA ASP A 15 -3.80 1.97 -19.25
C ASP A 15 -5.10 1.20 -18.95
N HIS A 16 -5.27 0.77 -17.70
CA HIS A 16 -6.29 -0.16 -17.27
C HIS A 16 -7.17 0.46 -16.18
N PRO A 17 -8.05 1.41 -16.56
CA PRO A 17 -8.75 2.28 -15.62
C PRO A 17 -9.75 1.57 -14.74
N ASP A 18 -10.19 0.36 -15.11
CA ASP A 18 -11.09 -0.46 -14.30
C ASP A 18 -10.42 -0.86 -12.98
N HIS A 19 -9.10 -0.63 -12.86
CA HIS A 19 -8.28 -0.88 -11.67
C HIS A 19 -7.65 0.41 -11.13
N ARG A 20 -7.79 1.53 -11.84
CA ARG A 20 -7.10 2.78 -11.55
C ARG A 20 -7.80 3.51 -10.42
N ASP A 21 -9.12 3.67 -10.52
CA ASP A 21 -9.91 4.39 -9.54
C ASP A 21 -9.70 3.80 -8.14
N ARG A 22 -9.70 2.46 -8.06
CA ARG A 22 -9.34 1.72 -6.86
C ARG A 22 -8.01 2.20 -6.32
N THR A 23 -6.95 2.15 -7.12
CA THR A 23 -5.59 2.46 -6.72
C THR A 23 -5.49 3.90 -6.17
N GLU A 24 -6.20 4.86 -6.76
CA GLU A 24 -6.36 6.23 -6.27
C GLU A 24 -6.96 6.33 -4.88
N GLU A 25 -7.81 5.38 -4.49
CA GLU A 25 -8.33 5.35 -3.14
C GLU A 25 -7.19 5.10 -2.15
N ILE A 26 -6.38 4.07 -2.39
CA ILE A 26 -5.27 3.65 -1.51
C ILE A 26 -4.33 4.84 -1.37
N LEU A 27 -3.92 5.39 -2.51
CA LEU A 27 -2.88 6.39 -2.61
C LEU A 27 -3.16 7.53 -1.63
N SER A 28 -4.28 8.21 -1.80
CA SER A 28 -4.60 9.35 -0.97
C SER A 28 -4.95 8.92 0.46
N TRP A 29 -5.54 7.73 0.66
CA TRP A 29 -5.90 7.25 2.00
C TRP A 29 -4.66 7.09 2.88
N VAL A 30 -3.59 6.45 2.38
CA VAL A 30 -2.39 6.29 3.18
C VAL A 30 -1.87 7.67 3.59
N ALA A 31 -1.75 8.60 2.65
CA ALA A 31 -1.30 9.94 2.99
C ALA A 31 -2.30 10.72 3.85
N ALA A 32 -3.54 10.28 3.95
CA ALA A 32 -4.58 10.94 4.72
C ALA A 32 -4.50 10.48 6.17
N THR A 33 -4.69 9.18 6.43
CA THR A 33 -4.66 8.61 7.77
C THR A 33 -3.23 8.65 8.35
N PHE A 34 -2.23 8.60 7.46
CA PHE A 34 -0.84 8.57 7.81
C PHE A 34 -0.13 9.76 7.12
N PRO A 35 -0.35 11.01 7.60
CA PRO A 35 0.34 12.18 7.05
C PRO A 35 1.83 12.21 7.47
N ASN A 36 2.26 11.28 8.33
CA ASN A 36 3.63 11.18 8.82
C ASN A 36 4.61 10.83 7.70
N LEU A 37 4.20 9.98 6.75
CA LEU A 37 5.04 9.42 5.72
C LEU A 37 5.22 10.48 4.64
N GLU A 38 6.42 10.59 4.11
CA GLU A 38 6.69 11.45 2.97
C GLU A 38 6.45 10.62 1.70
N PRO A 39 5.97 11.23 0.61
CA PRO A 39 5.78 10.56 -0.67
C PRO A 39 7.10 10.44 -1.45
N GLN A 40 7.34 9.32 -2.15
CA GLN A 40 8.49 9.16 -3.03
C GLN A 40 8.12 8.29 -4.21
N MET A 41 8.60 8.67 -5.40
CA MET A 41 8.52 7.84 -6.60
C MET A 41 9.88 7.17 -6.79
N LYS A 42 9.93 5.86 -6.55
CA LYS A 42 11.07 4.98 -6.85
C LYS A 42 10.54 3.82 -7.69
N TRP A 43 11.36 3.24 -8.55
CA TRP A 43 11.04 2.07 -9.37
C TRP A 43 9.80 2.23 -10.26
N ASN A 44 9.38 3.47 -10.57
CA ASN A 44 8.10 3.77 -11.20
C ASN A 44 6.92 3.22 -10.38
N THR A 45 7.11 3.06 -9.07
CA THR A 45 6.12 2.57 -8.13
C THR A 45 5.84 3.65 -7.08
N PRO A 46 4.59 3.72 -6.58
CA PRO A 46 4.27 4.57 -5.46
C PRO A 46 4.82 3.96 -4.17
N MET A 47 5.66 4.71 -3.46
CA MET A 47 6.07 4.34 -2.12
C MET A 47 6.06 5.56 -1.20
N PHE A 48 6.16 5.32 0.10
CA PHE A 48 6.20 6.36 1.13
C PHE A 48 7.45 6.06 1.96
N SER A 49 7.86 6.96 2.84
CA SER A 49 8.84 6.63 3.85
C SER A 49 8.63 7.56 5.03
N ASN A 50 8.65 7.01 6.23
CA ASN A 50 8.81 7.78 7.44
C ASN A 50 10.28 8.12 7.47
N GLN A 51 10.63 9.41 7.36
CA GLN A 51 12.00 9.89 7.50
C GLN A 51 13.03 9.01 6.74
N GLY A 52 12.81 8.77 5.45
CA GLY A 52 13.80 8.13 4.58
C GLY A 52 13.94 6.62 4.74
N THR A 53 13.05 5.96 5.49
CA THR A 53 12.99 4.50 5.62
C THR A 53 12.53 3.83 4.35
N PHE A 54 12.14 2.55 4.45
CA PHE A 54 11.36 1.92 3.42
C PHE A 54 10.10 1.11 3.83
N ILE A 55 9.51 1.33 5.00
CA ILE A 55 8.44 0.50 5.58
C ILE A 55 7.12 0.44 4.76
N ILE A 56 7.02 0.91 3.50
CA ILE A 56 5.83 0.79 2.66
C ILE A 56 6.14 1.07 1.17
N GLY A 57 5.54 0.32 0.24
CA GLY A 57 5.50 0.62 -1.18
C GLY A 57 4.75 -0.47 -1.95
N PHE A 58 3.94 -0.09 -2.96
CA PHE A 58 3.07 -1.00 -3.73
C PHE A 58 3.21 -0.76 -5.22
N SER A 59 2.63 -1.64 -6.05
CA SER A 59 2.27 -1.27 -7.40
C SER A 59 1.10 -2.12 -7.90
N THR A 60 0.40 -1.65 -8.94
CA THR A 60 -0.61 -2.44 -9.63
C THR A 60 0.04 -3.69 -10.19
N SER A 61 -0.72 -4.76 -10.35
CA SER A 61 -0.26 -5.99 -10.96
C SER A 61 -1.40 -6.60 -11.76
N LYS A 62 -1.08 -7.63 -12.54
CA LYS A 62 -1.87 -8.02 -13.71
C LYS A 62 -3.29 -8.46 -13.40
N HIS A 63 -3.58 -8.88 -12.16
CA HIS A 63 -4.94 -9.22 -11.74
C HIS A 63 -5.14 -8.97 -10.22
N HIS A 64 -4.22 -8.23 -9.59
CA HIS A 64 -4.19 -7.94 -8.16
C HIS A 64 -3.39 -6.66 -7.92
N LEU A 65 -3.42 -6.12 -6.70
CA LEU A 65 -2.49 -5.10 -6.21
C LEU A 65 -1.51 -5.82 -5.26
N SER A 66 -0.23 -5.42 -5.22
CA SER A 66 0.73 -5.92 -4.21
C SER A 66 0.96 -4.85 -3.15
N VAL A 67 0.63 -5.09 -1.88
CA VAL A 67 0.89 -4.15 -0.78
C VAL A 67 1.61 -4.93 0.34
N SER A 68 2.49 -4.26 1.09
CA SER A 68 3.18 -4.77 2.27
C SER A 68 3.83 -3.57 2.98
N PRO A 69 4.27 -3.72 4.24
CA PRO A 69 5.28 -2.81 4.78
C PRO A 69 6.71 -3.35 4.65
N GLU A 70 7.02 -4.54 5.20
CA GLU A 70 8.36 -5.10 5.28
C GLU A 70 8.23 -6.63 5.18
N GLU A 71 8.00 -7.28 6.33
CA GLU A 71 7.81 -8.71 6.52
C GLU A 71 6.77 -8.99 7.62
N ILE A 72 6.61 -8.10 8.62
CA ILE A 72 5.72 -8.33 9.76
C ILE A 72 4.26 -8.47 9.30
N GLY A 73 3.85 -7.62 8.36
CA GLY A 73 2.52 -7.60 7.74
C GLY A 73 2.12 -8.94 7.15
N ILE A 74 3.10 -9.81 6.89
CA ILE A 74 2.95 -11.08 6.20
C ILE A 74 3.42 -12.22 7.11
N SER A 75 3.88 -11.90 8.33
CA SER A 75 4.25 -12.89 9.31
C SER A 75 3.06 -13.04 10.25
N GLN A 76 2.86 -12.11 11.21
CA GLN A 76 1.79 -12.20 12.19
C GLN A 76 0.49 -11.77 11.54
N PHE A 77 0.47 -10.60 10.89
CA PHE A 77 -0.79 -10.03 10.42
C PHE A 77 -1.43 -10.90 9.33
N ALA A 78 -0.67 -11.79 8.70
CA ALA A 78 -1.18 -12.72 7.70
C ALA A 78 -2.33 -13.59 8.21
N ASP A 79 -2.36 -13.94 9.50
CA ASP A 79 -3.44 -14.74 10.09
C ASP A 79 -4.75 -13.96 10.04
N ALA A 80 -4.68 -12.66 10.34
CA ALA A 80 -5.83 -11.77 10.32
C ALA A 80 -6.32 -11.53 8.89
N ILE A 81 -5.40 -11.39 7.93
CA ILE A 81 -5.71 -11.31 6.49
C ILE A 81 -6.44 -12.61 6.08
N ALA A 82 -5.93 -13.76 6.51
CA ALA A 82 -6.43 -15.09 6.15
C ALA A 82 -7.90 -15.26 6.53
N GLN A 83 -8.24 -14.90 7.77
CA GLN A 83 -9.59 -15.04 8.31
C GLN A 83 -10.59 -14.17 7.56
N ALA A 84 -10.17 -13.02 7.01
CA ALA A 84 -11.06 -12.21 6.20
C ALA A 84 -11.38 -12.94 4.89
N GLY A 85 -10.35 -13.59 4.33
CA GLY A 85 -10.44 -14.42 3.14
C GLY A 85 -9.30 -14.18 2.17
N TYR A 86 -8.39 -13.24 2.43
CA TYR A 86 -7.31 -12.92 1.50
C TYR A 86 -6.05 -13.73 1.81
N SER A 87 -5.18 -13.88 0.81
CA SER A 87 -3.96 -14.65 0.89
C SER A 87 -2.74 -13.76 0.65
N ALA A 88 -1.57 -14.17 1.15
CA ALA A 88 -0.31 -13.45 1.00
C ALA A 88 0.76 -14.36 0.38
N THR A 89 1.86 -13.77 -0.08
CA THR A 89 3.10 -14.46 -0.42
C THR A 89 3.90 -14.65 0.88
N LYS A 90 5.18 -14.96 0.79
CA LYS A 90 6.11 -14.85 1.92
C LYS A 90 6.28 -13.41 2.41
N GLY A 91 6.10 -12.42 1.53
CA GLY A 91 6.68 -11.09 1.69
C GLY A 91 5.76 -9.91 1.35
N LEU A 92 4.64 -10.13 0.67
CA LEU A 92 3.60 -9.12 0.46
C LEU A 92 2.22 -9.76 0.28
N PHE A 93 1.15 -8.98 0.40
CA PHE A 93 -0.21 -9.50 0.25
C PHE A 93 -0.80 -9.01 -1.07
N ARG A 94 -1.65 -9.85 -1.69
CA ARG A 94 -2.07 -9.70 -3.08
C ARG A 94 -3.57 -9.82 -3.19
N ILE A 95 -4.26 -8.69 -3.10
CA ILE A 95 -5.71 -8.65 -3.11
C ILE A 95 -6.10 -8.76 -4.58
N PRO A 96 -7.17 -9.47 -4.95
CA PRO A 96 -7.66 -9.51 -6.32
C PRO A 96 -8.39 -8.19 -6.64
N TRP A 97 -8.48 -7.85 -7.93
CA TRP A 97 -9.27 -6.70 -8.34
C TRP A 97 -10.80 -6.89 -8.15
N ASN A 98 -11.27 -8.12 -7.99
CA ASN A 98 -12.70 -8.42 -7.80
C ASN A 98 -13.26 -7.80 -6.52
N ASP A 99 -12.49 -7.81 -5.43
CA ASP A 99 -12.95 -7.55 -4.06
C ASP A 99 -12.04 -6.49 -3.43
N PRO A 100 -12.52 -5.67 -2.48
CA PRO A 100 -11.85 -4.44 -2.06
C PRO A 100 -10.71 -4.68 -1.06
N VAL A 101 -9.66 -3.85 -1.13
CA VAL A 101 -8.54 -3.89 -0.21
C VAL A 101 -9.00 -3.46 1.19
N HIS A 102 -8.75 -4.28 2.22
CA HIS A 102 -9.27 -4.08 3.57
C HIS A 102 -8.46 -3.02 4.32
N TYR A 103 -8.92 -1.77 4.38
CA TYR A 103 -8.20 -0.64 4.97
C TYR A 103 -7.90 -0.84 6.45
N GLU A 104 -8.70 -1.65 7.13
CA GLU A 104 -8.55 -1.91 8.56
C GLU A 104 -7.24 -2.66 8.85
N LEU A 105 -7.02 -3.81 8.22
CA LEU A 105 -5.78 -4.58 8.39
C LEU A 105 -4.57 -3.77 7.95
N LEU A 106 -4.74 -3.04 6.85
CA LEU A 106 -3.76 -2.12 6.28
C LEU A 106 -3.27 -1.14 7.34
N LYS A 107 -4.19 -0.44 8.02
CA LYS A 107 -3.83 0.59 8.98
C LYS A 107 -3.19 -0.03 10.21
N GLN A 108 -3.71 -1.15 10.73
CA GLN A 108 -3.20 -1.72 11.98
C GLN A 108 -1.71 -2.06 11.87
N MET A 109 -1.28 -2.67 10.77
CA MET A 109 0.13 -3.02 10.62
C MET A 109 0.99 -1.79 10.33
N ILE A 110 0.53 -0.86 9.49
CA ILE A 110 1.38 0.25 9.11
C ILE A 110 1.53 1.20 10.31
N GLU A 111 0.45 1.57 10.98
CA GLU A 111 0.51 2.46 12.14
C GLU A 111 1.40 1.86 13.21
N PHE A 112 1.29 0.54 13.43
CA PHE A 112 2.22 -0.20 14.27
C PHE A 112 3.67 0.00 13.82
N ASN A 113 3.95 -0.16 12.53
CA ASN A 113 5.30 -0.10 11.98
C ASN A 113 5.93 1.29 12.15
N ILE A 114 5.16 2.37 12.19
CA ILE A 114 5.66 3.74 12.43
C ILE A 114 5.84 4.00 13.93
N GLN A 115 5.04 3.38 14.80
CA GLN A 115 5.34 3.42 16.24
C GLN A 115 6.39 2.38 16.64
N ASP A 116 6.93 1.62 15.69
CA ASP A 116 7.82 0.48 15.98
C ASP A 116 9.29 0.87 16.03
N LYS A 117 9.73 1.74 15.12
CA LYS A 117 11.11 2.25 15.03
C LYS A 117 11.21 3.62 15.71
N GLU A 118 10.29 3.88 16.64
CA GLU A 118 10.19 5.14 17.36
C GLU A 118 11.46 5.43 18.15
N GLY A 1 2.75 20.54 1.50
CA GLY A 1 2.24 20.74 0.14
C GLY A 1 1.33 19.61 -0.25
N SER A 2 1.19 19.34 -1.55
CA SER A 2 0.55 18.12 -2.03
C SER A 2 1.54 16.96 -2.05
N HIS A 3 1.03 15.78 -2.40
CA HIS A 3 1.78 14.54 -2.56
C HIS A 3 1.35 13.82 -3.83
N MET A 4 0.09 14.02 -4.28
CA MET A 4 -0.42 13.53 -5.56
C MET A 4 0.49 13.95 -6.72
N GLU A 5 1.18 15.09 -6.57
CA GLU A 5 2.15 15.62 -7.54
C GLU A 5 3.27 14.65 -7.88
N VAL A 6 3.65 13.79 -6.92
CA VAL A 6 4.71 12.80 -7.09
C VAL A 6 4.21 11.55 -7.82
N PHE A 7 2.94 11.19 -7.61
CA PHE A 7 2.31 9.98 -8.12
C PHE A 7 1.68 10.17 -9.51
N ALA A 8 1.48 11.41 -9.94
CA ALA A 8 0.65 11.74 -11.10
C ALA A 8 1.22 11.15 -12.39
N GLU A 9 2.55 11.10 -12.46
CA GLU A 9 3.30 10.62 -13.60
C GLU A 9 3.36 9.09 -13.67
N TYR A 10 2.84 8.37 -12.67
CA TYR A 10 2.51 6.95 -12.84
C TYR A 10 1.06 6.80 -13.23
N LEU A 11 0.17 7.52 -12.55
CA LEU A 11 -1.28 7.44 -12.76
C LEU A 11 -1.62 7.55 -14.24
N LYS A 12 -0.97 8.48 -14.94
CA LYS A 12 -1.10 8.68 -16.37
C LYS A 12 -0.95 7.38 -17.17
N GLY A 13 -0.07 6.48 -16.76
CA GLY A 13 0.38 5.32 -17.51
C GLY A 13 -0.21 4.02 -17.00
N ILE A 14 -1.06 4.03 -15.96
CA ILE A 14 -1.82 2.85 -15.58
C ILE A 14 -2.88 2.68 -16.67
N ASP A 15 -2.63 1.74 -17.58
CA ASP A 15 -3.48 1.42 -18.73
C ASP A 15 -4.82 0.76 -18.34
N HIS A 16 -5.06 0.62 -17.04
CA HIS A 16 -6.08 -0.19 -16.38
C HIS A 16 -7.10 0.70 -15.64
N PRO A 17 -7.98 1.41 -16.37
CA PRO A 17 -8.89 2.40 -15.81
C PRO A 17 -10.00 1.82 -14.93
N ASP A 18 -10.18 0.51 -14.93
CA ASP A 18 -11.14 -0.17 -14.06
C ASP A 18 -10.58 -0.40 -12.66
N HIS A 19 -9.28 -0.16 -12.42
CA HIS A 19 -8.59 -0.43 -11.15
C HIS A 19 -7.81 0.78 -10.64
N ARG A 20 -7.35 1.64 -11.56
CA ARG A 20 -6.52 2.79 -11.28
C ARG A 20 -7.09 3.70 -10.19
N ASP A 21 -8.38 4.02 -10.22
CA ASP A 21 -8.96 4.97 -9.28
C ASP A 21 -8.91 4.42 -7.86
N ARG A 22 -9.02 3.10 -7.65
CA ARG A 22 -8.94 2.47 -6.34
C ARG A 22 -7.53 2.54 -5.77
N THR A 23 -6.50 2.32 -6.59
CA THR A 23 -5.11 2.56 -6.21
C THR A 23 -4.94 4.01 -5.71
N GLU A 24 -5.59 4.99 -6.34
CA GLU A 24 -5.57 6.40 -5.95
C GLU A 24 -6.27 6.65 -4.62
N GLU A 25 -7.34 5.91 -4.33
CA GLU A 25 -7.99 6.01 -3.03
C GLU A 25 -7.02 5.57 -1.95
N ILE A 26 -6.33 4.43 -2.11
CA ILE A 26 -5.41 3.89 -1.10
C ILE A 26 -4.27 4.89 -0.88
N LEU A 27 -3.72 5.41 -1.98
CA LEU A 27 -2.70 6.43 -1.98
C LEU A 27 -3.13 7.59 -1.08
N SER A 28 -4.16 8.30 -1.49
CA SER A 28 -4.61 9.54 -0.89
C SER A 28 -5.15 9.36 0.53
N TRP A 29 -5.68 8.16 0.81
CA TRP A 29 -6.14 7.73 2.12
C TRP A 29 -5.02 7.83 3.15
N VAL A 30 -3.79 7.36 2.85
CA VAL A 30 -2.83 7.35 3.95
C VAL A 30 -2.44 8.79 4.27
N ALA A 31 -2.33 9.63 3.25
CA ALA A 31 -2.16 11.07 3.38
C ALA A 31 -3.25 11.75 4.23
N ALA A 32 -4.32 11.04 4.62
CA ALA A 32 -5.15 11.39 5.75
C ALA A 32 -4.68 10.66 7.02
N THR A 33 -4.78 9.33 7.05
CA THR A 33 -4.74 8.56 8.28
C THR A 33 -3.32 8.44 8.84
N PHE A 34 -2.32 8.35 7.95
CA PHE A 34 -0.89 8.24 8.22
C PHE A 34 -0.17 9.44 7.59
N PRO A 35 -0.40 10.67 8.08
CA PRO A 35 0.10 11.89 7.46
C PRO A 35 1.61 12.06 7.68
N ASN A 36 2.25 11.21 8.49
CA ASN A 36 3.70 11.21 8.71
C ASN A 36 4.44 10.47 7.59
N LEU A 37 3.69 9.73 6.75
CA LEU A 37 4.23 9.19 5.52
C LEU A 37 4.34 10.35 4.51
N GLU A 38 5.39 10.31 3.70
CA GLU A 38 5.69 11.24 2.62
C GLU A 38 5.74 10.44 1.32
N PRO A 39 5.46 11.02 0.14
CA PRO A 39 5.49 10.30 -1.13
C PRO A 39 6.94 10.08 -1.60
N GLN A 40 7.22 9.08 -2.45
CA GLN A 40 8.43 8.92 -3.24
C GLN A 40 8.18 7.76 -4.19
N MET A 41 7.97 8.00 -5.48
CA MET A 41 7.80 6.90 -6.43
C MET A 41 9.19 6.31 -6.76
N LYS A 42 9.34 4.98 -6.76
CA LYS A 42 10.61 4.28 -6.95
C LYS A 42 10.37 2.97 -7.67
N TRP A 43 11.34 2.46 -8.42
CA TRP A 43 11.22 1.22 -9.20
C TRP A 43 9.99 1.20 -10.12
N ASN A 44 9.62 2.37 -10.65
CA ASN A 44 8.40 2.60 -11.43
C ASN A 44 7.13 2.23 -10.64
N THR A 45 7.20 2.17 -9.31
CA THR A 45 6.07 1.90 -8.43
C THR A 45 5.84 3.14 -7.55
N PRO A 46 4.59 3.41 -7.17
CA PRO A 46 4.30 4.34 -6.10
C PRO A 46 4.68 3.70 -4.76
N MET A 47 5.17 4.50 -3.81
CA MET A 47 5.30 4.11 -2.41
C MET A 47 5.44 5.39 -1.60
N PHE A 48 5.52 5.25 -0.27
CA PHE A 48 5.65 6.35 0.66
C PHE A 48 6.80 6.03 1.63
N SER A 49 7.17 6.93 2.53
CA SER A 49 8.13 6.67 3.59
C SER A 49 7.74 7.47 4.83
N ASN A 50 7.77 6.85 6.00
CA ASN A 50 7.71 7.56 7.28
C ASN A 50 9.09 8.16 7.47
N GLN A 51 9.22 9.49 7.42
CA GLN A 51 10.49 10.18 7.63
C GLN A 51 11.64 9.58 6.80
N GLY A 52 11.40 9.27 5.53
CA GLY A 52 12.44 8.88 4.57
C GLY A 52 12.71 7.38 4.45
N THR A 53 12.14 6.52 5.29
CA THR A 53 12.31 5.06 5.38
C THR A 53 11.91 4.24 4.16
N PHE A 54 11.75 2.92 4.41
CA PHE A 54 10.95 2.08 3.56
C PHE A 54 9.86 1.18 4.22
N ILE A 55 9.29 1.58 5.36
CA ILE A 55 8.18 0.91 6.07
C ILE A 55 6.87 0.80 5.23
N ILE A 56 6.83 1.09 3.92
CA ILE A 56 5.65 0.83 3.08
C ILE A 56 5.99 0.77 1.59
N GLY A 57 5.13 0.12 0.79
CA GLY A 57 5.05 0.32 -0.65
C GLY A 57 4.22 -0.75 -1.36
N PHE A 58 3.82 -0.47 -2.61
CA PHE A 58 2.85 -1.26 -3.37
C PHE A 58 2.96 -1.01 -4.88
N SER A 59 2.17 -1.70 -5.71
CA SER A 59 2.04 -1.41 -7.13
C SER A 59 0.93 -2.27 -7.72
N THR A 60 0.21 -1.79 -8.74
CA THR A 60 -0.76 -2.59 -9.45
C THR A 60 -0.03 -3.76 -10.15
N SER A 61 -0.52 -4.98 -9.95
CA SER A 61 -0.27 -6.11 -10.84
C SER A 61 -1.49 -6.23 -11.76
N LYS A 62 -1.52 -7.24 -12.66
CA LYS A 62 -2.66 -7.44 -13.56
C LYS A 62 -3.96 -7.54 -12.77
N HIS A 63 -4.10 -8.60 -11.96
CA HIS A 63 -5.39 -8.99 -11.39
C HIS A 63 -5.58 -8.56 -9.94
N HIS A 64 -4.60 -7.86 -9.37
CA HIS A 64 -4.50 -7.62 -7.95
C HIS A 64 -3.59 -6.41 -7.71
N LEU A 65 -3.83 -5.66 -6.62
CA LEU A 65 -2.84 -4.73 -6.05
C LEU A 65 -2.06 -5.53 -5.02
N SER A 66 -0.75 -5.26 -4.90
CA SER A 66 0.13 -5.93 -3.95
C SER A 66 0.80 -4.90 -3.05
N VAL A 67 0.96 -5.21 -1.76
CA VAL A 67 1.33 -4.25 -0.71
C VAL A 67 1.94 -4.91 0.53
N SER A 68 2.75 -4.19 1.32
CA SER A 68 3.22 -4.56 2.65
C SER A 68 3.76 -3.28 3.34
N PRO A 69 3.97 -3.29 4.67
CA PRO A 69 4.86 -2.34 5.31
C PRO A 69 6.34 -2.76 5.16
N GLU A 70 6.73 -3.95 5.62
CA GLU A 70 8.08 -4.49 5.46
C GLU A 70 7.90 -6.00 5.29
N GLU A 71 7.83 -6.71 6.42
CA GLU A 71 7.84 -8.17 6.50
C GLU A 71 6.82 -8.63 7.54
N ILE A 72 6.66 -7.91 8.67
CA ILE A 72 5.74 -8.29 9.73
C ILE A 72 4.30 -8.44 9.21
N GLY A 73 3.93 -7.58 8.25
CA GLY A 73 2.67 -7.61 7.49
C GLY A 73 2.39 -8.96 6.83
N ILE A 74 3.42 -9.77 6.65
CA ILE A 74 3.44 -11.03 5.94
C ILE A 74 3.82 -12.17 6.91
N SER A 75 4.35 -11.86 8.08
CA SER A 75 4.49 -12.78 9.18
C SER A 75 3.16 -12.89 9.94
N GLN A 76 2.85 -11.93 10.81
CA GLN A 76 1.80 -12.08 11.81
C GLN A 76 0.47 -11.64 11.20
N PHE A 77 0.46 -10.47 10.56
CA PHE A 77 -0.76 -9.94 9.96
C PHE A 77 -1.29 -10.84 8.84
N ALA A 78 -0.43 -11.72 8.28
CA ALA A 78 -0.81 -12.67 7.24
C ALA A 78 -1.98 -13.55 7.65
N ASP A 79 -2.12 -13.88 8.93
CA ASP A 79 -3.18 -14.77 9.37
C ASP A 79 -4.53 -14.09 9.20
N ALA A 80 -4.67 -12.88 9.74
CA ALA A 80 -5.88 -12.07 9.60
C ALA A 80 -6.22 -11.84 8.13
N ILE A 81 -5.21 -11.52 7.30
CA ILE A 81 -5.35 -11.35 5.85
C ILE A 81 -5.87 -12.66 5.23
N ALA A 82 -5.34 -13.82 5.64
CA ALA A 82 -5.65 -15.11 5.04
C ALA A 82 -7.12 -15.45 5.20
N GLN A 83 -7.64 -15.30 6.43
CA GLN A 83 -9.03 -15.57 6.75
C GLN A 83 -10.01 -14.77 5.89
N ALA A 84 -9.62 -13.60 5.39
CA ALA A 84 -10.53 -12.80 4.59
C ALA A 84 -10.48 -13.18 3.09
N GLY A 85 -9.80 -14.27 2.73
CA GLY A 85 -9.75 -14.76 1.37
C GLY A 85 -8.76 -13.98 0.49
N TYR A 86 -7.64 -13.58 1.08
CA TYR A 86 -6.58 -12.85 0.38
C TYR A 86 -5.25 -13.59 0.56
N SER A 87 -4.33 -13.40 -0.39
CA SER A 87 -3.18 -14.29 -0.55
C SER A 87 -1.88 -13.56 -0.24
N ALA A 88 -1.09 -14.10 0.69
CA ALA A 88 0.23 -13.58 1.02
C ALA A 88 1.28 -14.12 0.04
N THR A 89 2.41 -13.44 -0.05
CA THR A 89 3.66 -13.91 -0.65
C THR A 89 4.71 -13.91 0.47
N LYS A 90 5.99 -13.95 0.13
CA LYS A 90 7.09 -13.74 1.07
C LYS A 90 7.15 -12.34 1.68
N GLY A 91 6.71 -11.32 0.93
CA GLY A 91 7.16 -9.94 1.17
C GLY A 91 6.14 -8.88 0.78
N LEU A 92 5.04 -9.29 0.16
CA LEU A 92 3.86 -8.46 -0.11
C LEU A 92 2.64 -9.35 -0.02
N PHE A 93 1.45 -8.78 0.13
CA PHE A 93 0.22 -9.54 0.00
C PHE A 93 -0.59 -8.87 -1.08
N ARG A 94 -1.51 -9.60 -1.72
CA ARG A 94 -2.28 -9.02 -2.81
C ARG A 94 -3.77 -9.28 -2.65
N ILE A 95 -4.54 -8.28 -3.03
CA ILE A 95 -5.99 -8.27 -2.97
C ILE A 95 -6.44 -8.44 -4.42
N PRO A 96 -7.52 -9.19 -4.72
CA PRO A 96 -8.07 -9.29 -6.07
C PRO A 96 -8.81 -7.99 -6.41
N TRP A 97 -8.88 -7.64 -7.70
CA TRP A 97 -9.69 -6.50 -8.11
C TRP A 97 -11.20 -6.71 -7.87
N ASN A 98 -11.69 -7.93 -7.71
CA ASN A 98 -13.12 -8.16 -7.49
C ASN A 98 -13.60 -7.55 -6.16
N ASP A 99 -12.74 -7.49 -5.14
CA ASP A 99 -13.16 -7.31 -3.74
C ASP A 99 -12.52 -6.04 -3.17
N PRO A 100 -13.02 -5.49 -2.05
CA PRO A 100 -12.47 -4.26 -1.49
C PRO A 100 -11.11 -4.53 -0.84
N VAL A 101 -10.36 -3.44 -0.65
CA VAL A 101 -9.08 -3.44 0.03
C VAL A 101 -9.37 -3.23 1.51
N HIS A 102 -8.78 -4.06 2.38
CA HIS A 102 -8.97 -4.06 3.82
C HIS A 102 -8.14 -2.93 4.45
N TYR A 103 -8.71 -1.72 4.56
CA TYR A 103 -8.06 -0.53 5.12
C TYR A 103 -7.78 -0.66 6.62
N GLU A 104 -8.61 -1.39 7.37
CA GLU A 104 -8.40 -1.68 8.79
C GLU A 104 -7.08 -2.45 8.98
N LEU A 105 -6.80 -3.54 8.25
CA LEU A 105 -5.53 -4.25 8.42
C LEU A 105 -4.38 -3.41 7.93
N LEU A 106 -4.56 -2.74 6.78
CA LEU A 106 -3.58 -1.83 6.22
C LEU A 106 -3.13 -0.85 7.30
N LYS A 107 -4.11 -0.23 7.98
CA LYS A 107 -3.90 0.70 9.07
C LYS A 107 -3.12 0.02 10.18
N GLN A 108 -3.63 -1.10 10.68
CA GLN A 108 -3.05 -1.76 11.85
C GLN A 108 -1.59 -2.14 11.61
N MET A 109 -1.21 -2.55 10.39
CA MET A 109 0.16 -2.93 10.11
C MET A 109 1.05 -1.76 9.69
N ILE A 110 0.55 -0.54 9.48
CA ILE A 110 1.39 0.62 9.25
C ILE A 110 1.58 1.37 10.58
N GLU A 111 0.50 1.75 11.27
CA GLU A 111 0.53 2.52 12.53
C GLU A 111 1.43 1.83 13.52
N PHE A 112 1.24 0.52 13.70
CA PHE A 112 2.03 -0.28 14.60
C PHE A 112 3.52 -0.09 14.32
N ASN A 113 3.93 -0.13 13.05
CA ASN A 113 5.33 -0.15 12.71
C ASN A 113 5.98 1.20 13.01
N ILE A 114 5.24 2.30 12.82
CA ILE A 114 5.69 3.64 13.21
C ILE A 114 5.95 3.63 14.73
N GLN A 115 4.99 3.18 15.54
CA GLN A 115 5.15 3.21 17.00
C GLN A 115 6.16 2.17 17.51
N ASP A 116 6.51 1.21 16.65
CA ASP A 116 7.51 0.17 16.92
C ASP A 116 8.93 0.69 16.69
N LYS A 117 9.08 1.52 15.66
CA LYS A 117 10.32 2.13 15.18
C LYS A 117 10.60 3.48 15.85
N GLU A 118 10.03 3.71 17.03
CA GLU A 118 10.37 4.83 17.90
C GLU A 118 11.86 4.75 18.23
#